data_1JB3
# 
_entry.id   1JB3 
# 
_audit_conform.dict_name       mmcif_pdbx.dic 
_audit_conform.dict_version    5.386 
_audit_conform.dict_location   http://mmcif.pdb.org/dictionaries/ascii/mmcif_pdbx.dic 
# 
loop_
_database_2.database_id 
_database_2.database_code 
_database_2.pdbx_database_accession 
_database_2.pdbx_DOI 
PDB   1JB3         pdb_00001jb3 10.2210/pdb1jb3/pdb 
RCSB  RCSB013574   ?            ?                   
WWPDB D_1000013574 ?            ?                   
# 
loop_
_pdbx_audit_revision_history.ordinal 
_pdbx_audit_revision_history.data_content_type 
_pdbx_audit_revision_history.major_revision 
_pdbx_audit_revision_history.minor_revision 
_pdbx_audit_revision_history.revision_date 
1 'Structure model' 1 0 2001-08-08 
2 'Structure model' 1 1 2008-04-27 
3 'Structure model' 1 2 2011-07-13 
4 'Structure model' 1 3 2024-02-07 
# 
_pdbx_audit_revision_details.ordinal             1 
_pdbx_audit_revision_details.revision_ordinal    1 
_pdbx_audit_revision_details.data_content_type   'Structure model' 
_pdbx_audit_revision_details.provider            repository 
_pdbx_audit_revision_details.type                'Initial release' 
_pdbx_audit_revision_details.description         ? 
_pdbx_audit_revision_details.details             ? 
# 
loop_
_pdbx_audit_revision_group.ordinal 
_pdbx_audit_revision_group.revision_ordinal 
_pdbx_audit_revision_group.data_content_type 
_pdbx_audit_revision_group.group 
1 2 'Structure model' 'Version format compliance' 
2 3 'Structure model' 'Version format compliance' 
3 4 'Structure model' 'Data collection'           
4 4 'Structure model' 'Database references'       
# 
loop_
_pdbx_audit_revision_category.ordinal 
_pdbx_audit_revision_category.revision_ordinal 
_pdbx_audit_revision_category.data_content_type 
_pdbx_audit_revision_category.category 
1 4 'Structure model' chem_comp_atom 
2 4 'Structure model' chem_comp_bond 
3 4 'Structure model' database_2     
# 
loop_
_pdbx_audit_revision_item.ordinal 
_pdbx_audit_revision_item.revision_ordinal 
_pdbx_audit_revision_item.data_content_type 
_pdbx_audit_revision_item.item 
1 4 'Structure model' '_database_2.pdbx_DOI'                
2 4 'Structure model' '_database_2.pdbx_database_accession' 
# 
_pdbx_database_status.status_code                     REL 
_pdbx_database_status.entry_id                        1JB3 
_pdbx_database_status.recvd_initial_deposition_date   2001-06-01 
_pdbx_database_status.deposit_site                    RCSB 
_pdbx_database_status.process_site                    RCSB 
_pdbx_database_status.status_code_sf                  REL 
_pdbx_database_status.SG_entry                        . 
_pdbx_database_status.pdb_format_compatible           Y 
_pdbx_database_status.status_code_mr                  ? 
_pdbx_database_status.status_code_cs                  ? 
_pdbx_database_status.status_code_nmr_data            ? 
_pdbx_database_status.methods_development_category    ? 
# 
_audit_author.name           'Stetefeld, J.' 
_audit_author.pdbx_ordinal   1 
# 
_citation.id                        primary 
_citation.title                     'The laminin-binding domain of agrin is structurally related to N-TIMP-1.' 
_citation.journal_abbrev            Nat.Struct.Biol. 
_citation.journal_volume            8 
_citation.page_first                705 
_citation.page_last                 709 
_citation.year                      2001 
_citation.journal_id_ASTM           NSBIEW 
_citation.country                   US 
_citation.journal_id_ISSN           1072-8368 
_citation.journal_id_CSD            2024 
_citation.book_publisher            ? 
_citation.pdbx_database_id_PubMed   11473262 
_citation.pdbx_database_id_DOI      10.1038/90422 
# 
loop_
_citation_author.citation_id 
_citation_author.name 
_citation_author.ordinal 
_citation_author.identifier_ORCID 
primary 'Stetefeld, J.'  1 ? 
primary 'Jenny, M.'      2 ? 
primary 'Schulthess, T.' 3 ? 
primary 'Landwehr, R.'   4 ? 
primary 'Schumacher, B.' 5 ? 
primary 'Frank, S.'      6 ? 
primary 'Ruegg, M.A.'    7 ? 
primary 'Engel, J.'      8 ? 
primary 'Kammerer, R.A.' 9 ? 
# 
loop_
_entity.id 
_entity.type 
_entity.src_method 
_entity.pdbx_description 
_entity.formula_weight 
_entity.pdbx_number_of_molecules 
_entity.pdbx_ec 
_entity.pdbx_mutation 
_entity.pdbx_fragment 
_entity.details 
1 polymer man Agrin 15131.321 1   ? ? 'Laminin-Binding Domain' ? 
2 water   nat water 18.015    184 ? ? ?                        ? 
# 
_entity_poly.entity_id                      1 
_entity_poly.type                           'polypeptide(L)' 
_entity_poly.nstd_linkage                   no 
_entity_poly.nstd_monomer                   no 
_entity_poly.pdbx_seq_one_letter_code       
;CPERELQRREEEANVVLTGTVEEIMNVDPVHHTYSCKVRVWRYLKGKDIVTHEILLDGGNKVVIGGFGDPLICDNQVSTG
DTRIFFVNPAPQYMWPAHRNELMLNSSLMRITLRNLEEVEHCVEEHRKLLA
;
_entity_poly.pdbx_seq_one_letter_code_can   
;CPERELQRREEEANVVLTGTVEEIMNVDPVHHTYSCKVRVWRYLKGKDIVTHEILLDGGNKVVIGGFGDPLICDNQVSTG
DTRIFFVNPAPQYMWPAHRNELMLNSSLMRITLRNLEEVEHCVEEHRKLLA
;
_entity_poly.pdbx_strand_id                 A 
_entity_poly.pdbx_target_identifier         ? 
# 
_pdbx_entity_nonpoly.entity_id   2 
_pdbx_entity_nonpoly.name        water 
_pdbx_entity_nonpoly.comp_id     HOH 
# 
loop_
_entity_poly_seq.entity_id 
_entity_poly_seq.num 
_entity_poly_seq.mon_id 
_entity_poly_seq.hetero 
1 1   CYS n 
1 2   PRO n 
1 3   GLU n 
1 4   ARG n 
1 5   GLU n 
1 6   LEU n 
1 7   GLN n 
1 8   ARG n 
1 9   ARG n 
1 10  GLU n 
1 11  GLU n 
1 12  GLU n 
1 13  ALA n 
1 14  ASN n 
1 15  VAL n 
1 16  VAL n 
1 17  LEU n 
1 18  THR n 
1 19  GLY n 
1 20  THR n 
1 21  VAL n 
1 22  GLU n 
1 23  GLU n 
1 24  ILE n 
1 25  MET n 
1 26  ASN n 
1 27  VAL n 
1 28  ASP n 
1 29  PRO n 
1 30  VAL n 
1 31  HIS n 
1 32  HIS n 
1 33  THR n 
1 34  TYR n 
1 35  SER n 
1 36  CYS n 
1 37  LYS n 
1 38  VAL n 
1 39  ARG n 
1 40  VAL n 
1 41  TRP n 
1 42  ARG n 
1 43  TYR n 
1 44  LEU n 
1 45  LYS n 
1 46  GLY n 
1 47  LYS n 
1 48  ASP n 
1 49  ILE n 
1 50  VAL n 
1 51  THR n 
1 52  HIS n 
1 53  GLU n 
1 54  ILE n 
1 55  LEU n 
1 56  LEU n 
1 57  ASP n 
1 58  GLY n 
1 59  GLY n 
1 60  ASN n 
1 61  LYS n 
1 62  VAL n 
1 63  VAL n 
1 64  ILE n 
1 65  GLY n 
1 66  GLY n 
1 67  PHE n 
1 68  GLY n 
1 69  ASP n 
1 70  PRO n 
1 71  LEU n 
1 72  ILE n 
1 73  CYS n 
1 74  ASP n 
1 75  ASN n 
1 76  GLN n 
1 77  VAL n 
1 78  SER n 
1 79  THR n 
1 80  GLY n 
1 81  ASP n 
1 82  THR n 
1 83  ARG n 
1 84  ILE n 
1 85  PHE n 
1 86  PHE n 
1 87  VAL n 
1 88  ASN n 
1 89  PRO n 
1 90  ALA n 
1 91  PRO n 
1 92  GLN n 
1 93  TYR n 
1 94  MET n 
1 95  TRP n 
1 96  PRO n 
1 97  ALA n 
1 98  HIS n 
1 99  ARG n 
1 100 ASN n 
1 101 GLU n 
1 102 LEU n 
1 103 MET n 
1 104 LEU n 
1 105 ASN n 
1 106 SER n 
1 107 SER n 
1 108 LEU n 
1 109 MET n 
1 110 ARG n 
1 111 ILE n 
1 112 THR n 
1 113 LEU n 
1 114 ARG n 
1 115 ASN n 
1 116 LEU n 
1 117 GLU n 
1 118 GLU n 
1 119 VAL n 
1 120 GLU n 
1 121 HIS n 
1 122 CYS n 
1 123 VAL n 
1 124 GLU n 
1 125 GLU n 
1 126 HIS n 
1 127 ARG n 
1 128 LYS n 
1 129 LEU n 
1 130 LEU n 
1 131 ALA n 
# 
_entity_src_gen.entity_id                          1 
_entity_src_gen.pdbx_src_id                        1 
_entity_src_gen.pdbx_alt_source_flag               sample 
_entity_src_gen.pdbx_seq_type                      ? 
_entity_src_gen.pdbx_beg_seq_num                   ? 
_entity_src_gen.pdbx_end_seq_num                   ? 
_entity_src_gen.gene_src_common_name               chicken 
_entity_src_gen.gene_src_genus                     Gallus 
_entity_src_gen.pdbx_gene_src_gene                 ? 
_entity_src_gen.gene_src_species                   ? 
_entity_src_gen.gene_src_strain                    ? 
_entity_src_gen.gene_src_tissue                    ? 
_entity_src_gen.gene_src_tissue_fraction           ? 
_entity_src_gen.gene_src_details                   ? 
_entity_src_gen.pdbx_gene_src_fragment             ? 
_entity_src_gen.pdbx_gene_src_scientific_name      'Gallus gallus' 
_entity_src_gen.pdbx_gene_src_ncbi_taxonomy_id     9031 
_entity_src_gen.pdbx_gene_src_variant              ? 
_entity_src_gen.pdbx_gene_src_cell_line            ? 
_entity_src_gen.pdbx_gene_src_atcc                 ? 
_entity_src_gen.pdbx_gene_src_organ                ? 
_entity_src_gen.pdbx_gene_src_organelle            ? 
_entity_src_gen.pdbx_gene_src_cell                 ? 
_entity_src_gen.pdbx_gene_src_cellular_location    ? 
_entity_src_gen.host_org_common_name               ? 
_entity_src_gen.pdbx_host_org_scientific_name      'Escherichia coli' 
_entity_src_gen.pdbx_host_org_ncbi_taxonomy_id     562 
_entity_src_gen.host_org_genus                     Escherichia 
_entity_src_gen.pdbx_host_org_gene                 ? 
_entity_src_gen.pdbx_host_org_organ                ? 
_entity_src_gen.host_org_species                   ? 
_entity_src_gen.pdbx_host_org_tissue               ? 
_entity_src_gen.pdbx_host_org_tissue_fraction      ? 
_entity_src_gen.pdbx_host_org_strain               ? 
_entity_src_gen.pdbx_host_org_variant              ? 
_entity_src_gen.pdbx_host_org_cell_line            ? 
_entity_src_gen.pdbx_host_org_atcc                 ? 
_entity_src_gen.pdbx_host_org_culture_collection   ? 
_entity_src_gen.pdbx_host_org_cell                 ? 
_entity_src_gen.pdbx_host_org_organelle            ? 
_entity_src_gen.pdbx_host_org_cellular_location    ? 
_entity_src_gen.pdbx_host_org_vector_type          ? 
_entity_src_gen.pdbx_host_org_vector               ? 
_entity_src_gen.host_org_details                   ? 
_entity_src_gen.expression_system_id               ? 
_entity_src_gen.plasmid_name                       ? 
_entity_src_gen.plasmid_details                    ? 
_entity_src_gen.pdbx_description                   ? 
# 
loop_
_chem_comp.id 
_chem_comp.type 
_chem_comp.mon_nstd_flag 
_chem_comp.name 
_chem_comp.pdbx_synonyms 
_chem_comp.formula 
_chem_comp.formula_weight 
ALA 'L-peptide linking' y ALANINE         ? 'C3 H7 N O2'     89.093  
ARG 'L-peptide linking' y ARGININE        ? 'C6 H15 N4 O2 1' 175.209 
ASN 'L-peptide linking' y ASPARAGINE      ? 'C4 H8 N2 O3'    132.118 
ASP 'L-peptide linking' y 'ASPARTIC ACID' ? 'C4 H7 N O4'     133.103 
CYS 'L-peptide linking' y CYSTEINE        ? 'C3 H7 N O2 S'   121.158 
GLN 'L-peptide linking' y GLUTAMINE       ? 'C5 H10 N2 O3'   146.144 
GLU 'L-peptide linking' y 'GLUTAMIC ACID' ? 'C5 H9 N O4'     147.129 
GLY 'peptide linking'   y GLYCINE         ? 'C2 H5 N O2'     75.067  
HIS 'L-peptide linking' y HISTIDINE       ? 'C6 H10 N3 O2 1' 156.162 
HOH non-polymer         . WATER           ? 'H2 O'           18.015  
ILE 'L-peptide linking' y ISOLEUCINE      ? 'C6 H13 N O2'    131.173 
LEU 'L-peptide linking' y LEUCINE         ? 'C6 H13 N O2'    131.173 
LYS 'L-peptide linking' y LYSINE          ? 'C6 H15 N2 O2 1' 147.195 
MET 'L-peptide linking' y METHIONINE      ? 'C5 H11 N O2 S'  149.211 
PHE 'L-peptide linking' y PHENYLALANINE   ? 'C9 H11 N O2'    165.189 
PRO 'L-peptide linking' y PROLINE         ? 'C5 H9 N O2'     115.130 
SER 'L-peptide linking' y SERINE          ? 'C3 H7 N O3'     105.093 
THR 'L-peptide linking' y THREONINE       ? 'C4 H9 N O3'     119.119 
TRP 'L-peptide linking' y TRYPTOPHAN      ? 'C11 H12 N2 O2'  204.225 
TYR 'L-peptide linking' y TYROSINE        ? 'C9 H11 N O3'    181.189 
VAL 'L-peptide linking' y VALINE          ? 'C5 H11 N O2'    117.146 
# 
loop_
_pdbx_poly_seq_scheme.asym_id 
_pdbx_poly_seq_scheme.entity_id 
_pdbx_poly_seq_scheme.seq_id 
_pdbx_poly_seq_scheme.mon_id 
_pdbx_poly_seq_scheme.ndb_seq_num 
_pdbx_poly_seq_scheme.pdb_seq_num 
_pdbx_poly_seq_scheme.auth_seq_num 
_pdbx_poly_seq_scheme.pdb_mon_id 
_pdbx_poly_seq_scheme.auth_mon_id 
_pdbx_poly_seq_scheme.pdb_strand_id 
_pdbx_poly_seq_scheme.pdb_ins_code 
_pdbx_poly_seq_scheme.hetero 
A 1 1   CYS 1   2   ?   ?   ?   A . n 
A 1 2   PRO 2   3   ?   ?   ?   A . n 
A 1 3   GLU 3   4   ?   ?   ?   A . n 
A 1 4   ARG 4   5   ?   ?   ?   A . n 
A 1 5   GLU 5   6   6   GLU GLU A . n 
A 1 6   LEU 6   7   7   LEU LEU A . n 
A 1 7   GLN 7   8   8   GLN GLN A . n 
A 1 8   ARG 8   9   9   ARG ARG A . n 
A 1 9   ARG 9   10  10  ARG ARG A . n 
A 1 10  GLU 10  11  11  GLU GLU A . n 
A 1 11  GLU 11  12  12  GLU GLU A . n 
A 1 12  GLU 12  13  13  GLU GLU A . n 
A 1 13  ALA 13  14  14  ALA ALA A . n 
A 1 14  ASN 14  15  15  ASN ASN A . n 
A 1 15  VAL 15  16  16  VAL VAL A . n 
A 1 16  VAL 16  17  17  VAL VAL A . n 
A 1 17  LEU 17  18  18  LEU LEU A . n 
A 1 18  THR 18  19  19  THR THR A . n 
A 1 19  GLY 19  20  20  GLY GLY A . n 
A 1 20  THR 20  21  21  THR THR A . n 
A 1 21  VAL 21  22  22  VAL VAL A . n 
A 1 22  GLU 22  23  23  GLU GLU A . n 
A 1 23  GLU 23  24  24  GLU GLU A . n 
A 1 24  ILE 24  25  25  ILE ILE A . n 
A 1 25  MET 25  26  26  MET MET A . n 
A 1 26  ASN 26  27  27  ASN ASN A . n 
A 1 27  VAL 27  28  28  VAL VAL A . n 
A 1 28  ASP 28  29  29  ASP ASP A . n 
A 1 29  PRO 29  30  30  PRO PRO A . n 
A 1 30  VAL 30  31  31  VAL VAL A . n 
A 1 31  HIS 31  32  32  HIS HIS A . n 
A 1 32  HIS 32  33  33  HIS HIS A . n 
A 1 33  THR 33  34  34  THR THR A . n 
A 1 34  TYR 34  35  35  TYR TYR A . n 
A 1 35  SER 35  36  36  SER SER A . n 
A 1 36  CYS 36  37  37  CYS CYS A . n 
A 1 37  LYS 37  38  38  LYS LYS A . n 
A 1 38  VAL 38  39  39  VAL VAL A . n 
A 1 39  ARG 39  40  40  ARG ARG A . n 
A 1 40  VAL 40  41  41  VAL VAL A . n 
A 1 41  TRP 41  42  42  TRP TRP A . n 
A 1 42  ARG 42  43  43  ARG ARG A . n 
A 1 43  TYR 43  44  44  TYR TYR A . n 
A 1 44  LEU 44  45  45  LEU LEU A . n 
A 1 45  LYS 45  46  46  LYS LYS A . n 
A 1 46  GLY 46  47  47  GLY GLY A . n 
A 1 47  LYS 47  48  48  LYS LYS A . n 
A 1 48  ASP 48  49  49  ASP ASP A . n 
A 1 49  ILE 49  50  50  ILE ILE A . n 
A 1 50  VAL 50  51  51  VAL VAL A . n 
A 1 51  THR 51  52  52  THR THR A . n 
A 1 52  HIS 52  53  53  HIS HIS A . n 
A 1 53  GLU 53  54  54  GLU GLU A . n 
A 1 54  ILE 54  55  55  ILE ILE A . n 
A 1 55  LEU 55  56  56  LEU LEU A . n 
A 1 56  LEU 56  57  57  LEU LEU A . n 
A 1 57  ASP 57  58  58  ASP ASP A . n 
A 1 58  GLY 58  59  59  GLY GLY A . n 
A 1 59  GLY 59  60  60  GLY GLY A . n 
A 1 60  ASN 60  61  61  ASN ASN A . n 
A 1 61  LYS 61  62  62  LYS LYS A . n 
A 1 62  VAL 62  63  63  VAL VAL A . n 
A 1 63  VAL 63  64  64  VAL VAL A . n 
A 1 64  ILE 64  65  65  ILE ILE A . n 
A 1 65  GLY 65  66  66  GLY GLY A . n 
A 1 66  GLY 66  67  67  GLY GLY A . n 
A 1 67  PHE 67  68  68  PHE PHE A . n 
A 1 68  GLY 68  69  69  GLY GLY A . n 
A 1 69  ASP 69  70  70  ASP ASP A . n 
A 1 70  PRO 70  71  71  PRO PRO A . n 
A 1 71  LEU 71  72  72  LEU LEU A . n 
A 1 72  ILE 72  73  73  ILE ILE A . n 
A 1 73  CYS 73  74  74  CYS CYS A . n 
A 1 74  ASP 74  75  75  ASP ASP A . n 
A 1 75  ASN 75  76  76  ASN ASN A . n 
A 1 76  GLN 76  77  77  GLN GLN A . n 
A 1 77  VAL 77  78  78  VAL VAL A . n 
A 1 78  SER 78  79  79  SER SER A . n 
A 1 79  THR 79  80  80  THR THR A . n 
A 1 80  GLY 80  81  81  GLY GLY A . n 
A 1 81  ASP 81  82  82  ASP ASP A . n 
A 1 82  THR 82  83  83  THR THR A . n 
A 1 83  ARG 83  84  84  ARG ARG A . n 
A 1 84  ILE 84  85  85  ILE ILE A . n 
A 1 85  PHE 85  86  86  PHE PHE A . n 
A 1 86  PHE 86  87  87  PHE PHE A . n 
A 1 87  VAL 87  88  88  VAL VAL A . n 
A 1 88  ASN 88  89  89  ASN ASN A . n 
A 1 89  PRO 89  90  90  PRO PRO A . n 
A 1 90  ALA 90  91  91  ALA ALA A . n 
A 1 91  PRO 91  92  92  PRO PRO A . n 
A 1 92  GLN 92  93  93  GLN GLN A . n 
A 1 93  TYR 93  94  94  TYR TYR A . n 
A 1 94  MET 94  95  95  MET MET A . n 
A 1 95  TRP 95  96  96  TRP TRP A . n 
A 1 96  PRO 96  97  97  PRO PRO A . n 
A 1 97  ALA 97  98  98  ALA ALA A . n 
A 1 98  HIS 98  99  99  HIS HIS A . n 
A 1 99  ARG 99  100 100 ARG ARG A . n 
A 1 100 ASN 100 101 101 ASN ASN A . n 
A 1 101 GLU 101 102 102 GLU GLU A . n 
A 1 102 LEU 102 103 103 LEU LEU A . n 
A 1 103 MET 103 104 104 MET MET A . n 
A 1 104 LEU 104 105 105 LEU LEU A . n 
A 1 105 ASN 105 106 106 ASN ASN A . n 
A 1 106 SER 106 107 107 SER SER A . n 
A 1 107 SER 107 108 108 SER SER A . n 
A 1 108 LEU 108 109 109 LEU LEU A . n 
A 1 109 MET 109 110 110 MET MET A . n 
A 1 110 ARG 110 111 111 ARG ARG A . n 
A 1 111 ILE 111 112 112 ILE ILE A . n 
A 1 112 THR 112 113 113 THR THR A . n 
A 1 113 LEU 113 114 114 LEU LEU A . n 
A 1 114 ARG 114 115 115 ARG ARG A . n 
A 1 115 ASN 115 116 116 ASN ASN A . n 
A 1 116 LEU 116 117 117 LEU LEU A . n 
A 1 117 GLU 117 118 118 GLU GLU A . n 
A 1 118 GLU 118 119 119 GLU GLU A . n 
A 1 119 VAL 119 120 120 VAL VAL A . n 
A 1 120 GLU 120 121 121 GLU GLU A . n 
A 1 121 HIS 121 122 122 HIS HIS A . n 
A 1 122 CYS 122 123 123 CYS CYS A . n 
A 1 123 VAL 123 124 124 VAL VAL A . n 
A 1 124 GLU 124 125 125 GLU GLU A . n 
A 1 125 GLU 125 126 126 GLU GLU A . n 
A 1 126 HIS 126 127 127 HIS HIS A . n 
A 1 127 ARG 127 128 128 ARG ARG A . n 
A 1 128 LYS 128 129 129 LYS LYS A . n 
A 1 129 LEU 129 130 130 LEU LEU A . n 
A 1 130 LEU 130 131 131 LEU LEU A . n 
A 1 131 ALA 131 132 132 ALA ALA A . n 
# 
loop_
_pdbx_nonpoly_scheme.asym_id 
_pdbx_nonpoly_scheme.entity_id 
_pdbx_nonpoly_scheme.mon_id 
_pdbx_nonpoly_scheme.ndb_seq_num 
_pdbx_nonpoly_scheme.pdb_seq_num 
_pdbx_nonpoly_scheme.auth_seq_num 
_pdbx_nonpoly_scheme.pdb_mon_id 
_pdbx_nonpoly_scheme.auth_mon_id 
_pdbx_nonpoly_scheme.pdb_strand_id 
_pdbx_nonpoly_scheme.pdb_ins_code 
B 2 HOH 1   133 1   HOH TIP A . 
B 2 HOH 2   134 2   HOH TIP A . 
B 2 HOH 3   135 3   HOH TIP A . 
B 2 HOH 4   136 4   HOH TIP A . 
B 2 HOH 5   137 5   HOH TIP A . 
B 2 HOH 6   138 6   HOH TIP A . 
B 2 HOH 7   139 7   HOH TIP A . 
B 2 HOH 8   140 8   HOH TIP A . 
B 2 HOH 9   141 9   HOH TIP A . 
B 2 HOH 10  142 10  HOH TIP A . 
B 2 HOH 11  143 11  HOH TIP A . 
B 2 HOH 12  144 12  HOH TIP A . 
B 2 HOH 13  145 13  HOH TIP A . 
B 2 HOH 14  146 14  HOH TIP A . 
B 2 HOH 15  147 15  HOH TIP A . 
B 2 HOH 16  148 16  HOH TIP A . 
B 2 HOH 17  149 17  HOH TIP A . 
B 2 HOH 18  150 18  HOH TIP A . 
B 2 HOH 19  151 19  HOH TIP A . 
B 2 HOH 20  152 20  HOH TIP A . 
B 2 HOH 21  153 21  HOH TIP A . 
B 2 HOH 22  154 22  HOH TIP A . 
B 2 HOH 23  155 23  HOH TIP A . 
B 2 HOH 24  156 24  HOH TIP A . 
B 2 HOH 25  157 25  HOH TIP A . 
B 2 HOH 26  158 26  HOH TIP A . 
B 2 HOH 27  159 27  HOH TIP A . 
B 2 HOH 28  160 28  HOH TIP A . 
B 2 HOH 29  161 29  HOH TIP A . 
B 2 HOH 30  162 30  HOH TIP A . 
B 2 HOH 31  163 31  HOH TIP A . 
B 2 HOH 32  164 32  HOH TIP A . 
B 2 HOH 33  165 33  HOH TIP A . 
B 2 HOH 34  166 34  HOH TIP A . 
B 2 HOH 35  167 35  HOH TIP A . 
B 2 HOH 36  168 36  HOH TIP A . 
B 2 HOH 37  169 37  HOH TIP A . 
B 2 HOH 38  170 38  HOH TIP A . 
B 2 HOH 39  171 39  HOH TIP A . 
B 2 HOH 40  172 40  HOH TIP A . 
B 2 HOH 41  173 41  HOH TIP A . 
B 2 HOH 42  174 42  HOH TIP A . 
B 2 HOH 43  175 43  HOH TIP A . 
B 2 HOH 44  176 44  HOH TIP A . 
B 2 HOH 45  177 45  HOH TIP A . 
B 2 HOH 46  178 46  HOH TIP A . 
B 2 HOH 47  179 47  HOH TIP A . 
B 2 HOH 48  180 48  HOH TIP A . 
B 2 HOH 49  181 49  HOH TIP A . 
B 2 HOH 50  182 50  HOH TIP A . 
B 2 HOH 51  183 51  HOH TIP A . 
B 2 HOH 52  184 52  HOH TIP A . 
B 2 HOH 53  185 53  HOH TIP A . 
B 2 HOH 54  186 54  HOH TIP A . 
B 2 HOH 55  187 55  HOH TIP A . 
B 2 HOH 56  188 56  HOH TIP A . 
B 2 HOH 57  189 57  HOH TIP A . 
B 2 HOH 58  190 58  HOH TIP A . 
B 2 HOH 59  191 59  HOH TIP A . 
B 2 HOH 60  192 60  HOH TIP A . 
B 2 HOH 61  193 61  HOH TIP A . 
B 2 HOH 62  194 62  HOH TIP A . 
B 2 HOH 63  195 63  HOH TIP A . 
B 2 HOH 64  196 64  HOH TIP A . 
B 2 HOH 65  197 65  HOH TIP A . 
B 2 HOH 66  198 66  HOH TIP A . 
B 2 HOH 67  199 67  HOH TIP A . 
B 2 HOH 68  200 68  HOH TIP A . 
B 2 HOH 69  201 69  HOH TIP A . 
B 2 HOH 70  202 70  HOH TIP A . 
B 2 HOH 71  203 71  HOH TIP A . 
B 2 HOH 72  204 72  HOH TIP A . 
B 2 HOH 73  205 73  HOH TIP A . 
B 2 HOH 74  206 74  HOH TIP A . 
B 2 HOH 75  207 75  HOH TIP A . 
B 2 HOH 76  208 76  HOH TIP A . 
B 2 HOH 77  209 77  HOH TIP A . 
B 2 HOH 78  210 78  HOH TIP A . 
B 2 HOH 79  211 79  HOH TIP A . 
B 2 HOH 80  212 80  HOH TIP A . 
B 2 HOH 81  213 81  HOH TIP A . 
B 2 HOH 82  214 82  HOH TIP A . 
B 2 HOH 83  215 83  HOH TIP A . 
B 2 HOH 84  216 84  HOH TIP A . 
B 2 HOH 85  217 85  HOH TIP A . 
B 2 HOH 86  218 86  HOH TIP A . 
B 2 HOH 87  219 87  HOH TIP A . 
B 2 HOH 88  220 88  HOH TIP A . 
B 2 HOH 89  221 89  HOH TIP A . 
B 2 HOH 90  222 90  HOH TIP A . 
B 2 HOH 91  223 91  HOH TIP A . 
B 2 HOH 92  224 92  HOH TIP A . 
B 2 HOH 93  225 93  HOH TIP A . 
B 2 HOH 94  226 94  HOH TIP A . 
B 2 HOH 95  227 95  HOH TIP A . 
B 2 HOH 96  228 96  HOH TIP A . 
B 2 HOH 97  229 97  HOH TIP A . 
B 2 HOH 98  230 98  HOH TIP A . 
B 2 HOH 99  231 99  HOH TIP A . 
B 2 HOH 100 232 100 HOH TIP A . 
B 2 HOH 101 233 101 HOH TIP A . 
B 2 HOH 102 234 102 HOH TIP A . 
B 2 HOH 103 235 103 HOH TIP A . 
B 2 HOH 104 236 105 HOH TIP A . 
B 2 HOH 105 237 106 HOH TIP A . 
B 2 HOH 106 238 107 HOH TIP A . 
B 2 HOH 107 239 108 HOH TIP A . 
B 2 HOH 108 240 109 HOH TIP A . 
B 2 HOH 109 241 110 HOH TIP A . 
B 2 HOH 110 242 111 HOH TIP A . 
B 2 HOH 111 243 112 HOH TIP A . 
B 2 HOH 112 244 113 HOH TIP A . 
B 2 HOH 113 245 114 HOH TIP A . 
B 2 HOH 114 246 115 HOH TIP A . 
B 2 HOH 115 247 116 HOH TIP A . 
B 2 HOH 116 248 117 HOH TIP A . 
B 2 HOH 117 249 118 HOH TIP A . 
B 2 HOH 118 250 119 HOH TIP A . 
B 2 HOH 119 251 120 HOH TIP A . 
B 2 HOH 120 252 121 HOH TIP A . 
B 2 HOH 121 253 122 HOH TIP A . 
B 2 HOH 122 254 123 HOH TIP A . 
B 2 HOH 123 255 124 HOH TIP A . 
B 2 HOH 124 256 125 HOH TIP A . 
B 2 HOH 125 257 126 HOH TIP A . 
B 2 HOH 126 258 127 HOH TIP A . 
B 2 HOH 127 259 128 HOH TIP A . 
B 2 HOH 128 260 129 HOH TIP A . 
B 2 HOH 129 261 130 HOH TIP A . 
B 2 HOH 130 262 131 HOH TIP A . 
B 2 HOH 131 263 133 HOH TIP A . 
B 2 HOH 132 264 134 HOH TIP A . 
B 2 HOH 133 265 136 HOH TIP A . 
B 2 HOH 134 266 137 HOH TIP A . 
B 2 HOH 135 267 139 HOH TIP A . 
B 2 HOH 136 268 140 HOH TIP A . 
B 2 HOH 137 269 141 HOH TIP A . 
B 2 HOH 138 270 142 HOH TIP A . 
B 2 HOH 139 271 143 HOH TIP A . 
B 2 HOH 140 272 144 HOH TIP A . 
B 2 HOH 141 273 145 HOH TIP A . 
B 2 HOH 142 274 146 HOH TIP A . 
B 2 HOH 143 275 147 HOH TIP A . 
B 2 HOH 144 276 148 HOH TIP A . 
B 2 HOH 145 277 149 HOH TIP A . 
B 2 HOH 146 278 150 HOH TIP A . 
B 2 HOH 147 279 151 HOH TIP A . 
B 2 HOH 148 280 152 HOH TIP A . 
B 2 HOH 149 281 153 HOH TIP A . 
B 2 HOH 150 282 154 HOH TIP A . 
B 2 HOH 151 283 155 HOH TIP A . 
B 2 HOH 152 284 156 HOH TIP A . 
B 2 HOH 153 285 157 HOH TIP A . 
B 2 HOH 154 286 158 HOH TIP A . 
B 2 HOH 155 287 159 HOH TIP A . 
B 2 HOH 156 288 160 HOH TIP A . 
B 2 HOH 157 289 162 HOH TIP A . 
B 2 HOH 158 290 163 HOH TIP A . 
B 2 HOH 159 291 165 HOH TIP A . 
B 2 HOH 160 292 167 HOH TIP A . 
B 2 HOH 161 293 169 HOH TIP A . 
B 2 HOH 162 294 171 HOH TIP A . 
B 2 HOH 163 295 172 HOH TIP A . 
B 2 HOH 164 296 173 HOH TIP A . 
B 2 HOH 165 297 174 HOH TIP A . 
B 2 HOH 166 298 175 HOH TIP A . 
B 2 HOH 167 299 176 HOH TIP A . 
B 2 HOH 168 300 179 HOH TIP A . 
B 2 HOH 169 301 180 HOH TIP A . 
B 2 HOH 170 302 181 HOH TIP A . 
B 2 HOH 171 303 182 HOH TIP A . 
B 2 HOH 172 304 184 HOH TIP A . 
B 2 HOH 173 305 185 HOH TIP A . 
B 2 HOH 174 306 186 HOH TIP A . 
B 2 HOH 175 307 190 HOH TIP A . 
B 2 HOH 176 308 191 HOH TIP A . 
B 2 HOH 177 309 192 HOH TIP A . 
B 2 HOH 178 310 193 HOH TIP A . 
B 2 HOH 179 311 194 HOH TIP A . 
B 2 HOH 180 312 195 HOH TIP A . 
B 2 HOH 181 313 196 HOH TIP A . 
B 2 HOH 182 314 197 HOH TIP A . 
B 2 HOH 183 315 198 HOH TIP A . 
B 2 HOH 184 316 199 HOH TIP A . 
# 
loop_
_software.name 
_software.classification 
_software.version 
_software.citation_id 
_software.pdbx_ordinal 
SHARP  phasing          .         ? 1 
CNS    refinement       1.0       ? 2 
MOSFLM 'data reduction' .         ? 3 
CCP4   'data scaling'   '(SCALA)' ? 4 
# 
_cell.entry_id           1JB3 
_cell.length_a           76.130 
_cell.length_b           49.460 
_cell.length_c           53.280 
_cell.angle_alpha        90.00 
_cell.angle_beta         116.40 
_cell.angle_gamma        90.00 
_cell.Z_PDB              4 
_cell.pdbx_unique_axis   ? 
# 
_symmetry.entry_id                         1JB3 
_symmetry.space_group_name_H-M             'C 1 2 1' 
_symmetry.pdbx_full_space_group_name_H-M   ? 
_symmetry.cell_setting                     ? 
_symmetry.Int_Tables_number                5 
# 
_exptl.entry_id          1JB3 
_exptl.method            'X-RAY DIFFRACTION' 
_exptl.crystals_number   1 
# 
_exptl_crystal.id                    1 
_exptl_crystal.density_meas          ? 
_exptl_crystal.density_Matthews      2.8125 
_exptl_crystal.density_percent_sol   56 
_exptl_crystal.description           ? 
# 
_exptl_crystal_grow.crystal_id      1 
_exptl_crystal_grow.method          'VAPOR DIFFUSION, HANGING DROP' 
_exptl_crystal_grow.temp            298 
_exptl_crystal_grow.temp_details    ? 
_exptl_crystal_grow.pH              5.8 
_exptl_crystal_grow.pdbx_details    'PEG4000, pH 5.8, VAPOR DIFFUSION, HANGING DROP, temperature 298K' 
_exptl_crystal_grow.pdbx_pH_range   . 
# 
_diffrn.id                     1 
_diffrn.ambient_temp           ? 
_diffrn.ambient_temp_details   ? 
_diffrn.crystal_id             1 
# 
_diffrn_detector.diffrn_id              1 
_diffrn_detector.detector               'IMAGE PLATE' 
_diffrn_detector.type                   MARRESEARCH 
_diffrn_detector.pdbx_collection_date   ? 
_diffrn_detector.details                ? 
# 
_diffrn_radiation.diffrn_id                        1 
_diffrn_radiation.wavelength_id                    1 
_diffrn_radiation.pdbx_monochromatic_or_laue_m_l   M 
_diffrn_radiation.monochromator                    ? 
_diffrn_radiation.pdbx_diffrn_protocol             'SINGLE WAVELENGTH' 
_diffrn_radiation.pdbx_scattering_type             x-ray 
# 
loop_
_diffrn_radiation_wavelength.id 
_diffrn_radiation_wavelength.wavelength 
_diffrn_radiation_wavelength.wt 
1 0.95    1.0 
2 0.97842 1.0 
3 0.97928 1.0 
4 1.2     1.0 
# 
_diffrn_source.diffrn_id                   1 
_diffrn_source.source                      SYNCHROTRON 
_diffrn_source.type                        'ESRF BEAMLINE BM14' 
_diffrn_source.pdbx_synchrotron_site       ESRF 
_diffrn_source.pdbx_synchrotron_beamline   BM14 
_diffrn_source.pdbx_wavelength             ? 
_diffrn_source.pdbx_wavelength_list        '0.95, 0.97842, 0.97928, 1.2' 
# 
_reflns.entry_id                     1JB3 
_reflns.observed_criterion_sigma_I   5 
_reflns.observed_criterion_sigma_F   ? 
_reflns.d_resolution_low             30.0 
_reflns.d_resolution_high            1.60 
_reflns.number_obs                   22609 
_reflns.number_all                   ? 
_reflns.percent_possible_obs         94.3 
_reflns.pdbx_Rmerge_I_obs            0.0580000 
_reflns.pdbx_Rsym_value              0.0600000 
_reflns.pdbx_netI_over_sigmaI        5.0 
_reflns.B_iso_Wilson_estimate        22.6 
_reflns.pdbx_redundancy              2.3 
_reflns.R_free_details               ? 
_reflns.limit_h_max                  ? 
_reflns.limit_h_min                  ? 
_reflns.limit_k_max                  ? 
_reflns.limit_k_min                  ? 
_reflns.limit_l_max                  ? 
_reflns.limit_l_min                  ? 
_reflns.observed_criterion_F_max     ? 
_reflns.observed_criterion_F_min     ? 
_reflns.pdbx_diffrn_id               1 
_reflns.pdbx_ordinal                 1 
# 
_reflns_shell.d_res_high             1.60 
_reflns_shell.d_res_low              1.66 
_reflns_shell.percent_possible_all   ? 
_reflns_shell.Rmerge_I_obs           0.2830000 
_reflns_shell.pdbx_Rsym_value        0.3250000 
_reflns_shell.meanI_over_sigI_obs    5.0 
_reflns_shell.pdbx_redundancy        ? 
_reflns_shell.percent_possible_obs   ? 
_reflns_shell.number_unique_all      ? 
_reflns_shell.pdbx_diffrn_id         ? 
_reflns_shell.pdbx_ordinal           1 
# 
_refine.entry_id                                 1JB3 
_refine.ls_number_reflns_obs                     21475 
_refine.ls_number_reflns_all                     ? 
_refine.pdbx_ls_sigma_I                          ? 
_refine.pdbx_ls_sigma_F                          ? 
_refine.pdbx_data_cutoff_high_absF               1712138.96 
_refine.pdbx_data_cutoff_low_absF                0.00 
_refine.ls_d_res_low                             8.00 
_refine.ls_d_res_high                            1.60 
_refine.ls_percent_reflns_obs                    91.9 
_refine.ls_R_factor_obs                          0.1980000 
_refine.ls_R_factor_all                          ? 
_refine.ls_R_factor_R_work                       0.1980000 
_refine.ls_R_factor_R_free                       0.2430000 
_refine.ls_R_factor_R_free_error                 0.005 
_refine.ls_R_factor_R_free_error_details         ? 
_refine.ls_percent_reflns_R_free                 9.9 
_refine.ls_number_reflns_R_free                  2135 
_refine.ls_number_parameters                     ? 
_refine.ls_number_restraints                     ? 
_refine.occupancy_min                            ? 
_refine.occupancy_max                            ? 
_refine.B_iso_mean                               26.3 
_refine.aniso_B[1][1]                            2.88 
_refine.aniso_B[2][2]                            -1.06 
_refine.aniso_B[3][3]                            -1.82 
_refine.aniso_B[1][2]                            0.00 
_refine.aniso_B[1][3]                            -3.02 
_refine.aniso_B[2][3]                            0.00 
_refine.solvent_model_details                    'FLAT MODEL' 
_refine.solvent_model_param_ksol                 0.537 
_refine.solvent_model_param_bsol                 77.00 
_refine.pdbx_ls_cross_valid_method               THROUGHOUT 
_refine.details                                  ? 
_refine.pdbx_starting_model                      ? 
_refine.pdbx_method_to_determine_struct          MAD 
_refine.pdbx_isotropic_thermal_model             RESTRAINED 
_refine.pdbx_stereochemistry_target_values       ? 
_refine.pdbx_stereochem_target_val_spec_case     ? 
_refine.pdbx_R_Free_selection_details            RANDOM 
_refine.pdbx_overall_ESU_R_Free                  ? 
_refine.overall_SU_B                             ? 
_refine.ls_redundancy_reflns_obs                 ? 
_refine.B_iso_min                                ? 
_refine.B_iso_max                                ? 
_refine.correlation_coeff_Fo_to_Fc               ? 
_refine.correlation_coeff_Fo_to_Fc_free          ? 
_refine.overall_SU_R_Cruickshank_DPI             ? 
_refine.overall_SU_R_free                        ? 
_refine.overall_SU_ML                            ? 
_refine.pdbx_overall_ESU_R                       ? 
_refine.pdbx_data_cutoff_high_rms_absF           ? 
_refine.pdbx_refine_id                           'X-RAY DIFFRACTION' 
_refine.pdbx_diffrn_id                           1 
_refine.pdbx_TLS_residual_ADP_flag               ? 
_refine.pdbx_solvent_vdw_probe_radii             ? 
_refine.pdbx_solvent_ion_probe_radii             ? 
_refine.pdbx_solvent_shrinkage_radii             ? 
_refine.pdbx_overall_phase_error                 ? 
_refine.pdbx_overall_SU_R_free_Cruickshank_DPI   ? 
_refine.pdbx_overall_SU_R_Blow_DPI               ? 
_refine.pdbx_overall_SU_R_free_Blow_DPI          ? 
# 
_refine_analyze.entry_id                        1JB3 
_refine_analyze.Luzzati_coordinate_error_obs    0.22 
_refine_analyze.Luzzati_sigma_a_obs             0.19 
_refine_analyze.Luzzati_d_res_low_obs           5.00 
_refine_analyze.Luzzati_coordinate_error_free   0.24 
_refine_analyze.Luzzati_sigma_a_free            0.20 
_refine_analyze.Luzzati_d_res_low_free          ? 
_refine_analyze.number_disordered_residues      ? 
_refine_analyze.occupancy_sum_hydrogen          ? 
_refine_analyze.occupancy_sum_non_hydrogen      ? 
_refine_analyze.pdbx_Luzzati_d_res_high_obs     ? 
_refine_analyze.pdbx_refine_id                  'X-RAY DIFFRACTION' 
# 
_refine_hist.pdbx_refine_id                   'X-RAY DIFFRACTION' 
_refine_hist.cycle_id                         LAST 
_refine_hist.pdbx_number_atoms_protein        1026 
_refine_hist.pdbx_number_atoms_nucleic_acid   0 
_refine_hist.pdbx_number_atoms_ligand         0 
_refine_hist.number_atoms_solvent             184 
_refine_hist.number_atoms_total               1210 
_refine_hist.d_res_high                       1.60 
_refine_hist.d_res_low                        8.00 
# 
loop_
_refine_ls_restr.type 
_refine_ls_restr.dev_ideal 
_refine_ls_restr.dev_ideal_target 
_refine_ls_restr.weight 
_refine_ls_restr.number 
_refine_ls_restr.pdbx_refine_id 
_refine_ls_restr.pdbx_restraint_function 
c_bond_d                0.006 ? ? ? 'X-RAY DIFFRACTION' ? 
c_bond_d_na             ?     ? ? ? 'X-RAY DIFFRACTION' ? 
c_bond_d_prot           ?     ? ? ? 'X-RAY DIFFRACTION' ? 
c_angle_d               ?     ? ? ? 'X-RAY DIFFRACTION' ? 
c_angle_d_na            ?     ? ? ? 'X-RAY DIFFRACTION' ? 
c_angle_d_prot          ?     ? ? ? 'X-RAY DIFFRACTION' ? 
c_angle_deg             1.4   ? ? ? 'X-RAY DIFFRACTION' ? 
c_angle_deg_na          ?     ? ? ? 'X-RAY DIFFRACTION' ? 
c_angle_deg_prot        ?     ? ? ? 'X-RAY DIFFRACTION' ? 
c_dihedral_angle_d      23.6  ? ? ? 'X-RAY DIFFRACTION' ? 
c_dihedral_angle_d_na   ?     ? ? ? 'X-RAY DIFFRACTION' ? 
c_dihedral_angle_d_prot ?     ? ? ? 'X-RAY DIFFRACTION' ? 
c_improper_angle_d      0.76  ? ? ? 'X-RAY DIFFRACTION' ? 
c_improper_angle_d_na   ?     ? ? ? 'X-RAY DIFFRACTION' ? 
c_improper_angle_d_prot ?     ? ? ? 'X-RAY DIFFRACTION' ? 
c_mcbond_it             ?     ? ? ? 'X-RAY DIFFRACTION' ? 
c_mcangle_it            ?     ? ? ? 'X-RAY DIFFRACTION' ? 
c_scbond_it             ?     ? ? ? 'X-RAY DIFFRACTION' ? 
c_scangle_it            ?     ? ? ? 'X-RAY DIFFRACTION' ? 
# 
_refine_ls_shell.pdbx_total_number_of_bins_used   6 
_refine_ls_shell.d_res_high                       1.60 
_refine_ls_shell.d_res_low                        1.70 
_refine_ls_shell.number_reflns_R_work             3027 
_refine_ls_shell.R_factor_R_work                  0.2850000 
_refine_ls_shell.percent_reflns_obs               86.3 
_refine_ls_shell.R_factor_R_free                  0.3090000 
_refine_ls_shell.R_factor_R_free_error            0.017 
_refine_ls_shell.percent_reflns_R_free            9.9 
_refine_ls_shell.number_reflns_R_free             333 
_refine_ls_shell.number_reflns_obs                ? 
_refine_ls_shell.redundancy_reflns_obs            ? 
_refine_ls_shell.number_reflns_all                ? 
_refine_ls_shell.pdbx_refine_id                   'X-RAY DIFFRACTION' 
_refine_ls_shell.R_factor_all                     ? 
# 
loop_
_pdbx_xplor_file.serial_no 
_pdbx_xplor_file.param_file 
_pdbx_xplor_file.topol_file 
_pdbx_xplor_file.pdbx_refine_id 
1 PROTEIN_REP.PARAM PROTEIN.TOP 'X-RAY DIFFRACTION' 
2 WATER_REP.PARAM   ION.TOP     'X-RAY DIFFRACTION' 
4 ION.PARAM         ?           'X-RAY DIFFRACTION' 
# 
_struct.entry_id                  1JB3 
_struct.title                     'The Laminin-Binding Domain of Agrin is structurally related to N-TIMP-1' 
_struct.pdbx_model_details        ? 
_struct.pdbx_CASP_flag            ? 
_struct.pdbx_model_type_details   ? 
# 
_struct_keywords.entry_id        1JB3 
_struct_keywords.pdbx_keywords   'CELL ADHESION' 
_struct_keywords.text            
'neuromuscular junction, agrin, interaction coiled-doil proteins with globular proteins, OB-fold, TIMP, cell adhesion' 
# 
loop_
_struct_asym.id 
_struct_asym.pdbx_blank_PDB_chainid_flag 
_struct_asym.pdbx_modified 
_struct_asym.entity_id 
_struct_asym.details 
A N N 1 ? 
B N N 2 ? 
# 
_struct_ref.id                         1 
_struct_ref.db_name                    UNP 
_struct_ref.db_code                    Q90685_CHICK 
_struct_ref.entity_id                  1 
_struct_ref.pdbx_seq_one_letter_code   
;CPERELQRREEEANVVLTGTVEEIMNVDPVHHTYSCKVRVWRYLKGKDIVTHEILLDGGNKVVIGGFGDPLICDNQVSTG
DTRIFFVNPAPQYMWPAHRNELMLNSSLMRITLRNLEEVEHCVEEHRKLLA
;
_struct_ref.pdbx_align_begin           26 
_struct_ref.pdbx_db_accession          Q90685 
_struct_ref.pdbx_db_isoform            ? 
# 
_struct_ref_seq.align_id                      1 
_struct_ref_seq.ref_id                        1 
_struct_ref_seq.pdbx_PDB_id_code              1JB3 
_struct_ref_seq.pdbx_strand_id                A 
_struct_ref_seq.seq_align_beg                 1 
_struct_ref_seq.pdbx_seq_align_beg_ins_code   ? 
_struct_ref_seq.seq_align_end                 131 
_struct_ref_seq.pdbx_seq_align_end_ins_code   ? 
_struct_ref_seq.pdbx_db_accession             Q90685 
_struct_ref_seq.db_align_beg                  26 
_struct_ref_seq.pdbx_db_align_beg_ins_code    ? 
_struct_ref_seq.db_align_end                  156 
_struct_ref_seq.pdbx_db_align_end_ins_code    ? 
_struct_ref_seq.pdbx_auth_seq_align_beg       2 
_struct_ref_seq.pdbx_auth_seq_align_end       132 
# 
_pdbx_struct_assembly.id                   1 
_pdbx_struct_assembly.details              author_defined_assembly 
_pdbx_struct_assembly.method_details       ? 
_pdbx_struct_assembly.oligomeric_details   monomeric 
_pdbx_struct_assembly.oligomeric_count     1 
# 
_pdbx_struct_assembly_gen.assembly_id       1 
_pdbx_struct_assembly_gen.oper_expression   1 
_pdbx_struct_assembly_gen.asym_id_list      A,B 
# 
_pdbx_struct_oper_list.id                   1 
_pdbx_struct_oper_list.type                 'identity operation' 
_pdbx_struct_oper_list.name                 1_555 
_pdbx_struct_oper_list.symmetry_operation   x,y,z 
_pdbx_struct_oper_list.matrix[1][1]         1.0000000000 
_pdbx_struct_oper_list.matrix[1][2]         0.0000000000 
_pdbx_struct_oper_list.matrix[1][3]         0.0000000000 
_pdbx_struct_oper_list.vector[1]            0.0000000000 
_pdbx_struct_oper_list.matrix[2][1]         0.0000000000 
_pdbx_struct_oper_list.matrix[2][2]         1.0000000000 
_pdbx_struct_oper_list.matrix[2][3]         0.0000000000 
_pdbx_struct_oper_list.vector[2]            0.0000000000 
_pdbx_struct_oper_list.matrix[3][1]         0.0000000000 
_pdbx_struct_oper_list.matrix[3][2]         0.0000000000 
_pdbx_struct_oper_list.matrix[3][3]         1.0000000000 
_pdbx_struct_oper_list.vector[3]            0.0000000000 
# 
_struct_biol.id                    1 
_struct_biol.pdbx_parent_biol_id   ? 
_struct_biol.details               ? 
# 
loop_
_struct_conf.conf_type_id 
_struct_conf.id 
_struct_conf.pdbx_PDB_helix_id 
_struct_conf.beg_label_comp_id 
_struct_conf.beg_label_asym_id 
_struct_conf.beg_label_seq_id 
_struct_conf.pdbx_beg_PDB_ins_code 
_struct_conf.end_label_comp_id 
_struct_conf.end_label_asym_id 
_struct_conf.end_label_seq_id 
_struct_conf.pdbx_end_PDB_ins_code 
_struct_conf.beg_auth_comp_id 
_struct_conf.beg_auth_asym_id 
_struct_conf.beg_auth_seq_id 
_struct_conf.end_auth_comp_id 
_struct_conf.end_auth_asym_id 
_struct_conf.end_auth_seq_id 
_struct_conf.pdbx_PDB_helix_class 
_struct_conf.details 
_struct_conf.pdbx_PDB_helix_length 
HELX_P HELX_P1 1 GLU A 5   ? GLU A 12  ? GLU A 6   GLU A 13  1 ? 8  
HELX_P HELX_P2 2 GLY A 46  ? ILE A 54  ? GLY A 47  ILE A 55  1 ? 9  
HELX_P HELX_P3 3 PRO A 91  ? TRP A 95  ? PRO A 92  TRP A 96  5 ? 5  
HELX_P HELX_P4 4 THR A 112 ? LYS A 128 ? THR A 113 LYS A 129 1 ? 17 
# 
_struct_conf_type.id          HELX_P 
_struct_conf_type.criteria    ? 
_struct_conf_type.reference   ? 
# 
_struct_mon_prot_cis.pdbx_id                1 
_struct_mon_prot_cis.label_comp_id          TRP 
_struct_mon_prot_cis.label_seq_id           95 
_struct_mon_prot_cis.label_asym_id          A 
_struct_mon_prot_cis.label_alt_id           . 
_struct_mon_prot_cis.pdbx_PDB_ins_code      ? 
_struct_mon_prot_cis.auth_comp_id           TRP 
_struct_mon_prot_cis.auth_seq_id            96 
_struct_mon_prot_cis.auth_asym_id           A 
_struct_mon_prot_cis.pdbx_label_comp_id_2   PRO 
_struct_mon_prot_cis.pdbx_label_seq_id_2    96 
_struct_mon_prot_cis.pdbx_label_asym_id_2   A 
_struct_mon_prot_cis.pdbx_PDB_ins_code_2    ? 
_struct_mon_prot_cis.pdbx_auth_comp_id_2    PRO 
_struct_mon_prot_cis.pdbx_auth_seq_id_2     97 
_struct_mon_prot_cis.pdbx_auth_asym_id_2    A 
_struct_mon_prot_cis.pdbx_PDB_model_num     1 
_struct_mon_prot_cis.pdbx_omega_angle       0.36 
# 
_struct_sheet.id               A 
_struct_sheet.type             ? 
_struct_sheet.number_strands   6 
_struct_sheet.details          ? 
# 
loop_
_struct_sheet_order.sheet_id 
_struct_sheet_order.range_id_1 
_struct_sheet_order.range_id_2 
_struct_sheet_order.offset 
_struct_sheet_order.sense 
A 1 2 ? anti-parallel 
A 2 3 ? anti-parallel 
A 3 4 ? parallel      
A 4 5 ? anti-parallel 
A 5 6 ? anti-parallel 
# 
loop_
_struct_sheet_range.sheet_id 
_struct_sheet_range.id 
_struct_sheet_range.beg_label_comp_id 
_struct_sheet_range.beg_label_asym_id 
_struct_sheet_range.beg_label_seq_id 
_struct_sheet_range.pdbx_beg_PDB_ins_code 
_struct_sheet_range.end_label_comp_id 
_struct_sheet_range.end_label_asym_id 
_struct_sheet_range.end_label_seq_id 
_struct_sheet_range.pdbx_end_PDB_ins_code 
_struct_sheet_range.beg_auth_comp_id 
_struct_sheet_range.beg_auth_asym_id 
_struct_sheet_range.beg_auth_seq_id 
_struct_sheet_range.end_auth_comp_id 
_struct_sheet_range.end_auth_asym_id 
_struct_sheet_range.end_auth_seq_id 
A 1 VAL A 15  ? ASP A 28  ? VAL A 16  ASP A 29  
A 2 THR A 33  ? LYS A 45  ? THR A 34  LYS A 46  
A 3 LYS A 61  ? PHE A 67  ? LYS A 62  PHE A 68  
A 4 GLU A 101 ? LEU A 104 ? GLU A 102 LEU A 105 
A 5 THR A 82  ? PRO A 89  ? THR A 83  PRO A 90  
A 6 VAL A 15  ? ASP A 28  ? VAL A 16  ASP A 29  
# 
loop_
_pdbx_struct_sheet_hbond.sheet_id 
_pdbx_struct_sheet_hbond.range_id_1 
_pdbx_struct_sheet_hbond.range_id_2 
_pdbx_struct_sheet_hbond.range_1_label_atom_id 
_pdbx_struct_sheet_hbond.range_1_label_comp_id 
_pdbx_struct_sheet_hbond.range_1_label_asym_id 
_pdbx_struct_sheet_hbond.range_1_label_seq_id 
_pdbx_struct_sheet_hbond.range_1_PDB_ins_code 
_pdbx_struct_sheet_hbond.range_1_auth_atom_id 
_pdbx_struct_sheet_hbond.range_1_auth_comp_id 
_pdbx_struct_sheet_hbond.range_1_auth_asym_id 
_pdbx_struct_sheet_hbond.range_1_auth_seq_id 
_pdbx_struct_sheet_hbond.range_2_label_atom_id 
_pdbx_struct_sheet_hbond.range_2_label_comp_id 
_pdbx_struct_sheet_hbond.range_2_label_asym_id 
_pdbx_struct_sheet_hbond.range_2_label_seq_id 
_pdbx_struct_sheet_hbond.range_2_PDB_ins_code 
_pdbx_struct_sheet_hbond.range_2_auth_atom_id 
_pdbx_struct_sheet_hbond.range_2_auth_comp_id 
_pdbx_struct_sheet_hbond.range_2_auth_asym_id 
_pdbx_struct_sheet_hbond.range_2_auth_seq_id 
A 1 2 N ASP A 28  ? N ASP A 29  O THR A 33  ? O THR A 34  
A 2 3 N VAL A 38  ? N VAL A 39  O VAL A 62  ? O VAL A 63  
A 3 4 N GLY A 65  ? N GLY A 66  O LEU A 102 ? O LEU A 103 
A 4 5 N MET A 103 ? N MET A 104 O ASN A 88  ? O ASN A 89  
A 5 6 N VAL A 87  ? N VAL A 88  O VAL A 15  ? O VAL A 16  
# 
loop_
_pdbx_validate_torsion.id 
_pdbx_validate_torsion.PDB_model_num 
_pdbx_validate_torsion.auth_comp_id 
_pdbx_validate_torsion.auth_asym_id 
_pdbx_validate_torsion.auth_seq_id 
_pdbx_validate_torsion.PDB_ins_code 
_pdbx_validate_torsion.label_alt_id 
_pdbx_validate_torsion.phi 
_pdbx_validate_torsion.psi 
1 1 MET A 26  ? ? -94.39 -156.89 
2 1 TRP A 42  ? ? -97.31 -73.97  
3 1 CYS A 74  ? ? -48.14 -77.99  
4 1 LYS A 129 ? ? -65.43 85.53   
# 
loop_
_pdbx_unobs_or_zero_occ_residues.id 
_pdbx_unobs_or_zero_occ_residues.PDB_model_num 
_pdbx_unobs_or_zero_occ_residues.polymer_flag 
_pdbx_unobs_or_zero_occ_residues.occupancy_flag 
_pdbx_unobs_or_zero_occ_residues.auth_asym_id 
_pdbx_unobs_or_zero_occ_residues.auth_comp_id 
_pdbx_unobs_or_zero_occ_residues.auth_seq_id 
_pdbx_unobs_or_zero_occ_residues.PDB_ins_code 
_pdbx_unobs_or_zero_occ_residues.label_asym_id 
_pdbx_unobs_or_zero_occ_residues.label_comp_id 
_pdbx_unobs_or_zero_occ_residues.label_seq_id 
1 1 Y 1 A CYS 2 ? A CYS 1 
2 1 Y 1 A PRO 3 ? A PRO 2 
3 1 Y 1 A GLU 4 ? A GLU 3 
4 1 Y 1 A ARG 5 ? A ARG 4 
# 
loop_
_chem_comp_atom.comp_id 
_chem_comp_atom.atom_id 
_chem_comp_atom.type_symbol 
_chem_comp_atom.pdbx_aromatic_flag 
_chem_comp_atom.pdbx_stereo_config 
_chem_comp_atom.pdbx_ordinal 
ALA N    N N N 1   
ALA CA   C N S 2   
ALA C    C N N 3   
ALA O    O N N 4   
ALA CB   C N N 5   
ALA OXT  O N N 6   
ALA H    H N N 7   
ALA H2   H N N 8   
ALA HA   H N N 9   
ALA HB1  H N N 10  
ALA HB2  H N N 11  
ALA HB3  H N N 12  
ALA HXT  H N N 13  
ARG N    N N N 14  
ARG CA   C N S 15  
ARG C    C N N 16  
ARG O    O N N 17  
ARG CB   C N N 18  
ARG CG   C N N 19  
ARG CD   C N N 20  
ARG NE   N N N 21  
ARG CZ   C N N 22  
ARG NH1  N N N 23  
ARG NH2  N N N 24  
ARG OXT  O N N 25  
ARG H    H N N 26  
ARG H2   H N N 27  
ARG HA   H N N 28  
ARG HB2  H N N 29  
ARG HB3  H N N 30  
ARG HG2  H N N 31  
ARG HG3  H N N 32  
ARG HD2  H N N 33  
ARG HD3  H N N 34  
ARG HE   H N N 35  
ARG HH11 H N N 36  
ARG HH12 H N N 37  
ARG HH21 H N N 38  
ARG HH22 H N N 39  
ARG HXT  H N N 40  
ASN N    N N N 41  
ASN CA   C N S 42  
ASN C    C N N 43  
ASN O    O N N 44  
ASN CB   C N N 45  
ASN CG   C N N 46  
ASN OD1  O N N 47  
ASN ND2  N N N 48  
ASN OXT  O N N 49  
ASN H    H N N 50  
ASN H2   H N N 51  
ASN HA   H N N 52  
ASN HB2  H N N 53  
ASN HB3  H N N 54  
ASN HD21 H N N 55  
ASN HD22 H N N 56  
ASN HXT  H N N 57  
ASP N    N N N 58  
ASP CA   C N S 59  
ASP C    C N N 60  
ASP O    O N N 61  
ASP CB   C N N 62  
ASP CG   C N N 63  
ASP OD1  O N N 64  
ASP OD2  O N N 65  
ASP OXT  O N N 66  
ASP H    H N N 67  
ASP H2   H N N 68  
ASP HA   H N N 69  
ASP HB2  H N N 70  
ASP HB3  H N N 71  
ASP HD2  H N N 72  
ASP HXT  H N N 73  
CYS N    N N N 74  
CYS CA   C N R 75  
CYS C    C N N 76  
CYS O    O N N 77  
CYS CB   C N N 78  
CYS SG   S N N 79  
CYS OXT  O N N 80  
CYS H    H N N 81  
CYS H2   H N N 82  
CYS HA   H N N 83  
CYS HB2  H N N 84  
CYS HB3  H N N 85  
CYS HG   H N N 86  
CYS HXT  H N N 87  
GLN N    N N N 88  
GLN CA   C N S 89  
GLN C    C N N 90  
GLN O    O N N 91  
GLN CB   C N N 92  
GLN CG   C N N 93  
GLN CD   C N N 94  
GLN OE1  O N N 95  
GLN NE2  N N N 96  
GLN OXT  O N N 97  
GLN H    H N N 98  
GLN H2   H N N 99  
GLN HA   H N N 100 
GLN HB2  H N N 101 
GLN HB3  H N N 102 
GLN HG2  H N N 103 
GLN HG3  H N N 104 
GLN HE21 H N N 105 
GLN HE22 H N N 106 
GLN HXT  H N N 107 
GLU N    N N N 108 
GLU CA   C N S 109 
GLU C    C N N 110 
GLU O    O N N 111 
GLU CB   C N N 112 
GLU CG   C N N 113 
GLU CD   C N N 114 
GLU OE1  O N N 115 
GLU OE2  O N N 116 
GLU OXT  O N N 117 
GLU H    H N N 118 
GLU H2   H N N 119 
GLU HA   H N N 120 
GLU HB2  H N N 121 
GLU HB3  H N N 122 
GLU HG2  H N N 123 
GLU HG3  H N N 124 
GLU HE2  H N N 125 
GLU HXT  H N N 126 
GLY N    N N N 127 
GLY CA   C N N 128 
GLY C    C N N 129 
GLY O    O N N 130 
GLY OXT  O N N 131 
GLY H    H N N 132 
GLY H2   H N N 133 
GLY HA2  H N N 134 
GLY HA3  H N N 135 
GLY HXT  H N N 136 
HIS N    N N N 137 
HIS CA   C N S 138 
HIS C    C N N 139 
HIS O    O N N 140 
HIS CB   C N N 141 
HIS CG   C Y N 142 
HIS ND1  N Y N 143 
HIS CD2  C Y N 144 
HIS CE1  C Y N 145 
HIS NE2  N Y N 146 
HIS OXT  O N N 147 
HIS H    H N N 148 
HIS H2   H N N 149 
HIS HA   H N N 150 
HIS HB2  H N N 151 
HIS HB3  H N N 152 
HIS HD1  H N N 153 
HIS HD2  H N N 154 
HIS HE1  H N N 155 
HIS HE2  H N N 156 
HIS HXT  H N N 157 
HOH O    O N N 158 
HOH H1   H N N 159 
HOH H2   H N N 160 
ILE N    N N N 161 
ILE CA   C N S 162 
ILE C    C N N 163 
ILE O    O N N 164 
ILE CB   C N S 165 
ILE CG1  C N N 166 
ILE CG2  C N N 167 
ILE CD1  C N N 168 
ILE OXT  O N N 169 
ILE H    H N N 170 
ILE H2   H N N 171 
ILE HA   H N N 172 
ILE HB   H N N 173 
ILE HG12 H N N 174 
ILE HG13 H N N 175 
ILE HG21 H N N 176 
ILE HG22 H N N 177 
ILE HG23 H N N 178 
ILE HD11 H N N 179 
ILE HD12 H N N 180 
ILE HD13 H N N 181 
ILE HXT  H N N 182 
LEU N    N N N 183 
LEU CA   C N S 184 
LEU C    C N N 185 
LEU O    O N N 186 
LEU CB   C N N 187 
LEU CG   C N N 188 
LEU CD1  C N N 189 
LEU CD2  C N N 190 
LEU OXT  O N N 191 
LEU H    H N N 192 
LEU H2   H N N 193 
LEU HA   H N N 194 
LEU HB2  H N N 195 
LEU HB3  H N N 196 
LEU HG   H N N 197 
LEU HD11 H N N 198 
LEU HD12 H N N 199 
LEU HD13 H N N 200 
LEU HD21 H N N 201 
LEU HD22 H N N 202 
LEU HD23 H N N 203 
LEU HXT  H N N 204 
LYS N    N N N 205 
LYS CA   C N S 206 
LYS C    C N N 207 
LYS O    O N N 208 
LYS CB   C N N 209 
LYS CG   C N N 210 
LYS CD   C N N 211 
LYS CE   C N N 212 
LYS NZ   N N N 213 
LYS OXT  O N N 214 
LYS H    H N N 215 
LYS H2   H N N 216 
LYS HA   H N N 217 
LYS HB2  H N N 218 
LYS HB3  H N N 219 
LYS HG2  H N N 220 
LYS HG3  H N N 221 
LYS HD2  H N N 222 
LYS HD3  H N N 223 
LYS HE2  H N N 224 
LYS HE3  H N N 225 
LYS HZ1  H N N 226 
LYS HZ2  H N N 227 
LYS HZ3  H N N 228 
LYS HXT  H N N 229 
MET N    N N N 230 
MET CA   C N S 231 
MET C    C N N 232 
MET O    O N N 233 
MET CB   C N N 234 
MET CG   C N N 235 
MET SD   S N N 236 
MET CE   C N N 237 
MET OXT  O N N 238 
MET H    H N N 239 
MET H2   H N N 240 
MET HA   H N N 241 
MET HB2  H N N 242 
MET HB3  H N N 243 
MET HG2  H N N 244 
MET HG3  H N N 245 
MET HE1  H N N 246 
MET HE2  H N N 247 
MET HE3  H N N 248 
MET HXT  H N N 249 
PHE N    N N N 250 
PHE CA   C N S 251 
PHE C    C N N 252 
PHE O    O N N 253 
PHE CB   C N N 254 
PHE CG   C Y N 255 
PHE CD1  C Y N 256 
PHE CD2  C Y N 257 
PHE CE1  C Y N 258 
PHE CE2  C Y N 259 
PHE CZ   C Y N 260 
PHE OXT  O N N 261 
PHE H    H N N 262 
PHE H2   H N N 263 
PHE HA   H N N 264 
PHE HB2  H N N 265 
PHE HB3  H N N 266 
PHE HD1  H N N 267 
PHE HD2  H N N 268 
PHE HE1  H N N 269 
PHE HE2  H N N 270 
PHE HZ   H N N 271 
PHE HXT  H N N 272 
PRO N    N N N 273 
PRO CA   C N S 274 
PRO C    C N N 275 
PRO O    O N N 276 
PRO CB   C N N 277 
PRO CG   C N N 278 
PRO CD   C N N 279 
PRO OXT  O N N 280 
PRO H    H N N 281 
PRO HA   H N N 282 
PRO HB2  H N N 283 
PRO HB3  H N N 284 
PRO HG2  H N N 285 
PRO HG3  H N N 286 
PRO HD2  H N N 287 
PRO HD3  H N N 288 
PRO HXT  H N N 289 
SER N    N N N 290 
SER CA   C N S 291 
SER C    C N N 292 
SER O    O N N 293 
SER CB   C N N 294 
SER OG   O N N 295 
SER OXT  O N N 296 
SER H    H N N 297 
SER H2   H N N 298 
SER HA   H N N 299 
SER HB2  H N N 300 
SER HB3  H N N 301 
SER HG   H N N 302 
SER HXT  H N N 303 
THR N    N N N 304 
THR CA   C N S 305 
THR C    C N N 306 
THR O    O N N 307 
THR CB   C N R 308 
THR OG1  O N N 309 
THR CG2  C N N 310 
THR OXT  O N N 311 
THR H    H N N 312 
THR H2   H N N 313 
THR HA   H N N 314 
THR HB   H N N 315 
THR HG1  H N N 316 
THR HG21 H N N 317 
THR HG22 H N N 318 
THR HG23 H N N 319 
THR HXT  H N N 320 
TRP N    N N N 321 
TRP CA   C N S 322 
TRP C    C N N 323 
TRP O    O N N 324 
TRP CB   C N N 325 
TRP CG   C Y N 326 
TRP CD1  C Y N 327 
TRP CD2  C Y N 328 
TRP NE1  N Y N 329 
TRP CE2  C Y N 330 
TRP CE3  C Y N 331 
TRP CZ2  C Y N 332 
TRP CZ3  C Y N 333 
TRP CH2  C Y N 334 
TRP OXT  O N N 335 
TRP H    H N N 336 
TRP H2   H N N 337 
TRP HA   H N N 338 
TRP HB2  H N N 339 
TRP HB3  H N N 340 
TRP HD1  H N N 341 
TRP HE1  H N N 342 
TRP HE3  H N N 343 
TRP HZ2  H N N 344 
TRP HZ3  H N N 345 
TRP HH2  H N N 346 
TRP HXT  H N N 347 
TYR N    N N N 348 
TYR CA   C N S 349 
TYR C    C N N 350 
TYR O    O N N 351 
TYR CB   C N N 352 
TYR CG   C Y N 353 
TYR CD1  C Y N 354 
TYR CD2  C Y N 355 
TYR CE1  C Y N 356 
TYR CE2  C Y N 357 
TYR CZ   C Y N 358 
TYR OH   O N N 359 
TYR OXT  O N N 360 
TYR H    H N N 361 
TYR H2   H N N 362 
TYR HA   H N N 363 
TYR HB2  H N N 364 
TYR HB3  H N N 365 
TYR HD1  H N N 366 
TYR HD2  H N N 367 
TYR HE1  H N N 368 
TYR HE2  H N N 369 
TYR HH   H N N 370 
TYR HXT  H N N 371 
VAL N    N N N 372 
VAL CA   C N S 373 
VAL C    C N N 374 
VAL O    O N N 375 
VAL CB   C N N 376 
VAL CG1  C N N 377 
VAL CG2  C N N 378 
VAL OXT  O N N 379 
VAL H    H N N 380 
VAL H2   H N N 381 
VAL HA   H N N 382 
VAL HB   H N N 383 
VAL HG11 H N N 384 
VAL HG12 H N N 385 
VAL HG13 H N N 386 
VAL HG21 H N N 387 
VAL HG22 H N N 388 
VAL HG23 H N N 389 
VAL HXT  H N N 390 
# 
loop_
_chem_comp_bond.comp_id 
_chem_comp_bond.atom_id_1 
_chem_comp_bond.atom_id_2 
_chem_comp_bond.value_order 
_chem_comp_bond.pdbx_aromatic_flag 
_chem_comp_bond.pdbx_stereo_config 
_chem_comp_bond.pdbx_ordinal 
ALA N   CA   sing N N 1   
ALA N   H    sing N N 2   
ALA N   H2   sing N N 3   
ALA CA  C    sing N N 4   
ALA CA  CB   sing N N 5   
ALA CA  HA   sing N N 6   
ALA C   O    doub N N 7   
ALA C   OXT  sing N N 8   
ALA CB  HB1  sing N N 9   
ALA CB  HB2  sing N N 10  
ALA CB  HB3  sing N N 11  
ALA OXT HXT  sing N N 12  
ARG N   CA   sing N N 13  
ARG N   H    sing N N 14  
ARG N   H2   sing N N 15  
ARG CA  C    sing N N 16  
ARG CA  CB   sing N N 17  
ARG CA  HA   sing N N 18  
ARG C   O    doub N N 19  
ARG C   OXT  sing N N 20  
ARG CB  CG   sing N N 21  
ARG CB  HB2  sing N N 22  
ARG CB  HB3  sing N N 23  
ARG CG  CD   sing N N 24  
ARG CG  HG2  sing N N 25  
ARG CG  HG3  sing N N 26  
ARG CD  NE   sing N N 27  
ARG CD  HD2  sing N N 28  
ARG CD  HD3  sing N N 29  
ARG NE  CZ   sing N N 30  
ARG NE  HE   sing N N 31  
ARG CZ  NH1  sing N N 32  
ARG CZ  NH2  doub N N 33  
ARG NH1 HH11 sing N N 34  
ARG NH1 HH12 sing N N 35  
ARG NH2 HH21 sing N N 36  
ARG NH2 HH22 sing N N 37  
ARG OXT HXT  sing N N 38  
ASN N   CA   sing N N 39  
ASN N   H    sing N N 40  
ASN N   H2   sing N N 41  
ASN CA  C    sing N N 42  
ASN CA  CB   sing N N 43  
ASN CA  HA   sing N N 44  
ASN C   O    doub N N 45  
ASN C   OXT  sing N N 46  
ASN CB  CG   sing N N 47  
ASN CB  HB2  sing N N 48  
ASN CB  HB3  sing N N 49  
ASN CG  OD1  doub N N 50  
ASN CG  ND2  sing N N 51  
ASN ND2 HD21 sing N N 52  
ASN ND2 HD22 sing N N 53  
ASN OXT HXT  sing N N 54  
ASP N   CA   sing N N 55  
ASP N   H    sing N N 56  
ASP N   H2   sing N N 57  
ASP CA  C    sing N N 58  
ASP CA  CB   sing N N 59  
ASP CA  HA   sing N N 60  
ASP C   O    doub N N 61  
ASP C   OXT  sing N N 62  
ASP CB  CG   sing N N 63  
ASP CB  HB2  sing N N 64  
ASP CB  HB3  sing N N 65  
ASP CG  OD1  doub N N 66  
ASP CG  OD2  sing N N 67  
ASP OD2 HD2  sing N N 68  
ASP OXT HXT  sing N N 69  
CYS N   CA   sing N N 70  
CYS N   H    sing N N 71  
CYS N   H2   sing N N 72  
CYS CA  C    sing N N 73  
CYS CA  CB   sing N N 74  
CYS CA  HA   sing N N 75  
CYS C   O    doub N N 76  
CYS C   OXT  sing N N 77  
CYS CB  SG   sing N N 78  
CYS CB  HB2  sing N N 79  
CYS CB  HB3  sing N N 80  
CYS SG  HG   sing N N 81  
CYS OXT HXT  sing N N 82  
GLN N   CA   sing N N 83  
GLN N   H    sing N N 84  
GLN N   H2   sing N N 85  
GLN CA  C    sing N N 86  
GLN CA  CB   sing N N 87  
GLN CA  HA   sing N N 88  
GLN C   O    doub N N 89  
GLN C   OXT  sing N N 90  
GLN CB  CG   sing N N 91  
GLN CB  HB2  sing N N 92  
GLN CB  HB3  sing N N 93  
GLN CG  CD   sing N N 94  
GLN CG  HG2  sing N N 95  
GLN CG  HG3  sing N N 96  
GLN CD  OE1  doub N N 97  
GLN CD  NE2  sing N N 98  
GLN NE2 HE21 sing N N 99  
GLN NE2 HE22 sing N N 100 
GLN OXT HXT  sing N N 101 
GLU N   CA   sing N N 102 
GLU N   H    sing N N 103 
GLU N   H2   sing N N 104 
GLU CA  C    sing N N 105 
GLU CA  CB   sing N N 106 
GLU CA  HA   sing N N 107 
GLU C   O    doub N N 108 
GLU C   OXT  sing N N 109 
GLU CB  CG   sing N N 110 
GLU CB  HB2  sing N N 111 
GLU CB  HB3  sing N N 112 
GLU CG  CD   sing N N 113 
GLU CG  HG2  sing N N 114 
GLU CG  HG3  sing N N 115 
GLU CD  OE1  doub N N 116 
GLU CD  OE2  sing N N 117 
GLU OE2 HE2  sing N N 118 
GLU OXT HXT  sing N N 119 
GLY N   CA   sing N N 120 
GLY N   H    sing N N 121 
GLY N   H2   sing N N 122 
GLY CA  C    sing N N 123 
GLY CA  HA2  sing N N 124 
GLY CA  HA3  sing N N 125 
GLY C   O    doub N N 126 
GLY C   OXT  sing N N 127 
GLY OXT HXT  sing N N 128 
HIS N   CA   sing N N 129 
HIS N   H    sing N N 130 
HIS N   H2   sing N N 131 
HIS CA  C    sing N N 132 
HIS CA  CB   sing N N 133 
HIS CA  HA   sing N N 134 
HIS C   O    doub N N 135 
HIS C   OXT  sing N N 136 
HIS CB  CG   sing N N 137 
HIS CB  HB2  sing N N 138 
HIS CB  HB3  sing N N 139 
HIS CG  ND1  sing Y N 140 
HIS CG  CD2  doub Y N 141 
HIS ND1 CE1  doub Y N 142 
HIS ND1 HD1  sing N N 143 
HIS CD2 NE2  sing Y N 144 
HIS CD2 HD2  sing N N 145 
HIS CE1 NE2  sing Y N 146 
HIS CE1 HE1  sing N N 147 
HIS NE2 HE2  sing N N 148 
HIS OXT HXT  sing N N 149 
HOH O   H1   sing N N 150 
HOH O   H2   sing N N 151 
ILE N   CA   sing N N 152 
ILE N   H    sing N N 153 
ILE N   H2   sing N N 154 
ILE CA  C    sing N N 155 
ILE CA  CB   sing N N 156 
ILE CA  HA   sing N N 157 
ILE C   O    doub N N 158 
ILE C   OXT  sing N N 159 
ILE CB  CG1  sing N N 160 
ILE CB  CG2  sing N N 161 
ILE CB  HB   sing N N 162 
ILE CG1 CD1  sing N N 163 
ILE CG1 HG12 sing N N 164 
ILE CG1 HG13 sing N N 165 
ILE CG2 HG21 sing N N 166 
ILE CG2 HG22 sing N N 167 
ILE CG2 HG23 sing N N 168 
ILE CD1 HD11 sing N N 169 
ILE CD1 HD12 sing N N 170 
ILE CD1 HD13 sing N N 171 
ILE OXT HXT  sing N N 172 
LEU N   CA   sing N N 173 
LEU N   H    sing N N 174 
LEU N   H2   sing N N 175 
LEU CA  C    sing N N 176 
LEU CA  CB   sing N N 177 
LEU CA  HA   sing N N 178 
LEU C   O    doub N N 179 
LEU C   OXT  sing N N 180 
LEU CB  CG   sing N N 181 
LEU CB  HB2  sing N N 182 
LEU CB  HB3  sing N N 183 
LEU CG  CD1  sing N N 184 
LEU CG  CD2  sing N N 185 
LEU CG  HG   sing N N 186 
LEU CD1 HD11 sing N N 187 
LEU CD1 HD12 sing N N 188 
LEU CD1 HD13 sing N N 189 
LEU CD2 HD21 sing N N 190 
LEU CD2 HD22 sing N N 191 
LEU CD2 HD23 sing N N 192 
LEU OXT HXT  sing N N 193 
LYS N   CA   sing N N 194 
LYS N   H    sing N N 195 
LYS N   H2   sing N N 196 
LYS CA  C    sing N N 197 
LYS CA  CB   sing N N 198 
LYS CA  HA   sing N N 199 
LYS C   O    doub N N 200 
LYS C   OXT  sing N N 201 
LYS CB  CG   sing N N 202 
LYS CB  HB2  sing N N 203 
LYS CB  HB3  sing N N 204 
LYS CG  CD   sing N N 205 
LYS CG  HG2  sing N N 206 
LYS CG  HG3  sing N N 207 
LYS CD  CE   sing N N 208 
LYS CD  HD2  sing N N 209 
LYS CD  HD3  sing N N 210 
LYS CE  NZ   sing N N 211 
LYS CE  HE2  sing N N 212 
LYS CE  HE3  sing N N 213 
LYS NZ  HZ1  sing N N 214 
LYS NZ  HZ2  sing N N 215 
LYS NZ  HZ3  sing N N 216 
LYS OXT HXT  sing N N 217 
MET N   CA   sing N N 218 
MET N   H    sing N N 219 
MET N   H2   sing N N 220 
MET CA  C    sing N N 221 
MET CA  CB   sing N N 222 
MET CA  HA   sing N N 223 
MET C   O    doub N N 224 
MET C   OXT  sing N N 225 
MET CB  CG   sing N N 226 
MET CB  HB2  sing N N 227 
MET CB  HB3  sing N N 228 
MET CG  SD   sing N N 229 
MET CG  HG2  sing N N 230 
MET CG  HG3  sing N N 231 
MET SD  CE   sing N N 232 
MET CE  HE1  sing N N 233 
MET CE  HE2  sing N N 234 
MET CE  HE3  sing N N 235 
MET OXT HXT  sing N N 236 
PHE N   CA   sing N N 237 
PHE N   H    sing N N 238 
PHE N   H2   sing N N 239 
PHE CA  C    sing N N 240 
PHE CA  CB   sing N N 241 
PHE CA  HA   sing N N 242 
PHE C   O    doub N N 243 
PHE C   OXT  sing N N 244 
PHE CB  CG   sing N N 245 
PHE CB  HB2  sing N N 246 
PHE CB  HB3  sing N N 247 
PHE CG  CD1  doub Y N 248 
PHE CG  CD2  sing Y N 249 
PHE CD1 CE1  sing Y N 250 
PHE CD1 HD1  sing N N 251 
PHE CD2 CE2  doub Y N 252 
PHE CD2 HD2  sing N N 253 
PHE CE1 CZ   doub Y N 254 
PHE CE1 HE1  sing N N 255 
PHE CE2 CZ   sing Y N 256 
PHE CE2 HE2  sing N N 257 
PHE CZ  HZ   sing N N 258 
PHE OXT HXT  sing N N 259 
PRO N   CA   sing N N 260 
PRO N   CD   sing N N 261 
PRO N   H    sing N N 262 
PRO CA  C    sing N N 263 
PRO CA  CB   sing N N 264 
PRO CA  HA   sing N N 265 
PRO C   O    doub N N 266 
PRO C   OXT  sing N N 267 
PRO CB  CG   sing N N 268 
PRO CB  HB2  sing N N 269 
PRO CB  HB3  sing N N 270 
PRO CG  CD   sing N N 271 
PRO CG  HG2  sing N N 272 
PRO CG  HG3  sing N N 273 
PRO CD  HD2  sing N N 274 
PRO CD  HD3  sing N N 275 
PRO OXT HXT  sing N N 276 
SER N   CA   sing N N 277 
SER N   H    sing N N 278 
SER N   H2   sing N N 279 
SER CA  C    sing N N 280 
SER CA  CB   sing N N 281 
SER CA  HA   sing N N 282 
SER C   O    doub N N 283 
SER C   OXT  sing N N 284 
SER CB  OG   sing N N 285 
SER CB  HB2  sing N N 286 
SER CB  HB3  sing N N 287 
SER OG  HG   sing N N 288 
SER OXT HXT  sing N N 289 
THR N   CA   sing N N 290 
THR N   H    sing N N 291 
THR N   H2   sing N N 292 
THR CA  C    sing N N 293 
THR CA  CB   sing N N 294 
THR CA  HA   sing N N 295 
THR C   O    doub N N 296 
THR C   OXT  sing N N 297 
THR CB  OG1  sing N N 298 
THR CB  CG2  sing N N 299 
THR CB  HB   sing N N 300 
THR OG1 HG1  sing N N 301 
THR CG2 HG21 sing N N 302 
THR CG2 HG22 sing N N 303 
THR CG2 HG23 sing N N 304 
THR OXT HXT  sing N N 305 
TRP N   CA   sing N N 306 
TRP N   H    sing N N 307 
TRP N   H2   sing N N 308 
TRP CA  C    sing N N 309 
TRP CA  CB   sing N N 310 
TRP CA  HA   sing N N 311 
TRP C   O    doub N N 312 
TRP C   OXT  sing N N 313 
TRP CB  CG   sing N N 314 
TRP CB  HB2  sing N N 315 
TRP CB  HB3  sing N N 316 
TRP CG  CD1  doub Y N 317 
TRP CG  CD2  sing Y N 318 
TRP CD1 NE1  sing Y N 319 
TRP CD1 HD1  sing N N 320 
TRP CD2 CE2  doub Y N 321 
TRP CD2 CE3  sing Y N 322 
TRP NE1 CE2  sing Y N 323 
TRP NE1 HE1  sing N N 324 
TRP CE2 CZ2  sing Y N 325 
TRP CE3 CZ3  doub Y N 326 
TRP CE3 HE3  sing N N 327 
TRP CZ2 CH2  doub Y N 328 
TRP CZ2 HZ2  sing N N 329 
TRP CZ3 CH2  sing Y N 330 
TRP CZ3 HZ3  sing N N 331 
TRP CH2 HH2  sing N N 332 
TRP OXT HXT  sing N N 333 
TYR N   CA   sing N N 334 
TYR N   H    sing N N 335 
TYR N   H2   sing N N 336 
TYR CA  C    sing N N 337 
TYR CA  CB   sing N N 338 
TYR CA  HA   sing N N 339 
TYR C   O    doub N N 340 
TYR C   OXT  sing N N 341 
TYR CB  CG   sing N N 342 
TYR CB  HB2  sing N N 343 
TYR CB  HB3  sing N N 344 
TYR CG  CD1  doub Y N 345 
TYR CG  CD2  sing Y N 346 
TYR CD1 CE1  sing Y N 347 
TYR CD1 HD1  sing N N 348 
TYR CD2 CE2  doub Y N 349 
TYR CD2 HD2  sing N N 350 
TYR CE1 CZ   doub Y N 351 
TYR CE1 HE1  sing N N 352 
TYR CE2 CZ   sing Y N 353 
TYR CE2 HE2  sing N N 354 
TYR CZ  OH   sing N N 355 
TYR OH  HH   sing N N 356 
TYR OXT HXT  sing N N 357 
VAL N   CA   sing N N 358 
VAL N   H    sing N N 359 
VAL N   H2   sing N N 360 
VAL CA  C    sing N N 361 
VAL CA  CB   sing N N 362 
VAL CA  HA   sing N N 363 
VAL C   O    doub N N 364 
VAL C   OXT  sing N N 365 
VAL CB  CG1  sing N N 366 
VAL CB  CG2  sing N N 367 
VAL CB  HB   sing N N 368 
VAL CG1 HG11 sing N N 369 
VAL CG1 HG12 sing N N 370 
VAL CG1 HG13 sing N N 371 
VAL CG2 HG21 sing N N 372 
VAL CG2 HG22 sing N N 373 
VAL CG2 HG23 sing N N 374 
VAL OXT HXT  sing N N 375 
# 
_atom_sites.entry_id                    1JB3 
_atom_sites.fract_transf_matrix[1][1]   -0.01045567 
_atom_sites.fract_transf_matrix[1][2]   0.00616591 
_atom_sites.fract_transf_matrix[1][3]   -0.00822795 
_atom_sites.fract_transf_matrix[2][1]   -0.01404743 
_atom_sites.fract_transf_matrix[2][2]   -0.01074046 
_atom_sites.fract_transf_matrix[2][3]   0.00980203 
_atom_sites.fract_transf_matrix[3][1]   -0.00841113 
_atom_sites.fract_transf_matrix[3][2]   0.01772233 
_atom_sites.fract_transf_matrix[3][3]   0.00736493 
_atom_sites.fract_transf_vector[1]      0.412796 
_atom_sites.fract_transf_vector[2]      0.510279 
_atom_sites.fract_transf_vector[3]      0.172254 
# 
loop_
_atom_type.symbol 
C 
N 
O 
S 
# 
loop_
_atom_site.group_PDB 
_atom_site.id 
_atom_site.type_symbol 
_atom_site.label_atom_id 
_atom_site.label_alt_id 
_atom_site.label_comp_id 
_atom_site.label_asym_id 
_atom_site.label_entity_id 
_atom_site.label_seq_id 
_atom_site.pdbx_PDB_ins_code 
_atom_site.Cartn_x 
_atom_site.Cartn_y 
_atom_site.Cartn_z 
_atom_site.occupancy 
_atom_site.B_iso_or_equiv 
_atom_site.pdbx_formal_charge 
_atom_site.auth_seq_id 
_atom_site.auth_comp_id 
_atom_site.auth_asym_id 
_atom_site.auth_atom_id 
_atom_site.pdbx_PDB_model_num 
ATOM   1    N N   . GLU A 1 5   ? -6.246  4.613   -14.679 1.00 31.75 ? 6   GLU A N   1 
ATOM   2    C CA  . GLU A 1 5   ? -7.008  5.656   -13.930 1.00 31.90 ? 6   GLU A CA  1 
ATOM   3    C C   . GLU A 1 5   ? -7.277  5.278   -12.481 1.00 30.58 ? 6   GLU A C   1 
ATOM   4    O O   . GLU A 1 5   ? -7.189  4.112   -12.098 1.00 30.35 ? 6   GLU A O   1 
ATOM   5    C CB  . GLU A 1 5   ? -8.335  5.958   -14.626 1.00 33.51 ? 6   GLU A CB  1 
ATOM   6    C CG  . GLU A 1 5   ? -8.259  7.114   -15.606 1.00 36.51 ? 6   GLU A CG  1 
ATOM   7    C CD  . GLU A 1 5   ? -9.615  7.494   -16.165 1.00 38.07 ? 6   GLU A CD  1 
ATOM   8    O OE1 . GLU A 1 5   ? -10.530 7.778   -15.363 1.00 39.79 ? 6   GLU A OE1 1 
ATOM   9    O OE2 . GLU A 1 5   ? -9.762  7.514   -17.404 1.00 39.17 ? 6   GLU A OE2 1 
ATOM   10   N N   . LEU A 1 6   ? -7.625  6.283   -11.685 1.00 29.18 ? 7   LEU A N   1 
ATOM   11   C CA  . LEU A 1 6   ? -7.888  6.088   -10.266 1.00 27.70 ? 7   LEU A CA  1 
ATOM   12   C C   . LEU A 1 6   ? -8.895  4.978   -9.999  1.00 26.98 ? 7   LEU A C   1 
ATOM   13   O O   . LEU A 1 6   ? -8.695  4.144   -9.115  1.00 26.01 ? 7   LEU A O   1 
ATOM   14   C CB  . LEU A 1 6   ? -8.379  7.399   -9.645  1.00 27.40 ? 7   LEU A CB  1 
ATOM   15   C CG  . LEU A 1 6   ? -8.563  7.397   -8.126  1.00 27.56 ? 7   LEU A CG  1 
ATOM   16   C CD1 . LEU A 1 6   ? -7.285  6.901   -7.453  1.00 27.51 ? 7   LEU A CD1 1 
ATOM   17   C CD2 . LEU A 1 6   ? -8.905  8.796   -7.657  1.00 28.06 ? 7   LEU A CD2 1 
ATOM   18   N N   . GLN A 1 7   ? -9.981  4.955   -10.762 1.00 26.03 ? 8   GLN A N   1 
ATOM   19   C CA  . GLN A 1 7   ? -10.988 3.927   -10.555 1.00 25.18 ? 8   GLN A CA  1 
ATOM   20   C C   . GLN A 1 7   ? -10.404 2.520   -10.669 1.00 24.52 ? 8   GLN A C   1 
ATOM   21   O O   . GLN A 1 7   ? -10.741 1.633   -9.885  1.00 23.70 ? 8   GLN A O   1 
ATOM   22   C CB  . GLN A 1 7   ? -12.135 4.083   -11.553 1.00 26.41 ? 8   GLN A CB  1 
ATOM   23   C CG  . GLN A 1 7   ? -13.321 3.204   -11.220 1.00 27.32 ? 8   GLN A CG  1 
ATOM   24   C CD  . GLN A 1 7   ? -14.471 3.386   -12.179 1.00 28.11 ? 8   GLN A CD  1 
ATOM   25   O OE1 . GLN A 1 7   ? -15.592 2.949   -11.909 1.00 29.73 ? 8   GLN A OE1 1 
ATOM   26   N NE2 . GLN A 1 7   ? -14.204 4.024   -13.312 1.00 28.41 ? 8   GLN A NE2 1 
ATOM   27   N N   . ARG A 1 8   ? -9.527  2.313   -11.646 1.00 23.82 ? 9   ARG A N   1 
ATOM   28   C CA  . ARG A 1 8   ? -8.921  1.002   -11.827 1.00 23.20 ? 9   ARG A CA  1 
ATOM   29   C C   . ARG A 1 8   ? -7.935  0.724   -10.697 1.00 22.59 ? 9   ARG A C   1 
ATOM   30   O O   . ARG A 1 8   ? -7.890  -0.383  -10.157 1.00 22.31 ? 9   ARG A O   1 
ATOM   31   C CB  . ARG A 1 8   ? -8.209  0.927   -13.180 1.00 23.74 ? 9   ARG A CB  1 
ATOM   32   C CG  . ARG A 1 8   ? -7.572  -0.428  -13.467 1.00 25.19 ? 9   ARG A CG  1 
ATOM   33   C CD  . ARG A 1 8   ? -7.337  -0.609  -14.956 1.00 25.96 ? 9   ARG A CD  1 
ATOM   34   N NE  . ARG A 1 8   ? -6.576  -1.817  -15.253 1.00 26.97 ? 9   ARG A NE  1 
ATOM   35   C CZ  . ARG A 1 8   ? -6.352  -2.269  -16.482 1.00 28.06 ? 9   ARG A CZ  1 
ATOM   36   N NH1 . ARG A 1 8   ? -5.643  -3.375  -16.663 1.00 28.16 ? 9   ARG A NH1 1 
ATOM   37   N NH2 . ARG A 1 8   ? -6.850  -1.621  -17.531 1.00 28.30 ? 9   ARG A NH2 1 
ATOM   38   N N   . ARG A 1 9   ? -7.147  1.733   -10.345 1.00 22.30 ? 10  ARG A N   1 
ATOM   39   C CA  . ARG A 1 9   ? -6.171  1.581   -9.274  1.00 22.37 ? 10  ARG A CA  1 
ATOM   40   C C   . ARG A 1 9   ? -6.882  1.211   -7.981  1.00 21.85 ? 10  ARG A C   1 
ATOM   41   O O   . ARG A 1 9   ? -6.457  0.302   -7.266  1.00 21.72 ? 10  ARG A O   1 
ATOM   42   C CB  . ARG A 1 9   ? -5.376  2.876   -9.093  1.00 22.99 ? 10  ARG A CB  1 
ATOM   43   C CG  . ARG A 1 9   ? -4.447  3.189   -10.261 1.00 24.65 ? 10  ARG A CG  1 
ATOM   44   C CD  . ARG A 1 9   ? -3.872  4.594   -10.156 1.00 26.51 ? 10  ARG A CD  1 
ATOM   45   N NE  . ARG A 1 9   ? -3.074  4.774   -8.945  1.00 29.36 ? 10  ARG A NE  1 
ATOM   46   C CZ  . ARG A 1 9   ? -2.470  5.910   -8.610  1.00 30.54 ? 10  ARG A CZ  1 
ATOM   47   N NH1 . ARG A 1 9   ? -1.765  5.983   -7.490  1.00 32.13 ? 10  ARG A NH1 1 
ATOM   48   N NH2 . ARG A 1 9   ? -2.567  6.974   -9.394  1.00 31.67 ? 10  ARG A NH2 1 
ATOM   49   N N   . GLU A 1 10  ? -7.967  1.917   -7.676  1.00 21.76 ? 11  GLU A N   1 
ATOM   50   C CA  . GLU A 1 10  ? -8.724  1.628   -6.465  1.00 21.52 ? 11  GLU A CA  1 
ATOM   51   C C   . GLU A 1 10  ? -9.334  0.234   -6.528  1.00 21.80 ? 11  GLU A C   1 
ATOM   52   O O   . GLU A 1 10  ? -9.353  -0.490  -5.533  1.00 21.33 ? 11  GLU A O   1 
ATOM   53   C CB  . GLU A 1 10  ? -9.832  2.669   -6.255  1.00 21.42 ? 11  GLU A CB  1 
ATOM   54   C CG  . GLU A 1 10  ? -10.626 2.469   -4.963  1.00 21.79 ? 11  GLU A CG  1 
ATOM   55   C CD  . GLU A 1 10  ? -11.698 1.384   -5.059  1.00 22.13 ? 11  GLU A CD  1 
ATOM   56   O OE1 . GLU A 1 10  ? -12.033 0.782   -4.020  1.00 21.85 ? 11  GLU A OE1 1 
ATOM   57   O OE2 . GLU A 1 10  ? -12.221 1.142   -6.166  1.00 24.63 ? 11  GLU A OE2 1 
ATOM   58   N N   . GLU A 1 11  ? -9.834  -0.144  -7.702  1.00 21.84 ? 12  GLU A N   1 
ATOM   59   C CA  . GLU A 1 11  ? -10.446 -1.458  -7.882  1.00 22.69 ? 12  GLU A CA  1 
ATOM   60   C C   . GLU A 1 11  ? -9.441  -2.596  -7.728  1.00 21.57 ? 12  GLU A C   1 
ATOM   61   O O   . GLU A 1 11  ? -9.769  -3.657  -7.198  1.00 21.64 ? 12  GLU A O   1 
ATOM   62   C CB  . GLU A 1 11  ? -11.097 -1.556  -9.267  1.00 24.89 ? 12  GLU A CB  1 
ATOM   63   C CG  . GLU A 1 11  ? -12.340 -0.696  -9.447  1.00 28.07 ? 12  GLU A CG  1 
ATOM   64   C CD  . GLU A 1 11  ? -13.599 -1.357  -8.917  1.00 30.23 ? 12  GLU A CD  1 
ATOM   65   O OE1 . GLU A 1 11  ? -13.528 -1.999  -7.851  1.00 31.81 ? 12  GLU A OE1 1 
ATOM   66   O OE2 . GLU A 1 11  ? -14.663 -1.222  -9.563  1.00 31.43 ? 12  GLU A OE2 1 
ATOM   67   N N   . GLU A 1 12  ? -8.211  -2.366  -8.174  1.00 21.05 ? 13  GLU A N   1 
ATOM   68   C CA  . GLU A 1 12  ? -7.177  -3.400  -8.122  1.00 20.60 ? 13  GLU A CA  1 
ATOM   69   C C   . GLU A 1 12  ? -6.341  -3.434  -6.847  1.00 20.04 ? 13  GLU A C   1 
ATOM   70   O O   . GLU A 1 12  ? -5.428  -4.251  -6.724  1.00 20.23 ? 13  GLU A O   1 
ATOM   71   C CB  . GLU A 1 12  ? -6.277  -3.265  -9.348  1.00 21.26 ? 13  GLU A CB  1 
ATOM   72   C CG  . GLU A 1 12  ? -7.057  -3.488  -10.642 1.00 22.85 ? 13  GLU A CG  1 
ATOM   73   C CD  . GLU A 1 12  ? -6.197  -3.418  -11.890 1.00 23.99 ? 13  GLU A CD  1 
ATOM   74   O OE1 . GLU A 1 12  ? -6.749  -3.627  -12.994 1.00 24.61 ? 13  GLU A OE1 1 
ATOM   75   O OE2 . GLU A 1 12  ? -4.982  -3.154  -11.775 1.00 24.12 ? 13  GLU A OE2 1 
ATOM   76   N N   . ALA A 1 13  ? -6.667  -2.552  -5.909  1.00 19.32 ? 14  ALA A N   1 
ATOM   77   C CA  . ALA A 1 13  ? -5.977  -2.479  -4.623  1.00 18.83 ? 14  ALA A CA  1 
ATOM   78   C C   . ALA A 1 13  ? -7.006  -2.755  -3.531  1.00 18.35 ? 14  ALA A C   1 
ATOM   79   O O   . ALA A 1 13  ? -7.888  -1.935  -3.282  1.00 18.53 ? 14  ALA A O   1 
ATOM   80   C CB  . ALA A 1 13  ? -5.370  -1.090  -4.428  1.00 19.01 ? 14  ALA A CB  1 
ATOM   81   N N   . ASN A 1 14  ? -6.897  -3.905  -2.876  1.00 17.48 ? 15  ASN A N   1 
ATOM   82   C CA  . ASN A 1 14  ? -7.843  -4.245  -1.825  1.00 16.96 ? 15  ASN A CA  1 
ATOM   83   C C   . ASN A 1 14  ? -7.548  -3.466  -0.553  1.00 16.01 ? 15  ASN A C   1 
ATOM   84   O O   . ASN A 1 14  ? -8.376  -3.386  0.359   1.00 16.27 ? 15  ASN A O   1 
ATOM   85   C CB  . ASN A 1 14  ? -7.814  -5.753  -1.575  1.00 18.54 ? 15  ASN A CB  1 
ATOM   86   C CG  . ASN A 1 14  ? -8.358  -6.536  -2.753  1.00 20.41 ? 15  ASN A CG  1 
ATOM   87   O OD1 . ASN A 1 14  ? -9.483  -6.302  -3.192  1.00 22.19 ? 15  ASN A OD1 1 
ATOM   88   N ND2 . ASN A 1 14  ? -7.563  -7.465  -3.276  1.00 22.80 ? 15  ASN A ND2 1 
ATOM   89   N N   . VAL A 1 15  ? -6.354  -2.888  -0.502  1.00 14.92 ? 16  VAL A N   1 
ATOM   90   C CA  . VAL A 1 15  ? -5.955  -2.092  0.641   1.00 14.33 ? 16  VAL A CA  1 
ATOM   91   C C   . VAL A 1 15  ? -5.363  -0.761  0.185   1.00 14.08 ? 16  VAL A C   1 
ATOM   92   O O   . VAL A 1 15  ? -4.500  -0.727  -0.689  1.00 13.82 ? 16  VAL A O   1 
ATOM   93   C CB  . VAL A 1 15  ? -4.900  -2.815  1.490   1.00 14.52 ? 16  VAL A CB  1 
ATOM   94   C CG1 . VAL A 1 15  ? -4.398  -1.901  2.578   1.00 14.77 ? 16  VAL A CG1 1 
ATOM   95   C CG2 . VAL A 1 15  ? -5.493  -4.080  2.083   1.00 14.60 ? 16  VAL A CG2 1 
ATOM   96   N N   . VAL A 1 16  ? -5.848  0.327   0.771   1.00 13.85 ? 17  VAL A N   1 
ATOM   97   C CA  . VAL A 1 16  ? -5.322  1.656   0.471   1.00 13.66 ? 17  VAL A CA  1 
ATOM   98   C C   . VAL A 1 16  ? -5.102  2.332   1.809   1.00 13.94 ? 17  VAL A C   1 
ATOM   99   O O   . VAL A 1 16  ? -6.013  2.414   2.629   1.00 14.54 ? 17  VAL A O   1 
ATOM   100  C CB  . VAL A 1 16  ? -6.296  2.516   -0.363  1.00 13.79 ? 17  VAL A CB  1 
ATOM   101  C CG1 . VAL A 1 16  ? -5.652  3.860   -0.669  1.00 13.95 ? 17  VAL A CG1 1 
ATOM   102  C CG2 . VAL A 1 16  ? -6.655  1.798   -1.647  1.00 14.56 ? 17  VAL A CG2 1 
ATOM   103  N N   . LEU A 1 17  ? -3.887  2.812   2.041   1.00 13.97 ? 18  LEU A N   1 
ATOM   104  C CA  . LEU A 1 17  ? -3.600  3.444   3.307   1.00 14.40 ? 18  LEU A CA  1 
ATOM   105  C C   . LEU A 1 17  ? -2.666  4.626   3.158   1.00 14.34 ? 18  LEU A C   1 
ATOM   106  O O   . LEU A 1 17  ? -2.028  4.810   2.119   1.00 14.23 ? 18  LEU A O   1 
ATOM   107  C CB  . LEU A 1 17  ? -2.999  2.409   4.272   1.00 15.10 ? 18  LEU A CB  1 
ATOM   108  C CG  . LEU A 1 17  ? -1.666  1.755   3.883   1.00 16.27 ? 18  LEU A CG  1 
ATOM   109  C CD1 . LEU A 1 17  ? -0.507  2.666   4.273   1.00 15.86 ? 18  LEU A CD1 1 
ATOM   110  C CD2 . LEU A 1 17  ? -1.531  0.413   4.593   1.00 16.54 ? 18  LEU A CD2 1 
ATOM   111  N N   . THR A 1 18  ? -2.601  5.432   4.206   1.00 14.15 ? 19  THR A N   1 
ATOM   112  C CA  . THR A 1 18  ? -1.722  6.579   4.215   1.00 14.48 ? 19  THR A CA  1 
ATOM   113  C C   . THR A 1 18  ? -0.696  6.315   5.297   1.00 14.18 ? 19  THR A C   1 
ATOM   114  O O   . THR A 1 18  ? -1.002  5.678   6.298   1.00 14.62 ? 19  THR A O   1 
ATOM   115  C CB  . THR A 1 18  ? -2.479  7.872   4.551   1.00 16.25 ? 19  THR A CB  1 
ATOM   116  O OG1 . THR A 1 18  ? -1.551  8.960   4.605   1.00 22.06 ? 19  THR A OG1 1 
ATOM   117  C CG2 . THR A 1 18  ? -3.191  7.750   5.871   1.00 12.94 ? 19  THR A CG2 1 
ATOM   118  N N   . GLY A 1 19  ? 0.528   6.777   5.085   1.00 13.56 ? 20  GLY A N   1 
ATOM   119  C CA  . GLY A 1 19  ? 1.540   6.568   6.099   1.00 14.04 ? 20  GLY A CA  1 
ATOM   120  C C   . GLY A 1 19  ? 2.848   7.212   5.736   1.00 14.32 ? 20  GLY A C   1 
ATOM   121  O O   . GLY A 1 19  ? 2.997   7.796   4.667   1.00 13.70 ? 20  GLY A O   1 
ATOM   122  N N   . THR A 1 20  ? 3.808   7.146   6.646   1.00 15.38 ? 21  THR A N   1 
ATOM   123  C CA  . THR A 1 20  ? 5.093   7.714   6.326   1.00 16.94 ? 21  THR A CA  1 
ATOM   124  C C   . THR A 1 20  ? 6.152   6.633   6.455   1.00 17.22 ? 21  THR A C   1 
ATOM   125  O O   . THR A 1 20  ? 6.122   5.785   7.357   1.00 16.86 ? 21  THR A O   1 
ATOM   126  C CB  . THR A 1 20  ? 5.436   8.991   7.174   1.00 19.55 ? 21  THR A CB  1 
ATOM   127  O OG1 . THR A 1 20  ? 6.590   8.757   7.988   1.00 22.09 ? 21  THR A OG1 1 
ATOM   128  C CG2 . THR A 1 20  ? 4.257   9.428   8.021   1.00 15.70 ? 21  THR A CG2 1 
ATOM   129  N N   . VAL A 1 21  ? 7.051   6.647   5.482   1.00 17.61 ? 22  VAL A N   1 
ATOM   130  C CA  . VAL A 1 21  ? 8.139   5.695   5.395   1.00 18.05 ? 22  VAL A CA  1 
ATOM   131  C C   . VAL A 1 21  ? 9.096   5.920   6.548   1.00 18.91 ? 22  VAL A C   1 
ATOM   132  O O   . VAL A 1 21  ? 9.645   7.006   6.702   1.00 19.41 ? 22  VAL A O   1 
ATOM   133  C CB  . VAL A 1 21  ? 8.884   5.856   4.062   1.00 18.05 ? 22  VAL A CB  1 
ATOM   134  C CG1 . VAL A 1 21  ? 10.010  4.839   3.962   1.00 17.39 ? 22  VAL A CG1 1 
ATOM   135  C CG2 . VAL A 1 21  ? 7.896   5.688   2.904   1.00 16.71 ? 22  VAL A CG2 1 
ATOM   136  N N   . GLU A 1 22  ? 9.274   4.896   7.369   1.00 19.58 ? 23  GLU A N   1 
ATOM   137  C CA  . GLU A 1 22  ? 10.168  4.999   8.509   1.00 21.07 ? 23  GLU A CA  1 
ATOM   138  C C   . GLU A 1 22  ? 11.536  4.391   8.236   1.00 22.37 ? 23  GLU A C   1 
ATOM   139  O O   . GLU A 1 22  ? 12.538  4.837   8.792   1.00 22.75 ? 23  GLU A O   1 
ATOM   140  C CB  . GLU A 1 22  ? 9.559   4.305   9.725   1.00 20.63 ? 23  GLU A CB  1 
ATOM   141  C CG  . GLU A 1 22  ? 8.430   5.072   10.376  1.00 20.87 ? 23  GLU A CG  1 
ATOM   142  C CD  . GLU A 1 22  ? 8.116   4.561   11.764  1.00 20.19 ? 23  GLU A CD  1 
ATOM   143  O OE1 . GLU A 1 22  ? 7.309   5.205   12.460  1.00 20.19 ? 23  GLU A OE1 1 
ATOM   144  O OE2 . GLU A 1 22  ? 8.678   3.513   12.162  1.00 20.94 ? 23  GLU A OE2 1 
ATOM   145  N N   . GLU A 1 23  ? 11.582  3.382   7.375   1.00 23.65 ? 24  GLU A N   1 
ATOM   146  C CA  . GLU A 1 23  ? 12.846  2.714   7.090   1.00 24.94 ? 24  GLU A CA  1 
ATOM   147  C C   . GLU A 1 23  ? 12.844  1.934   5.782   1.00 25.02 ? 24  GLU A C   1 
ATOM   148  O O   . GLU A 1 23  ? 11.881  1.240   5.464   1.00 24.90 ? 24  GLU A O   1 
ATOM   149  C CB  . GLU A 1 23  ? 13.173  1.767   8.249   1.00 26.51 ? 24  GLU A CB  1 
ATOM   150  C CG  . GLU A 1 23  ? 14.427  0.924   8.081   1.00 28.91 ? 24  GLU A CG  1 
ATOM   151  C CD  . GLU A 1 23  ? 14.608  -0.066  9.223   1.00 30.37 ? 24  GLU A CD  1 
ATOM   152  O OE1 . GLU A 1 23  ? 15.615  -0.805  9.226   1.00 31.45 ? 24  GLU A OE1 1 
ATOM   153  O OE2 . GLU A 1 23  ? 13.738  -0.105  10.120  1.00 31.02 ? 24  GLU A OE2 1 
ATOM   154  N N   . ILE A 1 24  ? 13.928  2.058   5.018   1.00 25.22 ? 25  ILE A N   1 
ATOM   155  C CA  . ILE A 1 24  ? 14.053  1.320   3.764   1.00 26.24 ? 25  ILE A CA  1 
ATOM   156  C C   . ILE A 1 24  ? 14.553  -0.072  4.157   1.00 25.99 ? 25  ILE A C   1 
ATOM   157  O O   . ILE A 1 24  ? 15.567  -0.197  4.847   1.00 26.14 ? 25  ILE A O   1 
ATOM   158  C CB  . ILE A 1 24  ? 15.064  1.991   2.795   1.00 26.95 ? 25  ILE A CB  1 
ATOM   159  C CG1 . ILE A 1 24  ? 14.512  3.328   2.292   1.00 28.17 ? 25  ILE A CG1 1 
ATOM   160  C CG2 . ILE A 1 24  ? 15.322  1.087   1.595   1.00 27.09 ? 25  ILE A CG2 1 
ATOM   161  C CD1 . ILE A 1 24  ? 14.417  4.399   3.341   1.00 29.67 ? 25  ILE A CD1 1 
ATOM   162  N N   . MET A 1 25  ? 13.830  -1.109  3.734   1.00 25.61 ? 26  MET A N   1 
ATOM   163  C CA  . MET A 1 25  ? 14.173  -2.491  4.067   1.00 25.72 ? 26  MET A CA  1 
ATOM   164  C C   . MET A 1 25  ? 15.021  -3.167  2.988   1.00 25.28 ? 26  MET A C   1 
ATOM   165  O O   . MET A 1 25  ? 15.679  -2.498  2.185   1.00 24.99 ? 26  MET A O   1 
ATOM   166  C CB  . MET A 1 25  ? 12.893  -3.313  4.283   1.00 27.01 ? 26  MET A CB  1 
ATOM   167  C CG  . MET A 1 25  ? 11.764  -2.573  5.000   1.00 28.27 ? 26  MET A CG  1 
ATOM   168  S SD  . MET A 1 25  ? 11.446  -3.120  6.680   1.00 29.65 ? 26  MET A SD  1 
ATOM   169  C CE  . MET A 1 25  ? 12.859  -2.392  7.486   1.00 26.29 ? 26  MET A CE  1 
ATOM   170  N N   . ASN A 1 26  ? 14.974  -4.499  2.964   1.00 24.82 ? 27  ASN A N   1 
ATOM   171  C CA  . ASN A 1 26  ? 15.749  -5.297  2.015   1.00 24.38 ? 27  ASN A CA  1 
ATOM   172  C C   . ASN A 1 26  ? 15.226  -5.364  0.583   1.00 23.34 ? 27  ASN A C   1 
ATOM   173  O O   . ASN A 1 26  ? 14.034  -5.218  0.325   1.00 23.23 ? 27  ASN A O   1 
ATOM   174  C CB  . ASN A 1 26  ? 15.912  -6.728  2.539   1.00 26.40 ? 27  ASN A CB  1 
ATOM   175  C CG  . ASN A 1 26  ? 16.921  -6.829  3.668   1.00 28.03 ? 27  ASN A CG  1 
ATOM   176  O OD1 . ASN A 1 26  ? 17.149  -7.906  4.216   1.00 30.65 ? 27  ASN A OD1 1 
ATOM   177  N ND2 . ASN A 1 26  ? 17.535  -5.705  4.020   1.00 29.18 ? 27  ASN A ND2 1 
ATOM   178  N N   . VAL A 1 27  ? 16.153  -5.614  -0.334  1.00 21.96 ? 28  VAL A N   1 
ATOM   179  C CA  . VAL A 1 27  ? 15.871  -5.739  -1.758  1.00 21.02 ? 28  VAL A CA  1 
ATOM   180  C C   . VAL A 1 27  ? 15.450  -7.163  -2.107  1.00 20.84 ? 28  VAL A C   1 
ATOM   181  O O   . VAL A 1 27  ? 15.880  -8.121  -1.465  1.00 21.16 ? 28  VAL A O   1 
ATOM   182  C CB  . VAL A 1 27  ? 17.137  -5.395  -2.591  1.00 21.11 ? 28  VAL A CB  1 
ATOM   183  C CG1 . VAL A 1 27  ? 16.947  -5.785  -4.052  1.00 20.95 ? 28  VAL A CG1 1 
ATOM   184  C CG2 . VAL A 1 27  ? 17.442  -3.916  -2.473  1.00 20.16 ? 28  VAL A CG2 1 
ATOM   185  N N   . ASP A 1 28  ? 14.583  -7.295  -3.103  1.00 20.42 ? 29  ASP A N   1 
ATOM   186  C CA  . ASP A 1 28  ? 14.171  -8.605  -3.589  1.00 21.05 ? 29  ASP A CA  1 
ATOM   187  C C   . ASP A 1 28  ? 14.960  -8.708  -4.890  1.00 20.93 ? 29  ASP A C   1 
ATOM   188  O O   . ASP A 1 28  ? 14.558  -8.156  -5.911  1.00 21.06 ? 29  ASP A O   1 
ATOM   189  C CB  . ASP A 1 28  ? 12.667  -8.654  -3.874  1.00 20.32 ? 29  ASP A CB  1 
ATOM   190  C CG  . ASP A 1 28  ? 12.241  -9.966  -4.518  1.00 21.02 ? 29  ASP A CG  1 
ATOM   191  O OD1 . ASP A 1 28  ? 11.019  -10.218 -4.642  1.00 20.68 ? 29  ASP A OD1 1 
ATOM   192  O OD2 . ASP A 1 28  ? 13.136  -10.751 -4.914  1.00 20.82 ? 29  ASP A OD2 1 
ATOM   193  N N   . PRO A 1 29  ? 16.108  -9.407  -4.863  1.00 21.54 ? 30  PRO A N   1 
ATOM   194  C CA  . PRO A 1 29  ? 16.963  -9.567  -6.043  1.00 21.52 ? 30  PRO A CA  1 
ATOM   195  C C   . PRO A 1 29  ? 16.328  -10.239 -7.249  1.00 22.17 ? 30  PRO A C   1 
ATOM   196  O O   . PRO A 1 29  ? 16.635  -9.898  -8.389  1.00 22.31 ? 30  PRO A O   1 
ATOM   197  C CB  . PRO A 1 29  ? 18.153  -10.355 -5.499  1.00 21.44 ? 30  PRO A CB  1 
ATOM   198  C CG  . PRO A 1 29  ? 17.531  -11.204 -4.442  1.00 21.77 ? 30  PRO A CG  1 
ATOM   199  C CD  . PRO A 1 29  ? 16.607  -10.223 -3.739  1.00 21.48 ? 30  PRO A CD  1 
ATOM   200  N N   . VAL A 1 30  ? 15.435  -11.188 -7.003  1.00 22.14 ? 31  VAL A N   1 
ATOM   201  C CA  . VAL A 1 30  ? 14.797  -11.895 -8.098  1.00 23.11 ? 31  VAL A CA  1 
ATOM   202  C C   . VAL A 1 30  ? 13.805  -11.026 -8.860  1.00 23.33 ? 31  VAL A C   1 
ATOM   203  O O   . VAL A 1 30  ? 13.720  -11.103 -10.088 1.00 23.42 ? 31  VAL A O   1 
ATOM   204  C CB  . VAL A 1 30  ? 14.079  -13.164 -7.584  1.00 23.36 ? 31  VAL A CB  1 
ATOM   205  C CG1 . VAL A 1 30  ? 13.468  -13.934 -8.750  1.00 23.09 ? 31  VAL A CG1 1 
ATOM   206  C CG2 . VAL A 1 30  ? 15.068  -14.031 -6.823  1.00 23.66 ? 31  VAL A CG2 1 
ATOM   207  N N   . HIS A 1 31  ? 13.073  -10.178 -8.143  1.00 23.30 ? 32  HIS A N   1 
ATOM   208  C CA  . HIS A 1 31  ? 12.080  -9.344  -8.805  1.00 23.81 ? 32  HIS A CA  1 
ATOM   209  C C   . HIS A 1 31  ? 12.445  -7.873  -8.959  1.00 23.47 ? 32  HIS A C   1 
ATOM   210  O O   . HIS A 1 31  ? 11.643  -7.071  -9.446  1.00 22.28 ? 32  HIS A O   1 
ATOM   211  C CB  . HIS A 1 31  ? 10.734  -9.524  -8.105  1.00 24.59 ? 32  HIS A CB  1 
ATOM   212  C CG  . HIS A 1 31  ? 10.337  -10.960 -7.971  1.00 25.82 ? 32  HIS A CG  1 
ATOM   213  N ND1 . HIS A 1 31  ? 10.538  -11.685 -6.814  1.00 26.39 ? 32  HIS A ND1 1 
ATOM   214  C CD2 . HIS A 1 31  ? 9.848   -11.838 -8.881  1.00 26.10 ? 32  HIS A CD2 1 
ATOM   215  C CE1 . HIS A 1 31  ? 10.194  -12.944 -7.018  1.00 26.61 ? 32  HIS A CE1 1 
ATOM   216  N NE2 . HIS A 1 31  ? 9.773   -13.063 -8.265  1.00 26.72 ? 32  HIS A NE2 1 
ATOM   217  N N   . HIS A 1 32  ? 13.664  -7.527  -8.551  1.00 23.16 ? 33  HIS A N   1 
ATOM   218  C CA  . HIS A 1 32  ? 14.168  -6.165  -8.704  1.00 23.68 ? 33  HIS A CA  1 
ATOM   219  C C   . HIS A 1 32  ? 13.331  -5.119  -7.967  1.00 22.30 ? 33  HIS A C   1 
ATOM   220  O O   . HIS A 1 32  ? 13.002  -4.075  -8.526  1.00 21.40 ? 33  HIS A O   1 
ATOM   221  C CB  . HIS A 1 32  ? 14.218  -5.840  -10.206 1.00 26.57 ? 33  HIS A CB  1 
ATOM   222  C CG  . HIS A 1 32  ? 15.336  -4.926  -10.604 1.00 30.29 ? 33  HIS A CG  1 
ATOM   223  N ND1 . HIS A 1 32  ? 15.834  -4.885  -11.890 1.00 31.95 ? 33  HIS A ND1 1 
ATOM   224  C CD2 . HIS A 1 32  ? 16.048  -4.017  -9.896  1.00 32.23 ? 33  HIS A CD2 1 
ATOM   225  C CE1 . HIS A 1 32  ? 16.806  -3.993  -11.957 1.00 32.75 ? 33  HIS A CE1 1 
ATOM   226  N NE2 . HIS A 1 32  ? 16.956  -3.452  -10.760 1.00 33.34 ? 33  HIS A NE2 1 
ATOM   227  N N   . THR A 1 33  ? 13.016  -5.387  -6.705  1.00 20.93 ? 34  THR A N   1 
ATOM   228  C CA  . THR A 1 33  ? 12.208  -4.469  -5.907  1.00 20.23 ? 34  THR A CA  1 
ATOM   229  C C   . THR A 1 33  ? 12.738  -4.406  -4.481  1.00 19.11 ? 34  THR A C   1 
ATOM   230  O O   . THR A 1 33  ? 13.643  -5.159  -4.118  1.00 18.58 ? 34  THR A O   1 
ATOM   231  C CB  . THR A 1 33  ? 10.754  -4.957  -5.854  1.00 20.59 ? 34  THR A CB  1 
ATOM   232  O OG1 . THR A 1 33  ? 10.001  -4.144  -4.946  1.00 25.35 ? 34  THR A OG1 1 
ATOM   233  C CG2 . THR A 1 33  ? 10.705  -6.387  -5.371  1.00 19.82 ? 34  THR A CG2 1 
ATOM   234  N N   . TYR A 1 34  ? 12.189  -3.501  -3.679  1.00 17.72 ? 35  TYR A N   1 
ATOM   235  C CA  . TYR A 1 34  ? 12.593  -3.395  -2.279  1.00 17.09 ? 35  TYR A CA  1 
ATOM   236  C C   . TYR A 1 34  ? 11.396  -3.101  -1.377  1.00 17.85 ? 35  TYR A C   1 
ATOM   237  O O   . TYR A 1 34  ? 10.329  -2.690  -1.843  1.00 17.57 ? 35  TYR A O   1 
ATOM   238  C CB  . TYR A 1 34  ? 13.692  -2.341  -2.104  1.00 15.97 ? 35  TYR A CB  1 
ATOM   239  C CG  . TYR A 1 34  ? 13.299  -0.926  -2.431  1.00 15.41 ? 35  TYR A CG  1 
ATOM   240  C CD1 . TYR A 1 34  ? 12.860  -0.052  -1.435  1.00 14.73 ? 35  TYR A CD1 1 
ATOM   241  C CD2 . TYR A 1 34  ? 13.388  -0.447  -3.737  1.00 15.43 ? 35  TYR A CD2 1 
ATOM   242  C CE1 . TYR A 1 34  ? 12.524  1.270   -1.734  1.00 14.52 ? 35  TYR A CE1 1 
ATOM   243  C CE2 . TYR A 1 34  ? 13.054  0.860   -4.047  1.00 15.47 ? 35  TYR A CE2 1 
ATOM   244  C CZ  . TYR A 1 34  ? 12.625  1.718   -3.047  1.00 14.40 ? 35  TYR A CZ  1 
ATOM   245  O OH  . TYR A 1 34  ? 12.307  3.015   -3.364  1.00 16.21 ? 35  TYR A OH  1 
ATOM   246  N N   . SER A 1 35  ? 11.566  -3.341  -0.083  1.00 17.76 ? 36  SER A N   1 
ATOM   247  C CA  . SER A 1 35  ? 10.491  -3.121  0.874   1.00 17.78 ? 36  SER A CA  1 
ATOM   248  C C   . SER A 1 35  ? 10.825  -1.999  1.851   1.00 18.03 ? 36  SER A C   1 
ATOM   249  O O   . SER A 1 35  ? 11.989  -1.647  2.027   1.00 17.97 ? 36  SER A O   1 
ATOM   250  C CB  . SER A 1 35  ? 10.232  -4.410  1.649   1.00 18.03 ? 36  SER A CB  1 
ATOM   251  O OG  . SER A 1 35  ? 9.932   -5.474  0.765   1.00 19.32 ? 36  SER A OG  1 
ATOM   252  N N   . CYS A 1 36  ? 9.796   -1.430  2.471   1.00 17.25 ? 37  CYS A N   1 
ATOM   253  C CA  . CYS A 1 36  ? 9.982   -0.364  3.448   1.00 17.96 ? 37  CYS A CA  1 
ATOM   254  C C   . CYS A 1 36  ? 9.021   -0.511  4.605   1.00 17.54 ? 37  CYS A C   1 
ATOM   255  O O   . CYS A 1 36  ? 7.920   -1.035  4.445   1.00 16.91 ? 37  CYS A O   1 
ATOM   256  C CB  . CYS A 1 36  ? 9.735   1.006   2.828   1.00 18.84 ? 37  CYS A CB  1 
ATOM   257  S SG  . CYS A 1 36  ? 10.832  1.437   1.517   1.00 20.64 ? 37  CYS A SG  1 
ATOM   258  N N   . LYS A 1 37  ? 9.445   -0.050  5.776   1.00 17.57 ? 38  LYS A N   1 
ATOM   259  C CA  . LYS A 1 37  ? 8.589   -0.082  6.947   1.00 17.89 ? 38  LYS A CA  1 
ATOM   260  C C   . LYS A 1 37  ? 7.847   1.244   6.922   1.00 16.63 ? 38  LYS A C   1 
ATOM   261  O O   . LYS A 1 37  ? 8.457   2.308   6.822   1.00 16.64 ? 38  LYS A O   1 
ATOM   262  C CB  . LYS A 1 37  ? 9.405   -0.186  8.233   1.00 19.55 ? 38  LYS A CB  1 
ATOM   263  C CG  . LYS A 1 37  ? 8.538   -0.297  9.483   1.00 22.27 ? 38  LYS A CG  1 
ATOM   264  C CD  . LYS A 1 37  ? 9.357   -0.460  10.761  1.00 25.49 ? 38  LYS A CD  1 
ATOM   265  C CE  . LYS A 1 37  ? 9.986   0.848   11.210  1.00 27.36 ? 38  LYS A CE  1 
ATOM   266  N NZ  . LYS A 1 37  ? 10.955  1.396   10.223  1.00 29.97 ? 38  LYS A NZ  1 
ATOM   267  N N   . VAL A 1 38  ? 6.524   1.176   7.006   1.00 15.91 ? 39  VAL A N   1 
ATOM   268  C CA  . VAL A 1 38  ? 5.694   2.372   6.960   1.00 14.80 ? 39  VAL A CA  1 
ATOM   269  C C   . VAL A 1 38  ? 4.803   2.512   8.190   1.00 14.54 ? 39  VAL A C   1 
ATOM   270  O O   . VAL A 1 38  ? 4.179   1.537   8.630   1.00 15.05 ? 39  VAL A O   1 
ATOM   271  C CB  . VAL A 1 38  ? 4.784   2.334   5.698   1.00 14.26 ? 39  VAL A CB  1 
ATOM   272  C CG1 . VAL A 1 38  ? 3.796   3.507   5.721   1.00 15.35 ? 39  VAL A CG1 1 
ATOM   273  C CG2 . VAL A 1 38  ? 5.639   2.370   4.431   1.00 14.54 ? 39  VAL A CG2 1 
ATOM   274  N N   . ARG A 1 39  ? 4.753   3.720   8.750   1.00 14.59 ? 40  ARG A N   1 
ATOM   275  C CA  . ARG A 1 39  ? 3.887   3.990   9.893   1.00 14.54 ? 40  ARG A CA  1 
ATOM   276  C C   . ARG A 1 39  ? 2.560   4.451   9.310   1.00 14.55 ? 40  ARG A C   1 
ATOM   277  O O   . ARG A 1 39  ? 2.469   5.519   8.694   1.00 14.67 ? 40  ARG A O   1 
ATOM   278  C CB  . ARG A 1 39  ? 4.450   5.095   10.787  1.00 14.91 ? 40  ARG A CB  1 
ATOM   279  C CG  . ARG A 1 39  ? 3.544   5.420   11.975  1.00 15.54 ? 40  ARG A CG  1 
ATOM   280  C CD  . ARG A 1 39  ? 4.150   6.455   12.922  1.00 15.76 ? 40  ARG A CD  1 
ATOM   281  N NE  . ARG A 1 39  ? 4.211   7.798   12.351  1.00 16.23 ? 40  ARG A NE  1 
ATOM   282  C CZ  . ARG A 1 39  ? 5.293   8.354   11.814  1.00 15.82 ? 40  ARG A CZ  1 
ATOM   283  N NH1 . ARG A 1 39  ? 6.440   7.688   11.761  1.00 17.27 ? 40  ARG A NH1 1 
ATOM   284  N NH2 . ARG A 1 39  ? 5.233   9.589   11.338  1.00 16.74 ? 40  ARG A NH2 1 
ATOM   285  N N   . VAL A 1 40  ? 1.534   3.636   9.493   1.00 14.27 ? 41  VAL A N   1 
ATOM   286  C CA  . VAL A 1 40  ? 0.226   3.979   8.962   1.00 15.11 ? 41  VAL A CA  1 
ATOM   287  C C   . VAL A 1 40  ? -0.427  5.108   9.748   1.00 15.30 ? 41  VAL A C   1 
ATOM   288  O O   . VAL A 1 40  ? -0.341  5.163   10.973  1.00 15.09 ? 41  VAL A O   1 
ATOM   289  C CB  . VAL A 1 40  ? -0.710  2.751   8.993   1.00 14.63 ? 41  VAL A CB  1 
ATOM   290  C CG1 . VAL A 1 40  ? -2.079  3.123   8.429   1.00 15.58 ? 41  VAL A CG1 1 
ATOM   291  C CG2 . VAL A 1 40  ? -0.099  1.602   8.191   1.00 14.89 ? 41  VAL A CG2 1 
ATOM   292  N N   . TRP A 1 41  ? -1.051  6.046   9.042   1.00 14.84 ? 42  TRP A N   1 
ATOM   293  C CA  . TRP A 1 41  ? -1.769  7.099   9.737   1.00 15.39 ? 42  TRP A CA  1 
ATOM   294  C C   . TRP A 1 41  ? -3.212  6.602   9.723   1.00 15.77 ? 42  TRP A C   1 
ATOM   295  O O   . TRP A 1 41  ? -3.716  6.111   10.730  1.00 16.94 ? 42  TRP A O   1 
ATOM   296  C CB  . TRP A 1 41  ? -1.648  8.450   9.032   1.00 15.15 ? 42  TRP A CB  1 
ATOM   297  C CG  . TRP A 1 41  ? -2.497  9.478   9.711   1.00 16.41 ? 42  TRP A CG  1 
ATOM   298  C CD1 . TRP A 1 41  ? -2.515  9.769   11.051  1.00 15.78 ? 42  TRP A CD1 1 
ATOM   299  C CD2 . TRP A 1 41  ? -3.534  10.263  9.117   1.00 16.05 ? 42  TRP A CD2 1 
ATOM   300  N NE1 . TRP A 1 41  ? -3.509  10.682  11.325  1.00 16.90 ? 42  TRP A NE1 1 
ATOM   301  C CE2 . TRP A 1 41  ? -4.150  11.000  10.155  1.00 16.68 ? 42  TRP A CE2 1 
ATOM   302  C CE3 . TRP A 1 41  ? -4.008  10.410  7.808   1.00 16.68 ? 42  TRP A CE3 1 
ATOM   303  C CZ2 . TRP A 1 41  ? -5.220  11.869  9.923   1.00 16.63 ? 42  TRP A CZ2 1 
ATOM   304  C CZ3 . TRP A 1 41  ? -5.071  11.271  7.579   1.00 16.69 ? 42  TRP A CZ3 1 
ATOM   305  C CH2 . TRP A 1 41  ? -5.665  11.989  8.632   1.00 16.13 ? 42  TRP A CH2 1 
ATOM   306  N N   . ARG A 1 42  ? -3.856  6.675   8.564   1.00 16.33 ? 43  ARG A N   1 
ATOM   307  C CA  . ARG A 1 42  ? -5.228  6.188   8.425   1.00 16.83 ? 43  ARG A CA  1 
ATOM   308  C C   . ARG A 1 42  ? -5.374  5.261   7.226   1.00 16.57 ? 43  ARG A C   1 
ATOM   309  O O   . ARG A 1 42  ? -4.663  5.391   6.229   1.00 16.61 ? 43  ARG A O   1 
ATOM   310  C CB  . ARG A 1 42  ? -6.225  7.336   8.230   1.00 18.39 ? 43  ARG A CB  1 
ATOM   311  C CG  . ARG A 1 42  ? -6.335  8.317   9.369   1.00 21.48 ? 43  ARG A CG  1 
ATOM   312  C CD  . ARG A 1 42  ? -7.509  9.276   9.145   1.00 23.97 ? 43  ARG A CD  1 
ATOM   313  N NE  . ARG A 1 42  ? -8.764  8.738   9.656   1.00 27.03 ? 43  ARG A NE  1 
ATOM   314  C CZ  . ARG A 1 42  ? -9.487  7.787   9.079   1.00 28.61 ? 43  ARG A CZ  1 
ATOM   315  N NH1 . ARG A 1 42  ? -10.612 7.379   9.660   1.00 28.94 ? 43  ARG A NH1 1 
ATOM   316  N NH2 . ARG A 1 42  ? -9.113  7.259   7.918   1.00 30.62 ? 43  ARG A NH2 1 
ATOM   317  N N   . TYR A 1 43  ? -6.306  4.320   7.340   1.00 16.45 ? 44  TYR A N   1 
ATOM   318  C CA  . TYR A 1 43  ? -6.610  3.404   6.257   1.00 16.65 ? 44  TYR A CA  1 
ATOM   319  C C   . TYR A 1 43  ? -7.758  4.019   5.479   1.00 16.26 ? 44  TYR A C   1 
ATOM   320  O O   . TYR A 1 43  ? -8.731  4.477   6.078   1.00 16.81 ? 44  TYR A O   1 
ATOM   321  C CB  . TYR A 1 43  ? -7.087  2.057   6.790   1.00 17.02 ? 44  TYR A CB  1 
ATOM   322  C CG  . TYR A 1 43  ? -6.023  1.295   7.509   1.00 17.68 ? 44  TYR A CG  1 
ATOM   323  C CD1 . TYR A 1 43  ? -5.775  1.519   8.861   1.00 19.19 ? 44  TYR A CD1 1 
ATOM   324  C CD2 . TYR A 1 43  ? -5.233  0.375   6.830   1.00 18.47 ? 44  TYR A CD2 1 
ATOM   325  C CE1 . TYR A 1 43  ? -4.755  0.835   9.521   1.00 19.91 ? 44  TYR A CE1 1 
ATOM   326  C CE2 . TYR A 1 43  ? -4.212  -0.310  7.473   1.00 20.15 ? 44  TYR A CE2 1 
ATOM   327  C CZ  . TYR A 1 43  ? -3.979  -0.076  8.820   1.00 20.39 ? 44  TYR A CZ  1 
ATOM   328  O OH  . TYR A 1 43  ? -2.974  -0.767  9.463   1.00 21.99 ? 44  TYR A OH  1 
ATOM   329  N N   . LEU A 1 44  ? -7.645  4.042   4.158   1.00 15.81 ? 45  LEU A N   1 
ATOM   330  C CA  . LEU A 1 44  ? -8.725  4.567   3.341   1.00 16.77 ? 45  LEU A CA  1 
ATOM   331  C C   . LEU A 1 44  ? -9.561  3.397   2.832   1.00 16.87 ? 45  LEU A C   1 
ATOM   332  O O   . LEU A 1 44  ? -10.726 3.568   2.469   1.00 16.84 ? 45  LEU A O   1 
ATOM   333  C CB  . LEU A 1 44  ? -8.174  5.364   2.161   1.00 16.54 ? 45  LEU A CB  1 
ATOM   334  C CG  . LEU A 1 44  ? -7.322  6.582   2.540   1.00 17.70 ? 45  LEU A CG  1 
ATOM   335  C CD1 . LEU A 1 44  ? -7.026  7.399   1.293   1.00 17.48 ? 45  LEU A CD1 1 
ATOM   336  C CD2 . LEU A 1 44  ? -8.046  7.436   3.569   1.00 17.73 ? 45  LEU A CD2 1 
ATOM   337  N N   . LYS A 1 45  ? -8.966  2.203   2.820   1.00 16.30 ? 46  LYS A N   1 
ATOM   338  C CA  . LYS A 1 45  ? -9.646  1.005   2.341   1.00 15.90 ? 46  LYS A CA  1 
ATOM   339  C C   . LYS A 1 45  ? -8.954  -0.286  2.764   1.00 15.97 ? 46  LYS A C   1 
ATOM   340  O O   . LYS A 1 45  ? -7.728  -0.379  2.768   1.00 14.94 ? 46  LYS A O   1 
ATOM   341  C CB  . LYS A 1 45  ? -9.736  1.024   0.809   1.00 16.36 ? 46  LYS A CB  1 
ATOM   342  C CG  . LYS A 1 45  ? -10.361 -0.227  0.203   1.00 16.93 ? 46  LYS A CG  1 
ATOM   343  C CD  . LYS A 1 45  ? -10.194 -0.264  -1.314  1.00 17.94 ? 46  LYS A CD  1 
ATOM   344  C CE  . LYS A 1 45  ? -10.830 -1.512  -1.912  1.00 19.43 ? 46  LYS A CE  1 
ATOM   345  N NZ  . LYS A 1 45  ? -10.635 -1.601  -3.390  1.00 19.24 ? 46  LYS A NZ  1 
ATOM   346  N N   . GLY A 1 46  ? -9.752  -1.283  3.123   1.00 16.59 ? 47  GLY A N   1 
ATOM   347  C CA  . GLY A 1 46  ? -9.198  -2.568  3.486   1.00 16.62 ? 47  GLY A CA  1 
ATOM   348  C C   . GLY A 1 46  ? -8.567  -2.701  4.849   1.00 16.97 ? 47  GLY A C   1 
ATOM   349  O O   . GLY A 1 46  ? -7.714  -3.572  5.038   1.00 16.46 ? 47  GLY A O   1 
ATOM   350  N N   . LYS A 1 47  ? -8.971  -1.861  5.793   1.00 17.33 ? 48  LYS A N   1 
ATOM   351  C CA  . LYS A 1 47  ? -8.418  -1.954  7.133   1.00 17.83 ? 48  LYS A CA  1 
ATOM   352  C C   . LYS A 1 47  ? -8.709  -3.344  7.695   1.00 18.22 ? 48  LYS A C   1 
ATOM   353  O O   . LYS A 1 47  ? -7.872  -3.924  8.396   1.00 18.71 ? 48  LYS A O   1 
ATOM   354  C CB  . LYS A 1 47  ? -9.023  -0.896  8.057   1.00 18.82 ? 48  LYS A CB  1 
ATOM   355  C CG  . LYS A 1 47  ? -8.462  -0.982  9.475   1.00 20.40 ? 48  LYS A CG  1 
ATOM   356  C CD  . LYS A 1 47  ? -8.969  0.115   10.396  1.00 23.30 ? 48  LYS A CD  1 
ATOM   357  C CE  . LYS A 1 47  ? -8.302  -0.011  11.766  1.00 24.68 ? 48  LYS A CE  1 
ATOM   358  N NZ  . LYS A 1 47  ? -8.761  1.011   12.748  1.00 26.70 ? 48  LYS A NZ  1 
ATOM   359  N N   . ASP A 1 48  ? -9.890  -3.879  7.383   1.00 18.73 ? 49  ASP A N   1 
ATOM   360  C CA  . ASP A 1 48  ? -10.272 -5.199  7.878   1.00 19.89 ? 49  ASP A CA  1 
ATOM   361  C C   . ASP A 1 48  ? -9.358  -6.293  7.339   1.00 19.45 ? 49  ASP A C   1 
ATOM   362  O O   . ASP A 1 48  ? -9.039  -7.246  8.045   1.00 19.77 ? 49  ASP A O   1 
ATOM   363  C CB  . ASP A 1 48  ? -11.736 -5.517  7.531   1.00 22.38 ? 49  ASP A CB  1 
ATOM   364  C CG  . ASP A 1 48  ? -12.045 -5.366  6.054   1.00 25.31 ? 49  ASP A CG  1 
ATOM   365  O OD1 . ASP A 1 48  ? -13.150 -5.781  5.640   1.00 28.15 ? 49  ASP A OD1 1 
ATOM   366  O OD2 . ASP A 1 48  ? -11.202 -4.830  5.304   1.00 27.13 ? 49  ASP A OD2 1 
ATOM   367  N N   . ILE A 1 49  ? -8.938  -6.153  6.087   1.00 18.61 ? 50  ILE A N   1 
ATOM   368  C CA  . ILE A 1 49  ? -8.044  -7.120  5.472   1.00 18.23 ? 50  ILE A CA  1 
ATOM   369  C C   . ILE A 1 49  ? -6.700  -7.091  6.206   1.00 17.95 ? 50  ILE A C   1 
ATOM   370  O O   . ILE A 1 49  ? -6.131  -8.138  6.542   1.00 16.63 ? 50  ILE A O   1 
ATOM   371  C CB  . ILE A 1 49  ? -7.818  -6.786  3.979   1.00 18.41 ? 50  ILE A CB  1 
ATOM   372  C CG1 . ILE A 1 49  ? -9.120  -7.006  3.203   1.00 19.68 ? 50  ILE A CG1 1 
ATOM   373  C CG2 . ILE A 1 49  ? -6.691  -7.635  3.411   1.00 18.20 ? 50  ILE A CG2 1 
ATOM   374  C CD1 . ILE A 1 49  ? -9.046  -6.579  1.747   1.00 19.54 ? 50  ILE A CD1 1 
ATOM   375  N N   . VAL A 1 50  ? -6.191  -5.889  6.449   1.00 17.72 ? 51  VAL A N   1 
ATOM   376  C CA  . VAL A 1 50  ? -4.919  -5.761  7.139   1.00 17.67 ? 51  VAL A CA  1 
ATOM   377  C C   . VAL A 1 50  ? -5.060  -6.334  8.542   1.00 18.02 ? 51  VAL A C   1 
ATOM   378  O O   . VAL A 1 50  ? -4.209  -7.093  8.996   1.00 17.71 ? 51  VAL A O   1 
ATOM   379  C CB  . VAL A 1 50  ? -4.467  -4.289  7.234   1.00 17.49 ? 51  VAL A CB  1 
ATOM   380  C CG1 . VAL A 1 50  ? -3.159  -4.190  7.992   1.00 17.67 ? 51  VAL A CG1 1 
ATOM   381  C CG2 . VAL A 1 50  ? -4.277  -3.721  5.843   1.00 17.18 ? 51  VAL A CG2 1 
ATOM   382  N N   . THR A 1 51  ? -6.145  -5.973  9.218   1.00 18.34 ? 52  THR A N   1 
ATOM   383  C CA  . THR A 1 51  ? -6.394  -6.451  10.578  1.00 19.64 ? 52  THR A CA  1 
ATOM   384  C C   . THR A 1 51  ? -6.385  -7.975  10.675  1.00 19.77 ? 52  THR A C   1 
ATOM   385  O O   . THR A 1 51  ? -5.845  -8.537  11.621  1.00 19.67 ? 52  THR A O   1 
ATOM   386  C CB  . THR A 1 51  ? -7.758  -5.949  11.109  1.00 19.72 ? 52  THR A CB  1 
ATOM   387  O OG1 . THR A 1 51  ? -7.742  -4.520  11.203  1.00 21.36 ? 52  THR A OG1 1 
ATOM   388  C CG2 . THR A 1 51  ? -8.046  -6.533  12.481  1.00 20.82 ? 52  THR A CG2 1 
ATOM   389  N N   . HIS A 1 52  ? -6.980  -8.641  9.692   1.00 20.25 ? 53  HIS A N   1 
ATOM   390  C CA  . HIS A 1 52  ? -7.056  -10.096 9.699   1.00 22.06 ? 53  HIS A CA  1 
ATOM   391  C C   . HIS A 1 52  ? -5.897  -10.831 9.031   1.00 21.55 ? 53  HIS A C   1 
ATOM   392  O O   . HIS A 1 52  ? -5.669  -12.006 9.314   1.00 22.13 ? 53  HIS A O   1 
ATOM   393  C CB  . HIS A 1 52  ? -8.362  -10.552 9.040   1.00 23.91 ? 53  HIS A CB  1 
ATOM   394  C CG  . HIS A 1 52  ? -9.595  -10.090 9.752   1.00 26.75 ? 53  HIS A CG  1 
ATOM   395  N ND1 . HIS A 1 52  ? -9.840  -10.375 11.078  1.00 28.46 ? 53  HIS A ND1 1 
ATOM   396  C CD2 . HIS A 1 52  ? -10.655 -9.366  9.322   1.00 27.98 ? 53  HIS A CD2 1 
ATOM   397  C CE1 . HIS A 1 52  ? -10.997 -9.845  11.435  1.00 28.59 ? 53  HIS A CE1 1 
ATOM   398  N NE2 . HIS A 1 52  ? -11.511 -9.227  10.387  1.00 29.13 ? 53  HIS A NE2 1 
ATOM   399  N N   . GLU A 1 53  ? -5.157  -10.156 8.154   1.00 21.61 ? 54  GLU A N   1 
ATOM   400  C CA  . GLU A 1 53  ? -4.079  -10.833 7.437   1.00 22.07 ? 54  GLU A CA  1 
ATOM   401  C C   . GLU A 1 53  ? -2.655  -10.356 7.674   1.00 22.18 ? 54  GLU A C   1 
ATOM   402  O O   . GLU A 1 53  ? -1.708  -11.024 7.269   1.00 22.36 ? 54  GLU A O   1 
ATOM   403  C CB  . GLU A 1 53  ? -4.361  -10.780 5.937   1.00 22.46 ? 54  GLU A CB  1 
ATOM   404  C CG  . GLU A 1 53  ? -5.773  -11.195 5.577   1.00 24.02 ? 54  GLU A CG  1 
ATOM   405  C CD  . GLU A 1 53  ? -5.970  -11.353 4.083   1.00 25.11 ? 54  GLU A CD  1 
ATOM   406  O OE1 . GLU A 1 53  ? -7.124  -11.580 3.661   1.00 26.53 ? 54  GLU A OE1 1 
ATOM   407  O OE2 . GLU A 1 53  ? -4.972  -11.260 3.338   1.00 26.20 ? 54  GLU A OE2 1 
ATOM   408  N N   . ILE A 1 54  ? -2.488  -9.215  8.326   1.00 22.18 ? 55  ILE A N   1 
ATOM   409  C CA  . ILE A 1 54  ? -1.143  -8.704  8.550   1.00 23.24 ? 55  ILE A CA  1 
ATOM   410  C C   . ILE A 1 54  ? -0.822  -8.505  10.022  1.00 23.19 ? 55  ILE A C   1 
ATOM   411  O O   . ILE A 1 54  ? -1.591  -7.890  10.745  1.00 23.54 ? 55  ILE A O   1 
ATOM   412  C CB  . ILE A 1 54  ? -0.951  -7.342  7.845   1.00 22.97 ? 55  ILE A CB  1 
ATOM   413  C CG1 . ILE A 1 54  ? -1.231  -7.473  6.343   1.00 23.36 ? 55  ILE A CG1 1 
ATOM   414  C CG2 . ILE A 1 54  ? 0.447   -6.811  8.132   1.00 23.21 ? 55  ILE A CG2 1 
ATOM   415  C CD1 . ILE A 1 54  ? -0.202  -8.288  5.573   1.00 24.07 ? 55  ILE A CD1 1 
ATOM   416  N N   . LEU A 1 55  ? 0.318   -9.025  10.460  1.00 24.16 ? 56  LEU A N   1 
ATOM   417  C CA  . LEU A 1 55  ? 0.745   -8.853  11.843  1.00 25.17 ? 56  LEU A CA  1 
ATOM   418  C C   . LEU A 1 55  ? 1.384   -7.478  11.941  1.00 25.24 ? 56  LEU A C   1 
ATOM   419  O O   . LEU A 1 55  ? 2.531   -7.294  11.535  1.00 25.51 ? 56  LEU A O   1 
ATOM   420  C CB  . LEU A 1 55  ? 1.781   -9.910  12.237  1.00 26.47 ? 56  LEU A CB  1 
ATOM   421  C CG  . LEU A 1 55  ? 1.312   -11.299 12.669  1.00 27.43 ? 56  LEU A CG  1 
ATOM   422  C CD1 . LEU A 1 55  ? 2.516   -12.219 12.845  1.00 28.17 ? 56  LEU A CD1 1 
ATOM   423  C CD2 . LEU A 1 55  ? 0.539   -11.187 13.967  1.00 28.11 ? 56  LEU A CD2 1 
ATOM   424  N N   . LEU A 1 56  ? 0.637   -6.509  12.457  1.00 25.63 ? 57  LEU A N   1 
ATOM   425  C CA  . LEU A 1 56  ? 1.153   -5.159  12.600  1.00 26.50 ? 57  LEU A CA  1 
ATOM   426  C C   . LEU A 1 56  ? 2.300   -5.094  13.601  1.00 27.59 ? 57  LEU A C   1 
ATOM   427  O O   . LEU A 1 56  ? 2.401   -5.911  14.515  1.00 27.66 ? 57  LEU A O   1 
ATOM   428  C CB  . LEU A 1 56  ? 0.042   -4.198  13.035  1.00 26.40 ? 57  LEU A CB  1 
ATOM   429  C CG  . LEU A 1 56  ? -1.001  -3.850  11.970  1.00 26.54 ? 57  LEU A CG  1 
ATOM   430  C CD1 . LEU A 1 56  ? -2.048  -2.912  12.549  1.00 26.75 ? 57  LEU A CD1 1 
ATOM   431  C CD2 . LEU A 1 56  ? -0.305  -3.200  10.794  1.00 26.14 ? 57  LEU A CD2 1 
ATOM   432  N N   . ASP A 1 57  ? 3.161   -4.107  13.404  1.00 28.68 ? 58  ASP A N   1 
ATOM   433  C CA  . ASP A 1 57  ? 4.311   -3.885  14.261  1.00 30.13 ? 58  ASP A CA  1 
ATOM   434  C C   . ASP A 1 57  ? 4.086   -2.590  15.037  1.00 30.26 ? 58  ASP A C   1 
ATOM   435  O O   . ASP A 1 57  ? 3.866   -1.530  14.448  1.00 30.17 ? 58  ASP A O   1 
ATOM   436  C CB  . ASP A 1 57  ? 5.570   -3.797  13.392  1.00 31.19 ? 58  ASP A CB  1 
ATOM   437  C CG  . ASP A 1 57  ? 6.783   -3.352  14.163  1.00 32.74 ? 58  ASP A CG  1 
ATOM   438  O OD1 . ASP A 1 57  ? 6.929   -3.772  15.331  1.00 34.51 ? 58  ASP A OD1 1 
ATOM   439  O OD2 . ASP A 1 57  ? 7.595   -2.592  13.592  1.00 33.34 ? 58  ASP A OD2 1 
ATOM   440  N N   . GLY A 1 58  ? 4.115   -2.681  16.363  1.00 30.41 ? 59  GLY A N   1 
ATOM   441  C CA  . GLY A 1 58  ? 3.910   -1.500  17.178  1.00 30.21 ? 59  GLY A CA  1 
ATOM   442  C C   . GLY A 1 58  ? 2.533   -0.891  16.996  1.00 30.15 ? 59  GLY A C   1 
ATOM   443  O O   . GLY A 1 58  ? 2.331   0.301   17.235  1.00 30.92 ? 59  GLY A O   1 
ATOM   444  N N   . GLY A 1 59  ? 1.582   -1.707  16.559  1.00 29.67 ? 60  GLY A N   1 
ATOM   445  C CA  . GLY A 1 59  ? 0.230   -1.220  16.373  1.00 28.86 ? 60  GLY A CA  1 
ATOM   446  C C   . GLY A 1 59  ? -0.061  -0.570  15.034  1.00 27.79 ? 60  GLY A C   1 
ATOM   447  O O   . GLY A 1 59  ? -1.150  -0.748  14.494  1.00 28.95 ? 60  GLY A O   1 
ATOM   448  N N   . ASN A 1 60  ? 0.887   0.181   14.483  1.00 26.72 ? 61  ASN A N   1 
ATOM   449  C CA  . ASN A 1 60  ? 0.623   0.833   13.207  1.00 25.59 ? 61  ASN A CA  1 
ATOM   450  C C   . ASN A 1 60  ? 1.730   0.781   12.164  1.00 24.35 ? 61  ASN A C   1 
ATOM   451  O O   . ASN A 1 60  ? 1.728   1.586   11.235  1.00 24.11 ? 61  ASN A O   1 
ATOM   452  C CB  . ASN A 1 60  ? 0.217   2.293   13.428  1.00 25.79 ? 61  ASN A CB  1 
ATOM   453  C CG  . ASN A 1 60  ? 1.284   3.095   14.146  1.00 26.67 ? 61  ASN A CG  1 
ATOM   454  O OD1 . ASN A 1 60  ? 2.406   2.633   14.324  1.00 26.55 ? 61  ASN A OD1 1 
ATOM   455  N ND2 . ASN A 1 60  ? 0.937   4.312   14.557  1.00 27.81 ? 61  ASN A ND2 1 
ATOM   456  N N   . LYS A 1 61  ? 2.677   -0.142  12.303  1.00 22.67 ? 62  LYS A N   1 
ATOM   457  C CA  . LYS A 1 61  ? 3.729   -0.248  11.298  1.00 21.25 ? 62  LYS A CA  1 
ATOM   458  C C   . LYS A 1 61  ? 3.531   -1.476  10.421  1.00 19.61 ? 62  LYS A C   1 
ATOM   459  O O   . LYS A 1 61  ? 3.300   -2.583  10.909  1.00 18.40 ? 62  LYS A O   1 
ATOM   460  C CB  . LYS A 1 61  ? 5.122   -0.305  11.937  1.00 22.10 ? 62  LYS A CB  1 
ATOM   461  C CG  . LYS A 1 61  ? 5.761   1.053   12.191  1.00 24.51 ? 62  LYS A CG  1 
ATOM   462  C CD  . LYS A 1 61  ? 4.913   1.890   13.125  1.00 26.74 ? 62  LYS A CD  1 
ATOM   463  C CE  . LYS A 1 61  ? 5.642   3.143   13.562  1.00 29.40 ? 62  LYS A CE  1 
ATOM   464  N NZ  . LYS A 1 61  ? 6.877   2.819   14.329  1.00 30.87 ? 62  LYS A NZ  1 
ATOM   465  N N   . VAL A 1 62  ? 3.606   -1.262  9.115   1.00 18.01 ? 63  VAL A N   1 
ATOM   466  C CA  . VAL A 1 62  ? 3.454   -2.336  8.150   1.00 18.12 ? 63  VAL A CA  1 
ATOM   467  C C   . VAL A 1 62  ? 4.656   -2.301  7.229   1.00 17.62 ? 63  VAL A C   1 
ATOM   468  O O   . VAL A 1 62  ? 5.322   -1.275  7.103   1.00 17.95 ? 63  VAL A O   1 
ATOM   469  C CB  . VAL A 1 62  ? 2.188   -2.157  7.278   1.00 18.25 ? 63  VAL A CB  1 
ATOM   470  C CG1 . VAL A 1 62  ? 0.958   -2.078  8.150   1.00 19.37 ? 63  VAL A CG1 1 
ATOM   471  C CG2 . VAL A 1 62  ? 2.312   -0.909  6.422   1.00 18.21 ? 63  VAL A CG2 1 
ATOM   472  N N   . VAL A 1 63  ? 4.957   -3.434  6.607   1.00 17.71 ? 64  VAL A N   1 
ATOM   473  C CA  . VAL A 1 63  ? 6.057   -3.481  5.662   1.00 16.23 ? 64  VAL A CA  1 
ATOM   474  C C   . VAL A 1 63  ? 5.418   -3.573  4.293   1.00 16.10 ? 64  VAL A C   1 
ATOM   475  O O   . VAL A 1 63  ? 4.582   -4.450  4.038   1.00 15.71 ? 64  VAL A O   1 
ATOM   476  C CB  . VAL A 1 63  ? 6.958   -4.707  5.872   1.00 17.62 ? 64  VAL A CB  1 
ATOM   477  C CG1 . VAL A 1 63  ? 8.034   -4.745  4.795   1.00 17.75 ? 64  VAL A CG1 1 
ATOM   478  C CG2 . VAL A 1 63  ? 7.584   -4.654  7.258   1.00 17.90 ? 64  VAL A CG2 1 
ATOM   479  N N   . ILE A 1 64  ? 5.786   -2.643  3.424   1.00 15.79 ? 65  ILE A N   1 
ATOM   480  C CA  . ILE A 1 64  ? 5.256   -2.632  2.076   1.00 16.27 ? 65  ILE A CA  1 
ATOM   481  C C   . ILE A 1 64  ? 6.371   -3.010  1.113   1.00 15.76 ? 65  ILE A C   1 
ATOM   482  O O   . ILE A 1 64  ? 7.464   -2.444  1.161   1.00 16.73 ? 65  ILE A O   1 
ATOM   483  C CB  . ILE A 1 64  ? 4.698   -1.247  1.724   1.00 16.69 ? 65  ILE A CB  1 
ATOM   484  C CG1 . ILE A 1 64  ? 3.540   -0.919  2.669   1.00 15.79 ? 65  ILE A CG1 1 
ATOM   485  C CG2 . ILE A 1 64  ? 4.252   -1.215  0.268   1.00 16.77 ? 65  ILE A CG2 1 
ATOM   486  C CD1 . ILE A 1 64  ? 2.861   0.401   2.391   1.00 16.05 ? 65  ILE A CD1 1 
ATOM   487  N N   . GLY A 1 65  ? 6.090   -3.983  0.251   1.00 15.76 ? 66  GLY A N   1 
ATOM   488  C CA  . GLY A 1 65  ? 7.070   -4.427  -0.718  1.00 15.52 ? 66  GLY A CA  1 
ATOM   489  C C   . GLY A 1 65  ? 6.672   -3.986  -2.112  1.00 16.07 ? 66  GLY A C   1 
ATOM   490  O O   . GLY A 1 65  ? 5.594   -3.423  -2.308  1.00 15.63 ? 66  GLY A O   1 
ATOM   491  N N   . GLY A 1 66  ? 7.546   -4.225  -3.081  1.00 15.48 ? 67  GLY A N   1 
ATOM   492  C CA  . GLY A 1 66  ? 7.221   -3.849  -4.442  1.00 16.42 ? 67  GLY A CA  1 
ATOM   493  C C   . GLY A 1 66  ? 7.757   -2.516  -4.909  1.00 17.29 ? 67  GLY A C   1 
ATOM   494  O O   . GLY A 1 66  ? 7.581   -2.170  -6.076  1.00 17.64 ? 67  GLY A O   1 
ATOM   495  N N   . PHE A 1 67  ? 8.405   -1.758  -4.028  1.00 17.43 ? 68  PHE A N   1 
ATOM   496  C CA  . PHE A 1 67  ? 8.964   -0.481  -4.457  1.00 18.98 ? 68  PHE A CA  1 
ATOM   497  C C   . PHE A 1 67  ? 10.023  -0.758  -5.517  1.00 20.25 ? 68  PHE A C   1 
ATOM   498  O O   . PHE A 1 67  ? 10.708  -1.785  -5.475  1.00 20.02 ? 68  PHE A O   1 
ATOM   499  C CB  . PHE A 1 67  ? 9.597   0.277   -3.291  1.00 18.27 ? 68  PHE A CB  1 
ATOM   500  C CG  . PHE A 1 67  ? 8.613   0.740   -2.259  1.00 18.01 ? 68  PHE A CG  1 
ATOM   501  C CD1 . PHE A 1 67  ? 8.372   -0.020  -1.124  1.00 16.93 ? 68  PHE A CD1 1 
ATOM   502  C CD2 . PHE A 1 67  ? 7.922   1.944   -2.423  1.00 17.87 ? 68  PHE A CD2 1 
ATOM   503  C CE1 . PHE A 1 67  ? 7.462   0.405   -0.161  1.00 17.09 ? 68  PHE A CE1 1 
ATOM   504  C CE2 . PHE A 1 67  ? 7.009   2.377   -1.466  1.00 17.83 ? 68  PHE A CE2 1 
ATOM   505  C CZ  . PHE A 1 67  ? 6.781   1.607   -0.332  1.00 17.44 ? 68  PHE A CZ  1 
ATOM   506  N N   . GLY A 1 68  ? 10.145  0.156   -6.474  1.00 22.21 ? 69  GLY A N   1 
ATOM   507  C CA  . GLY A 1 68  ? 11.114  -0.015  -7.539  1.00 25.48 ? 69  GLY A CA  1 
ATOM   508  C C   . GLY A 1 68  ? 10.529  -0.806  -8.691  1.00 27.61 ? 69  GLY A C   1 
ATOM   509  O O   . GLY A 1 68  ? 11.130  -0.890  -9.761  1.00 28.76 ? 69  GLY A O   1 
ATOM   510  N N   . ASP A 1 69  ? 9.353   -1.388  -8.473  1.00 29.57 ? 70  ASP A N   1 
ATOM   511  C CA  . ASP A 1 69  ? 8.686   -2.178  -9.500  1.00 31.20 ? 70  ASP A CA  1 
ATOM   512  C C   . ASP A 1 69  ? 8.680   -1.406  -10.813 1.00 32.14 ? 70  ASP A C   1 
ATOM   513  O O   . ASP A 1 69  ? 7.992   -0.395  -10.948 1.00 32.35 ? 70  ASP A O   1 
ATOM   514  C CB  . ASP A 1 69  ? 7.253   -2.503  -9.069  1.00 31.83 ? 70  ASP A CB  1 
ATOM   515  C CG  . ASP A 1 69  ? 6.536   -3.408  -10.054 1.00 32.55 ? 70  ASP A CG  1 
ATOM   516  O OD1 . ASP A 1 69  ? 5.458   -3.930  -9.697  1.00 33.51 ? 70  ASP A OD1 1 
ATOM   517  O OD2 . ASP A 1 69  ? 7.040   -3.596  -11.180 1.00 33.34 ? 70  ASP A OD2 1 
ATOM   518  N N   . PRO A 1 70  ? 9.453   -1.881  -11.800 1.00 33.16 ? 71  PRO A N   1 
ATOM   519  C CA  . PRO A 1 70  ? 9.558   -1.251  -13.119 1.00 33.63 ? 71  PRO A CA  1 
ATOM   520  C C   . PRO A 1 70  ? 8.223   -0.907  -13.778 1.00 33.64 ? 71  PRO A C   1 
ATOM   521  O O   . PRO A 1 70  ? 8.136   0.060   -14.534 1.00 34.45 ? 71  PRO A O   1 
ATOM   522  C CB  . PRO A 1 70  ? 10.352  -2.279  -13.922 1.00 33.78 ? 71  PRO A CB  1 
ATOM   523  C CG  . PRO A 1 70  ? 11.255  -2.873  -12.885 1.00 34.02 ? 71  PRO A CG  1 
ATOM   524  C CD  . PRO A 1 70  ? 10.302  -3.084  -11.729 1.00 33.45 ? 71  PRO A CD  1 
ATOM   525  N N   . LEU A 1 71  ? 7.187   -1.689  -13.489 1.00 33.69 ? 72  LEU A N   1 
ATOM   526  C CA  . LEU A 1 71  ? 5.871   -1.459  -14.080 1.00 33.26 ? 72  LEU A CA  1 
ATOM   527  C C   . LEU A 1 71  ? 4.995   -0.452  -13.340 1.00 32.93 ? 72  LEU A C   1 
ATOM   528  O O   . LEU A 1 71  ? 3.819   -0.290  -13.664 1.00 33.07 ? 72  LEU A O   1 
ATOM   529  C CB  . LEU A 1 71  ? 5.124   -2.788  -14.224 1.00 33.87 ? 72  LEU A CB  1 
ATOM   530  C CG  . LEU A 1 71  ? 5.307   -3.527  -15.557 1.00 34.36 ? 72  LEU A CG  1 
ATOM   531  C CD1 . LEU A 1 71  ? 6.780   -3.602  -15.923 1.00 34.51 ? 72  LEU A CD1 1 
ATOM   532  C CD2 . LEU A 1 71  ? 4.701   -4.919  -15.457 1.00 34.23 ? 72  LEU A CD2 1 
ATOM   533  N N   . ILE A 1 72  ? 5.567   0.228   -12.350 1.00 32.14 ? 73  ILE A N   1 
ATOM   534  C CA  . ILE A 1 72  ? 4.824   1.228   -11.589 1.00 31.41 ? 73  ILE A CA  1 
ATOM   535  C C   . ILE A 1 72  ? 5.515   2.584   -11.732 1.00 31.88 ? 73  ILE A C   1 
ATOM   536  O O   . ILE A 1 72  ? 6.684   2.736   -11.377 1.00 32.08 ? 73  ILE A O   1 
ATOM   537  C CB  . ILE A 1 72  ? 4.733   0.829   -10.091 1.00 30.60 ? 73  ILE A CB  1 
ATOM   538  C CG1 . ILE A 1 72  ? 3.947   -0.484  -9.956  1.00 29.95 ? 73  ILE A CG1 1 
ATOM   539  C CG2 . ILE A 1 72  ? 4.061   1.940   -9.291  1.00 30.13 ? 73  ILE A CG2 1 
ATOM   540  C CD1 . ILE A 1 72  ? 3.792   -0.983  -8.527  1.00 28.58 ? 73  ILE A CD1 1 
ATOM   541  N N   . CYS A 1 73  ? 4.789   3.562   -12.271 1.00 32.25 ? 74  CYS A N   1 
ATOM   542  C CA  . CYS A 1 73  ? 5.327   4.908   -12.482 1.00 33.13 ? 74  CYS A CA  1 
ATOM   543  C C   . CYS A 1 73  ? 6.039   5.468   -11.254 1.00 31.94 ? 74  CYS A C   1 
ATOM   544  O O   . CYS A 1 73  ? 7.269   5.487   -11.188 1.00 31.95 ? 74  CYS A O   1 
ATOM   545  C CB  . CYS A 1 73  ? 4.207   5.875   -12.888 1.00 34.65 ? 74  CYS A CB  1 
ATOM   546  S SG  . CYS A 1 73  ? 3.416   5.539   -14.483 1.00 40.24 ? 74  CYS A SG  1 
ATOM   547  N N   . ASP A 1 74  ? 5.255   5.934   -10.287 1.00 30.24 ? 75  ASP A N   1 
ATOM   548  C CA  . ASP A 1 74  ? 5.804   6.504   -9.062  1.00 28.64 ? 75  ASP A CA  1 
ATOM   549  C C   . ASP A 1 74  ? 5.987   5.353   -8.086  1.00 27.21 ? 75  ASP A C   1 
ATOM   550  O O   . ASP A 1 74  ? 5.076   5.009   -7.339  1.00 26.08 ? 75  ASP A O   1 
ATOM   551  C CB  . ASP A 1 74  ? 4.833   7.546   -8.506  1.00 28.78 ? 75  ASP A CB  1 
ATOM   552  C CG  . ASP A 1 74  ? 5.483   8.482   -7.521  1.00 29.50 ? 75  ASP A CG  1 
ATOM   553  O OD1 . ASP A 1 74  ? 4.954   9.596   -7.338  1.00 29.96 ? 75  ASP A OD1 1 
ATOM   554  O OD2 . ASP A 1 74  ? 6.517   8.111   -6.929  1.00 29.74 ? 75  ASP A OD2 1 
ATOM   555  N N   . ASN A 1 75  ? 7.180   4.769   -8.097  1.00 26.04 ? 76  ASN A N   1 
ATOM   556  C CA  . ASN A 1 75  ? 7.475   3.608   -7.268  1.00 25.28 ? 76  ASN A CA  1 
ATOM   557  C C   . ASN A 1 75  ? 8.643   3.735   -6.292  1.00 24.32 ? 76  ASN A C   1 
ATOM   558  O O   . ASN A 1 75  ? 9.084   2.732   -5.741  1.00 23.83 ? 76  ASN A O   1 
ATOM   559  C CB  . ASN A 1 75  ? 7.730   2.415   -8.192  1.00 26.19 ? 76  ASN A CB  1 
ATOM   560  C CG  . ASN A 1 75  ? 8.847   2.683   -9.194  1.00 27.71 ? 76  ASN A CG  1 
ATOM   561  O OD1 . ASN A 1 75  ? 9.138   1.855   -10.058 1.00 29.18 ? 76  ASN A OD1 1 
ATOM   562  N ND2 . ASN A 1 75  ? 9.482   3.844   -9.077  1.00 27.72 ? 76  ASN A ND2 1 
ATOM   563  N N   . GLN A 1 76  ? 9.135   4.949   -6.064  1.00 23.80 ? 77  GLN A N   1 
ATOM   564  C CA  . GLN A 1 76  ? 10.272  5.140   -5.161  1.00 23.62 ? 77  GLN A CA  1 
ATOM   565  C C   . GLN A 1 76  ? 9.944   5.969   -3.924  1.00 22.67 ? 77  GLN A C   1 
ATOM   566  O O   . GLN A 1 76  ? 9.131   6.889   -3.974  1.00 22.84 ? 77  GLN A O   1 
ATOM   567  C CB  . GLN A 1 76  ? 11.424  5.830   -5.902  1.00 24.63 ? 77  GLN A CB  1 
ATOM   568  C CG  . GLN A 1 76  ? 11.806  5.191   -7.224  1.00 26.22 ? 77  GLN A CG  1 
ATOM   569  C CD  . GLN A 1 76  ? 12.596  3.912   -7.061  1.00 26.84 ? 77  GLN A CD  1 
ATOM   570  O OE1 . GLN A 1 76  ? 12.881  3.223   -8.042  1.00 28.60 ? 77  GLN A OE1 1 
ATOM   571  N NE2 . GLN A 1 76  ? 12.965  3.589   -5.827  1.00 27.45 ? 77  GLN A NE2 1 
ATOM   572  N N   . VAL A 1 77  ? 10.598  5.645   -2.815  1.00 21.68 ? 78  VAL A N   1 
ATOM   573  C CA  . VAL A 1 77  ? 10.405  6.395   -1.582  1.00 20.75 ? 78  VAL A CA  1 
ATOM   574  C C   . VAL A 1 77  ? 11.716  6.524   -0.839  1.00 20.67 ? 78  VAL A C   1 
ATOM   575  O O   . VAL A 1 77  ? 12.643  5.734   -1.041  1.00 19.84 ? 78  VAL A O   1 
ATOM   576  C CB  . VAL A 1 77  ? 9.393   5.731   -0.615  1.00 21.17 ? 78  VAL A CB  1 
ATOM   577  C CG1 . VAL A 1 77  ? 7.996   5.765   -1.211  1.00 20.68 ? 78  VAL A CG1 1 
ATOM   578  C CG2 . VAL A 1 77  ? 9.830   4.313   -0.294  1.00 20.14 ? 78  VAL A CG2 1 
ATOM   579  N N   . SER A 1 78  ? 11.778  7.542   0.010   1.00 20.85 ? 79  SER A N   1 
ATOM   580  C CA  . SER A 1 78  ? 12.935  7.811   0.848   1.00 21.46 ? 79  SER A CA  1 
ATOM   581  C C   . SER A 1 78  ? 12.378  7.925   2.257   1.00 21.47 ? 79  SER A C   1 
ATOM   582  O O   . SER A 1 78  ? 11.172  8.090   2.444   1.00 21.48 ? 79  SER A O   1 
ATOM   583  C CB  . SER A 1 78  ? 13.601  9.135   0.454   1.00 22.28 ? 79  SER A CB  1 
ATOM   584  O OG  . SER A 1 78  ? 14.089  9.089   -0.875  1.00 23.47 ? 79  SER A OG  1 
ATOM   585  N N   . THR A 1 79  ? 13.249  7.841   3.251   1.00 21.44 ? 80  THR A N   1 
ATOM   586  C CA  . THR A 1 79  ? 12.816  7.940   4.633   1.00 22.51 ? 80  THR A CA  1 
ATOM   587  C C   . THR A 1 79  ? 12.122  9.275   4.893   1.00 22.01 ? 80  THR A C   1 
ATOM   588  O O   . THR A 1 79  ? 12.608  10.331  4.477   1.00 21.85 ? 80  THR A O   1 
ATOM   589  C CB  . THR A 1 79  ? 14.021  7.789   5.570   1.00 23.20 ? 80  THR A CB  1 
ATOM   590  O OG1 . THR A 1 79  ? 14.622  6.508   5.344   1.00 25.25 ? 80  THR A OG1 1 
ATOM   591  C CG2 . THR A 1 79  ? 13.589  7.886   7.027   1.00 24.65 ? 80  THR A CG2 1 
ATOM   592  N N   . GLY A 1 80  ? 10.978  9.221   5.572   1.00 21.30 ? 81  GLY A N   1 
ATOM   593  C CA  . GLY A 1 80  ? 10.241  10.432  5.878   1.00 20.09 ? 81  GLY A CA  1 
ATOM   594  C C   . GLY A 1 80  ? 9.141   10.749  4.887   1.00 19.75 ? 81  GLY A C   1 
ATOM   595  O O   . GLY A 1 80  ? 8.286   11.590  5.164   1.00 19.73 ? 81  GLY A O   1 
ATOM   596  N N   . ASP A 1 81  ? 9.155   10.090  3.732   1.00 19.44 ? 82  ASP A N   1 
ATOM   597  C CA  . ASP A 1 81  ? 8.130   10.327  2.717   1.00 19.01 ? 82  ASP A CA  1 
ATOM   598  C C   . ASP A 1 81  ? 6.756   9.932   3.213   1.00 18.40 ? 82  ASP A C   1 
ATOM   599  O O   . ASP A 1 81  ? 6.607   8.958   3.951   1.00 18.23 ? 82  ASP A O   1 
ATOM   600  C CB  . ASP A 1 81  ? 8.418   9.528   1.448   1.00 19.58 ? 82  ASP A CB  1 
ATOM   601  C CG  . ASP A 1 81  ? 9.475   10.168  0.583   1.00 20.69 ? 82  ASP A CG  1 
ATOM   602  O OD1 . ASP A 1 81  ? 9.854   9.546   -0.434  1.00 21.12 ? 82  ASP A OD1 1 
ATOM   603  O OD2 . ASP A 1 81  ? 9.914   11.290  0.917   1.00 21.23 ? 82  ASP A OD2 1 
ATOM   604  N N   . THR A 1 82  ? 5.747   10.691  2.804   1.00 17.67 ? 83  THR A N   1 
ATOM   605  C CA  . THR A 1 82  ? 4.388   10.367  3.188   1.00 17.32 ? 83  THR A CA  1 
ATOM   606  C C   . THR A 1 82  ? 3.624   10.154  1.895   1.00 16.72 ? 83  THR A C   1 
ATOM   607  O O   . THR A 1 82  ? 3.752   10.938  0.952   1.00 16.36 ? 83  THR A O   1 
ATOM   608  C CB  . THR A 1 82  ? 3.738   11.488  4.022   1.00 17.98 ? 83  THR A CB  1 
ATOM   609  O OG1 . THR A 1 82  ? 2.389   11.120  4.334   1.00 22.81 ? 83  THR A OG1 1 
ATOM   610  C CG2 . THR A 1 82  ? 3.729   12.782  3.270   1.00 16.00 ? 83  THR A CG2 1 
ATOM   611  N N   . ARG A 1 83  ? 2.834   9.089   1.847   1.00 15.52 ? 84  ARG A N   1 
ATOM   612  C CA  . ARG A 1 83  ? 2.090   8.775   0.640   1.00 15.33 ? 84  ARG A CA  1 
ATOM   613  C C   . ARG A 1 83  ? 0.801   8.042   0.926   1.00 15.01 ? 84  ARG A C   1 
ATOM   614  O O   . ARG A 1 83  ? 0.519   7.634   2.053   1.00 13.80 ? 84  ARG A O   1 
ATOM   615  C CB  . ARG A 1 83  ? 2.919   7.852   -0.259  1.00 15.50 ? 84  ARG A CB  1 
ATOM   616  C CG  . ARG A 1 83  ? 4.275   8.368   -0.666  1.00 16.47 ? 84  ARG A CG  1 
ATOM   617  C CD  . ARG A 1 83  ? 4.143   9.377   -1.794  1.00 17.31 ? 84  ARG A CD  1 
ATOM   618  N NE  . ARG A 1 83  ? 5.446   9.707   -2.358  1.00 18.90 ? 84  ARG A NE  1 
ATOM   619  C CZ  . ARG A 1 83  ? 6.262   10.634  -1.868  1.00 19.13 ? 84  ARG A CZ  1 
ATOM   620  N NH1 . ARG A 1 83  ? 7.434   10.857  -2.449  1.00 19.71 ? 84  ARG A NH1 1 
ATOM   621  N NH2 . ARG A 1 83  ? 5.907   11.346  -0.809  1.00 19.42 ? 84  ARG A NH2 1 
ATOM   622  N N   . ILE A 1 84  ? 0.017   7.901   -0.134  1.00 14.91 ? 85  ILE A N   1 
ATOM   623  C CA  . ILE A 1 84  ? -1.189  7.107   -0.096  1.00 14.69 ? 85  ILE A CA  1 
ATOM   624  C C   . ILE A 1 84  ? -0.646  5.887   -0.850  1.00 14.76 ? 85  ILE A C   1 
ATOM   625  O O   . ILE A 1 84  ? -0.112  6.013   -1.961  1.00 14.77 ? 85  ILE A O   1 
ATOM   626  C CB  . ILE A 1 84  ? -2.341  7.728   -0.893  1.00 15.39 ? 85  ILE A CB  1 
ATOM   627  C CG1 . ILE A 1 84  ? -2.756  9.059   -0.265  1.00 15.79 ? 85  ILE A CG1 1 
ATOM   628  C CG2 . ILE A 1 84  ? -3.521  6.759   -0.903  1.00 15.38 ? 85  ILE A CG2 1 
ATOM   629  C CD1 . ILE A 1 84  ? -3.903  9.753   -1.011  1.00 16.61 ? 85  ILE A CD1 1 
ATOM   630  N N   . PHE A 1 85  ? -0.723  4.723   -0.218  1.00 14.07 ? 86  PHE A N   1 
ATOM   631  C CA  . PHE A 1 85  ? -0.227  3.490   -0.800  1.00 14.27 ? 86  PHE A CA  1 
ATOM   632  C C   . PHE A 1 85  ? -1.352  2.567   -1.234  1.00 14.26 ? 86  PHE A C   1 
ATOM   633  O O   . PHE A 1 85  ? -2.233  2.251   -0.440  1.00 14.62 ? 86  PHE A O   1 
ATOM   634  C CB  . PHE A 1 85  ? 0.627   2.718   0.208   1.00 13.95 ? 86  PHE A CB  1 
ATOM   635  C CG  . PHE A 1 85  ? 1.791   3.491   0.748   1.00 13.68 ? 86  PHE A CG  1 
ATOM   636  C CD1 . PHE A 1 85  ? 1.609   4.439   1.754   1.00 13.44 ? 86  PHE A CD1 1 
ATOM   637  C CD2 . PHE A 1 85  ? 3.078   3.247   0.275   1.00 14.00 ? 86  PHE A CD2 1 
ATOM   638  C CE1 . PHE A 1 85  ? 2.695   5.136   2.290   1.00 13.37 ? 86  PHE A CE1 1 
ATOM   639  C CE2 . PHE A 1 85  ? 4.171   3.936   0.800   1.00 14.65 ? 86  PHE A CE2 1 
ATOM   640  C CZ  . PHE A 1 85  ? 3.979   4.884   1.811   1.00 13.95 ? 86  PHE A CZ  1 
ATOM   641  N N   . PHE A 1 86  ? -1.296  2.130   -2.489  1.00 14.68 ? 87  PHE A N   1 
ATOM   642  C CA  . PHE A 1 86  ? -2.277  1.208   -3.056  1.00 14.85 ? 87  PHE A CA  1 
ATOM   643  C C   . PHE A 1 86  ? -1.609  -0.156  -3.024  1.00 14.86 ? 87  PHE A C   1 
ATOM   644  O O   . PHE A 1 86  ? -0.665  -0.406  -3.771  1.00 14.94 ? 87  PHE A O   1 
ATOM   645  C CB  . PHE A 1 86  ? -2.603  1.600   -4.495  1.00 14.47 ? 87  PHE A CB  1 
ATOM   646  C CG  . PHE A 1 86  ? -3.455  2.829   -4.598  1.00 15.47 ? 87  PHE A CG  1 
ATOM   647  C CD1 . PHE A 1 86  ? -2.955  4.074   -4.223  1.00 15.57 ? 87  PHE A CD1 1 
ATOM   648  C CD2 . PHE A 1 86  ? -4.769  2.737   -5.039  1.00 15.73 ? 87  PHE A CD2 1 
ATOM   649  C CE1 . PHE A 1 86  ? -3.751  5.212   -4.282  1.00 16.64 ? 87  PHE A CE1 1 
ATOM   650  C CE2 . PHE A 1 86  ? -5.578  3.872   -5.104  1.00 16.44 ? 87  PHE A CE2 1 
ATOM   651  C CZ  . PHE A 1 86  ? -5.070  5.110   -4.725  1.00 16.44 ? 87  PHE A CZ  1 
ATOM   652  N N   . VAL A 1 87  ? -2.115  -1.039  -2.170  1.00 15.24 ? 88  VAL A N   1 
ATOM   653  C CA  . VAL A 1 87  ? -1.504  -2.344  -1.991  1.00 15.46 ? 88  VAL A CA  1 
ATOM   654  C C   . VAL A 1 87  ? -2.441  -3.543  -1.861  1.00 14.94 ? 88  VAL A C   1 
ATOM   655  O O   . VAL A 1 87  ? -3.664  -3.410  -1.781  1.00 15.84 ? 88  VAL A O   1 
ATOM   656  C CB  . VAL A 1 87  ? -0.620  -2.306  -0.719  1.00 14.70 ? 88  VAL A CB  1 
ATOM   657  C CG1 . VAL A 1 87  ? 0.534   -1.342  -0.911  1.00 15.31 ? 88  VAL A CG1 1 
ATOM   658  C CG2 . VAL A 1 87  ? -1.457  -1.849  0.461   1.00 15.44 ? 88  VAL A CG2 1 
ATOM   659  N N   . ASN A 1 88  ? -1.829  -4.721  -1.832  1.00 15.54 ? 89  ASN A N   1 
ATOM   660  C CA  . ASN A 1 88  ? -2.538  -5.980  -1.664  1.00 16.16 ? 89  ASN A CA  1 
ATOM   661  C C   . ASN A 1 88  ? -1.647  -6.868  -0.835  1.00 16.27 ? 89  ASN A C   1 
ATOM   662  O O   . ASN A 1 88  ? -0.425  -6.827  -0.976  1.00 16.71 ? 89  ASN A O   1 
ATOM   663  C CB  . ASN A 1 88  ? -2.770  -6.663  -3.003  1.00 16.30 ? 89  ASN A CB  1 
ATOM   664  C CG  . ASN A 1 88  ? -3.849  -6.007  -3.798  1.00 16.77 ? 89  ASN A CG  1 
ATOM   665  O OD1 . ASN A 1 88  ? -5.000  -5.942  -3.360  1.00 16.96 ? 89  ASN A OD1 1 
ATOM   666  N ND2 . ASN A 1 88  ? -3.493  -5.516  -4.981  1.00 16.87 ? 89  ASN A ND2 1 
ATOM   667  N N   . PRO A 1 89  ? -2.238  -7.667  0.058   1.00 16.63 ? 90  PRO A N   1 
ATOM   668  C CA  . PRO A 1 89  ? -1.407  -8.554  0.871   1.00 16.54 ? 90  PRO A CA  1 
ATOM   669  C C   . PRO A 1 89  ? -0.627  -9.441  -0.093  1.00 16.80 ? 90  PRO A C   1 
ATOM   670  O O   . PRO A 1 89  ? -1.154  -9.872  -1.116  1.00 16.77 ? 90  PRO A O   1 
ATOM   671  C CB  . PRO A 1 89  ? -2.433  -9.342  1.669   1.00 16.30 ? 90  PRO A CB  1 
ATOM   672  C CG  . PRO A 1 89  ? -3.538  -8.335  1.860   1.00 17.15 ? 90  PRO A CG  1 
ATOM   673  C CD  . PRO A 1 89  ? -3.649  -7.729  0.480   1.00 16.87 ? 90  PRO A CD  1 
ATOM   674  N N   . ALA A 1 90  ? 0.633   -9.699  0.221   1.00 17.13 ? 91  ALA A N   1 
ATOM   675  C CA  . ALA A 1 90  ? 1.449   -10.539 -0.634  1.00 18.15 ? 91  ALA A CA  1 
ATOM   676  C C   . ALA A 1 90  ? 0.881   -11.954 -0.678  1.00 18.60 ? 91  ALA A C   1 
ATOM   677  O O   . ALA A 1 90  ? 0.663   -12.575 0.361   1.00 17.82 ? 91  ALA A O   1 
ATOM   678  C CB  . ALA A 1 90  ? 2.882   -10.572 -0.117  1.00 17.38 ? 91  ALA A CB  1 
ATOM   679  N N   . PRO A 1 91  ? 0.615   -12.475 -1.883  1.00 19.62 ? 92  PRO A N   1 
ATOM   680  C CA  . PRO A 1 91  ? 0.076   -13.835 -2.014  1.00 20.59 ? 92  PRO A CA  1 
ATOM   681  C C   . PRO A 1 91  ? 1.129   -14.815 -1.501  1.00 20.73 ? 92  PRO A C   1 
ATOM   682  O O   . PRO A 1 91  ? 2.315   -14.495 -1.486  1.00 20.37 ? 92  PRO A O   1 
ATOM   683  C CB  . PRO A 1 91  ? -0.149  -13.977 -3.517  1.00 20.86 ? 92  PRO A CB  1 
ATOM   684  C CG  . PRO A 1 91  ? -0.399  -12.558 -3.959  1.00 21.01 ? 92  PRO A CG  1 
ATOM   685  C CD  . PRO A 1 91  ? 0.651   -11.797 -3.189  1.00 20.28 ? 92  PRO A CD  1 
ATOM   686  N N   . GLN A 1 92  ? 0.709   -16.003 -1.087  1.00 22.26 ? 93  GLN A N   1 
ATOM   687  C CA  . GLN A 1 92  ? 1.662   -16.979 -0.572  1.00 22.70 ? 93  GLN A CA  1 
ATOM   688  C C   . GLN A 1 92  ? 2.746   -17.403 -1.563  1.00 22.39 ? 93  GLN A C   1 
ATOM   689  O O   . GLN A 1 92  ? 3.833   -17.797 -1.149  1.00 22.29 ? 93  GLN A O   1 
ATOM   690  C CB  . GLN A 1 92  ? 0.933   -18.213 -0.032  1.00 24.17 ? 93  GLN A CB  1 
ATOM   691  C CG  . GLN A 1 92  ? 0.056   -17.907 1.174   1.00 26.15 ? 93  GLN A CG  1 
ATOM   692  C CD  . GLN A 1 92  ? -0.328  -19.145 1.967   1.00 27.25 ? 93  GLN A CD  1 
ATOM   693  O OE1 . GLN A 1 92  ? -1.236  -19.100 2.790   1.00 29.39 ? 93  GLN A OE1 1 
ATOM   694  N NE2 . GLN A 1 92  ? 0.372   -20.248 1.735   1.00 27.20 ? 93  GLN A NE2 1 
ATOM   695  N N   . TYR A 1 93  ? 2.479   -17.318 -2.865  1.00 22.04 ? 94  TYR A N   1 
ATOM   696  C CA  . TYR A 1 93  ? 3.508   -17.715 -3.823  1.00 21.93 ? 94  TYR A CA  1 
ATOM   697  C C   . TYR A 1 93  ? 4.689   -16.748 -3.746  1.00 21.44 ? 94  TYR A C   1 
ATOM   698  O O   . TYR A 1 93  ? 5.760   -17.014 -4.290  1.00 21.54 ? 94  TYR A O   1 
ATOM   699  C CB  . TYR A 1 93  ? 2.938   -17.793 -5.249  1.00 22.07 ? 94  TYR A CB  1 
ATOM   700  C CG  . TYR A 1 93  ? 2.687   -16.472 -5.937  1.00 22.32 ? 94  TYR A CG  1 
ATOM   701  C CD1 . TYR A 1 93  ? 3.719   -15.797 -6.587  1.00 22.49 ? 94  TYR A CD1 1 
ATOM   702  C CD2 . TYR A 1 93  ? 1.410   -15.917 -5.976  1.00 22.47 ? 94  TYR A CD2 1 
ATOM   703  C CE1 . TYR A 1 93  ? 3.484   -14.607 -7.265  1.00 22.52 ? 94  TYR A CE1 1 
ATOM   704  C CE2 . TYR A 1 93  ? 1.163   -14.726 -6.647  1.00 22.60 ? 94  TYR A CE2 1 
ATOM   705  C CZ  . TYR A 1 93  ? 2.202   -14.078 -7.290  1.00 23.04 ? 94  TYR A CZ  1 
ATOM   706  O OH  . TYR A 1 93  ? 1.958   -12.907 -7.970  1.00 23.39 ? 94  TYR A OH  1 
ATOM   707  N N   . MET A 1 94  ? 4.486   -15.626 -3.057  1.00 20.64 ? 95  MET A N   1 
ATOM   708  C CA  . MET A 1 94  ? 5.539   -14.636 -2.873  1.00 20.70 ? 95  MET A CA  1 
ATOM   709  C C   . MET A 1 94  ? 6.247   -14.818 -1.540  1.00 20.82 ? 95  MET A C   1 
ATOM   710  O O   . MET A 1 94  ? 7.123   -14.025 -1.178  1.00 21.22 ? 95  MET A O   1 
ATOM   711  C CB  . MET A 1 94  ? 4.969   -13.226 -2.928  1.00 19.80 ? 95  MET A CB  1 
ATOM   712  C CG  . MET A 1 94  ? 4.630   -12.770 -4.320  1.00 20.72 ? 95  MET A CG  1 
ATOM   713  S SD  . MET A 1 94  ? 4.242   -11.025 -4.314  1.00 19.40 ? 95  MET A SD  1 
ATOM   714  C CE  . MET A 1 94  ? 3.434   -10.907 -5.926  1.00 19.84 ? 95  MET A CE  1 
ATOM   715  N N   . TRP A 1 95  ? 5.851   -15.851 -0.804  1.00 20.50 ? 96  TRP A N   1 
ATOM   716  C CA  . TRP A 1 95  ? 6.457   -16.149 0.484   1.00 20.87 ? 96  TRP A CA  1 
ATOM   717  C C   . TRP A 1 95  ? 7.602   -17.116 0.210   1.00 21.26 ? 96  TRP A C   1 
ATOM   718  O O   . TRP A 1 95  ? 7.556   -17.874 -0.753  1.00 21.81 ? 96  TRP A O   1 
ATOM   719  C CB  . TRP A 1 95  ? 5.431   -16.816 1.410   1.00 20.56 ? 96  TRP A CB  1 
ATOM   720  C CG  . TRP A 1 95  ? 4.287   -15.925 1.831   1.00 21.03 ? 96  TRP A CG  1 
ATOM   721  C CD1 . TRP A 1 95  ? 3.916   -14.733 1.269   1.00 21.37 ? 96  TRP A CD1 1 
ATOM   722  C CD2 . TRP A 1 95  ? 3.351   -16.177 2.885   1.00 21.11 ? 96  TRP A CD2 1 
ATOM   723  N NE1 . TRP A 1 95  ? 2.809   -14.229 1.910   1.00 20.91 ? 96  TRP A NE1 1 
ATOM   724  C CE2 . TRP A 1 95  ? 2.440   -15.098 2.905   1.00 21.82 ? 96  TRP A CE2 1 
ATOM   725  C CE3 . TRP A 1 95  ? 3.190   -17.215 3.813   1.00 22.17 ? 96  TRP A CE3 1 
ATOM   726  C CZ2 . TRP A 1 95  ? 1.383   -15.025 3.819   1.00 22.20 ? 96  TRP A CZ2 1 
ATOM   727  C CZ3 . TRP A 1 95  ? 2.140   -17.144 4.720   1.00 22.72 ? 96  TRP A CZ3 1 
ATOM   728  C CH2 . TRP A 1 95  ? 1.250   -16.055 4.715   1.00 22.79 ? 96  TRP A CH2 1 
ATOM   729  N N   . PRO A 1 96  ? 8.622   -17.140 1.079   1.00 21.31 ? 97  PRO A N   1 
ATOM   730  C CA  . PRO A 1 96  ? 8.786   -16.343 2.299   1.00 21.61 ? 97  PRO A CA  1 
ATOM   731  C C   . PRO A 1 96  ? 9.281   -14.908 2.122   1.00 21.42 ? 97  PRO A C   1 
ATOM   732  O O   . PRO A 1 96  ? 9.158   -14.095 3.035   1.00 21.48 ? 97  PRO A O   1 
ATOM   733  C CB  . PRO A 1 96  ? 9.774   -17.174 3.104   1.00 21.92 ? 97  PRO A CB  1 
ATOM   734  C CG  . PRO A 1 96  ? 10.686  -17.686 2.030   1.00 22.26 ? 97  PRO A CG  1 
ATOM   735  C CD  . PRO A 1 96  ? 9.696   -18.147 0.972   1.00 22.09 ? 97  PRO A CD  1 
ATOM   736  N N   . ALA A 1 97  ? 9.843   -14.599 0.960   1.00 21.28 ? 98  ALA A N   1 
ATOM   737  C CA  . ALA A 1 97  ? 10.381  -13.266 0.715   1.00 21.21 ? 98  ALA A CA  1 
ATOM   738  C C   . ALA A 1 97  ? 9.463   -12.119 1.129   1.00 21.09 ? 98  ALA A C   1 
ATOM   739  O O   . ALA A 1 97  ? 9.905   -11.162 1.762   1.00 21.50 ? 98  ALA A O   1 
ATOM   740  C CB  . ALA A 1 97  ? 10.760  -13.117 -0.758  1.00 21.41 ? 98  ALA A CB  1 
ATOM   741  N N   . HIS A 1 98  ? 8.185   -12.219 0.786   1.00 20.24 ? 99  HIS A N   1 
ATOM   742  C CA  . HIS A 1 98  ? 7.255   -11.145 1.108   1.00 19.29 ? 99  HIS A CA  1 
ATOM   743  C C   . HIS A 1 98  ? 6.179   -11.508 2.103   1.00 19.21 ? 99  HIS A C   1 
ATOM   744  O O   . HIS A 1 98  ? 5.125   -10.879 2.155   1.00 18.43 ? 99  HIS A O   1 
ATOM   745  C CB  . HIS A 1 98  ? 6.633   -10.627 -0.182  1.00 19.04 ? 99  HIS A CB  1 
ATOM   746  C CG  . HIS A 1 98  ? 7.651   -10.127 -1.154  1.00 18.03 ? 99  HIS A CG  1 
ATOM   747  N ND1 . HIS A 1 98  ? 8.261   -8.898  -1.022  1.00 18.26 ? 99  HIS A ND1 1 
ATOM   748  C CD2 . HIS A 1 98  ? 8.242   -10.730 -2.212  1.00 18.59 ? 99  HIS A CD2 1 
ATOM   749  C CE1 . HIS A 1 98  ? 9.184   -8.766  -1.957  1.00 18.88 ? 99  HIS A CE1 1 
ATOM   750  N NE2 . HIS A 1 98  ? 9.193   -9.863  -2.692  1.00 18.55 ? 99  HIS A NE2 1 
ATOM   751  N N   . ARG A 1 99  ? 6.446   -12.518 2.917   1.00 18.89 ? 100 ARG A N   1 
ATOM   752  C CA  . ARG A 1 99  ? 5.466   -12.897 3.911   1.00 19.31 ? 100 ARG A CA  1 
ATOM   753  C C   . ARG A 1 99  ? 5.155   -11.716 4.825   1.00 18.70 ? 100 ARG A C   1 
ATOM   754  O O   . ARG A 1 99  ? 6.058   -10.990 5.257   1.00 18.05 ? 100 ARG A O   1 
ATOM   755  C CB  . ARG A 1 99  ? 5.982   -14.056 4.748   1.00 20.00 ? 100 ARG A CB  1 
ATOM   756  C CG  . ARG A 1 99  ? 5.057   -14.401 5.887   1.00 21.22 ? 100 ARG A CG  1 
ATOM   757  C CD  . ARG A 1 99  ? 5.390   -15.748 6.449   1.00 22.95 ? 100 ARG A CD  1 
ATOM   758  N NE  . ARG A 1 99  ? 4.369   -16.188 7.386   1.00 23.45 ? 100 ARG A NE  1 
ATOM   759  C CZ  . ARG A 1 99  ? 4.201   -17.452 7.747   1.00 23.34 ? 100 ARG A CZ  1 
ATOM   760  N NH1 . ARG A 1 99  ? 3.248   -17.773 8.610   1.00 24.19 ? 100 ARG A NH1 1 
ATOM   761  N NH2 . ARG A 1 99  ? 4.982   -18.393 7.233   1.00 23.36 ? 100 ARG A NH2 1 
ATOM   762  N N   . ASN A 1 100 ? 3.869   -11.531 5.102   1.00 19.17 ? 101 ASN A N   1 
ATOM   763  C CA  . ASN A 1 100 ? 3.385   -10.465 5.974   1.00 19.69 ? 101 ASN A CA  1 
ATOM   764  C C   . ASN A 1 100 ? 3.603   -9.060  5.428   1.00 19.43 ? 101 ASN A C   1 
ATOM   765  O O   . ASN A 1 100 ? 3.615   -8.095  6.185   1.00 20.84 ? 101 ASN A O   1 
ATOM   766  C CB  . ASN A 1 100 ? 4.029   -10.570 7.359   1.00 20.65 ? 101 ASN A CB  1 
ATOM   767  C CG  . ASN A 1 100 ? 3.238   -9.835  8.425   1.00 21.90 ? 101 ASN A CG  1 
ATOM   768  O OD1 . ASN A 1 100 ? 2.033   -10.043 8.563   1.00 22.87 ? 101 ASN A OD1 1 
ATOM   769  N ND2 . ASN A 1 100 ? 3.913   -8.978  9.190   1.00 22.39 ? 101 ASN A ND2 1 
ATOM   770  N N   . GLU A 1 101 ? 3.768   -8.950  4.115   1.00 19.00 ? 102 GLU A N   1 
ATOM   771  C CA  . GLU A 1 101 ? 3.964   -7.651  3.490   1.00 18.21 ? 102 GLU A CA  1 
ATOM   772  C C   . GLU A 1 101 ? 2.764   -7.267  2.651   1.00 18.01 ? 102 GLU A C   1 
ATOM   773  O O   . GLU A 1 101 ? 2.013   -8.124  2.182   1.00 18.15 ? 102 GLU A O   1 
ATOM   774  C CB  . GLU A 1 101 ? 5.194   -7.657  2.570   1.00 18.97 ? 102 GLU A CB  1 
ATOM   775  C CG  . GLU A 1 101 ? 6.522   -7.744  3.296   1.00 19.33 ? 102 GLU A CG  1 
ATOM   776  C CD  . GLU A 1 101 ? 7.713   -7.567  2.368   1.00 20.60 ? 102 GLU A CD  1 
ATOM   777  O OE1 . GLU A 1 101 ? 8.855   -7.626  2.862   1.00 21.98 ? 102 GLU A OE1 1 
ATOM   778  O OE2 . GLU A 1 101 ? 7.514   -7.370  1.152   1.00 19.84 ? 102 GLU A OE2 1 
ATOM   779  N N   . LEU A 1 102 ? 2.588   -5.964  2.484   1.00 17.30 ? 103 LEU A N   1 
ATOM   780  C CA  . LEU A 1 102 ? 1.543   -5.427  1.630   1.00 17.35 ? 103 LEU A CA  1 
ATOM   781  C C   . LEU A 1 102 ? 2.354   -5.071  0.391   1.00 17.90 ? 103 LEU A C   1 
ATOM   782  O O   . LEU A 1 102 ? 3.401   -4.434  0.500   1.00 19.38 ? 103 LEU A O   1 
ATOM   783  C CB  . LEU A 1 102 ? 0.921   -4.182  2.263   1.00 16.52 ? 103 LEU A CB  1 
ATOM   784  C CG  . LEU A 1 102 ? 0.015   -4.470  3.471   1.00 16.20 ? 103 LEU A CG  1 
ATOM   785  C CD1 . LEU A 1 102 ? -0.418  -3.170  4.133   1.00 16.05 ? 103 LEU A CD1 1 
ATOM   786  C CD2 . LEU A 1 102 ? -1.195  -5.278  3.014   1.00 16.49 ? 103 LEU A CD2 1 
ATOM   787  N N   . MET A 1 103 ? 1.895   -5.498  -0.776  1.00 17.30 ? 104 MET A N   1 
ATOM   788  C CA  . MET A 1 103 ? 2.627   -5.237  -2.005  1.00 17.11 ? 104 MET A CA  1 
ATOM   789  C C   . MET A 1 103 ? 2.050   -4.093  -2.815  1.00 17.43 ? 104 MET A C   1 
ATOM   790  O O   . MET A 1 103 ? 0.839   -4.022  -3.036  1.00 17.06 ? 104 MET A O   1 
ATOM   791  C CB  . MET A 1 103 ? 2.664   -6.500  -2.870  1.00 17.37 ? 104 MET A CB  1 
ATOM   792  C CG  . MET A 1 103 ? 3.276   -7.714  -2.182  1.00 18.22 ? 104 MET A CG  1 
ATOM   793  S SD  . MET A 1 103 ? 5.000   -7.446  -1.735  1.00 18.94 ? 104 MET A SD  1 
ATOM   794  C CE  . MET A 1 103 ? 5.720   -7.461  -3.325  1.00 19.91 ? 104 MET A CE  1 
ATOM   795  N N   . LEU A 1 104 ? 2.933   -3.208  -3.264  1.00 16.98 ? 105 LEU A N   1 
ATOM   796  C CA  . LEU A 1 104 ? 2.539   -2.062  -4.066  1.00 17.82 ? 105 LEU A CA  1 
ATOM   797  C C   . LEU A 1 104 ? 1.855   -2.568  -5.335  1.00 17.95 ? 105 LEU A C   1 
ATOM   798  O O   . LEU A 1 104 ? 2.384   -3.434  -6.046  1.00 17.95 ? 105 LEU A O   1 
ATOM   799  C CB  . LEU A 1 104 ? 3.781   -1.242  -4.418  1.00 18.53 ? 105 LEU A CB  1 
ATOM   800  C CG  . LEU A 1 104 ? 3.582   0.224   -4.795  1.00 20.16 ? 105 LEU A CG  1 
ATOM   801  C CD1 . LEU A 1 104 ? 2.981   0.992   -3.613  1.00 19.53 ? 105 LEU A CD1 1 
ATOM   802  C CD2 . LEU A 1 104 ? 4.936   0.809   -5.191  1.00 20.17 ? 105 LEU A CD2 1 
ATOM   803  N N   . ASN A 1 105 ? 0.676   -2.022  -5.615  1.00 18.77 ? 106 ASN A N   1 
ATOM   804  C CA  . ASN A 1 105 ? -0.088  -2.426  -6.783  1.00 19.04 ? 106 ASN A CA  1 
ATOM   805  C C   . ASN A 1 105 ? -0.060  -1.364  -7.864  1.00 19.30 ? 106 ASN A C   1 
ATOM   806  O O   . ASN A 1 105 ? -0.175  -1.676  -9.046  1.00 19.40 ? 106 ASN A O   1 
ATOM   807  C CB  . ASN A 1 105 ? -1.542  -2.714  -6.398  1.00 20.17 ? 106 ASN A CB  1 
ATOM   808  C CG  . ASN A 1 105 ? -2.380  -3.156  -7.588  1.00 21.13 ? 106 ASN A CG  1 
ATOM   809  O OD1 . ASN A 1 105 ? -3.083  -2.352  -8.205  1.00 22.17 ? 106 ASN A OD1 1 
ATOM   810  N ND2 . ASN A 1 105 ? -2.289  -4.435  -7.928  1.00 21.75 ? 106 ASN A ND2 1 
ATOM   811  N N   . SER A 1 106 ? 0.083   -0.111  -7.451  1.00 18.87 ? 107 SER A N   1 
ATOM   812  C CA  . SER A 1 106 ? 0.117   0.997   -8.394  1.00 19.65 ? 107 SER A CA  1 
ATOM   813  C C   . SER A 1 106 ? 0.858   2.198   -7.814  1.00 19.95 ? 107 SER A C   1 
ATOM   814  O O   . SER A 1 106 ? 1.313   2.176   -6.666  1.00 19.42 ? 107 SER A O   1 
ATOM   815  C CB  . SER A 1 106 ? -1.306  1.401   -8.779  1.00 19.61 ? 107 SER A CB  1 
ATOM   816  O OG  . SER A 1 106 ? -1.997  1.921   -7.661  1.00 20.96 ? 107 SER A OG  1 
ATOM   817  N N   . SER A 1 107 ? 0.961   3.253   -8.614  1.00 20.19 ? 108 SER A N   1 
ATOM   818  C CA  . SER A 1 107 ? 1.677   4.453   -8.216  1.00 20.49 ? 108 SER A CA  1 
ATOM   819  C C   . SER A 1 107 ? 1.389   5.051   -6.849  1.00 20.24 ? 108 SER A C   1 
ATOM   820  O O   . SER A 1 107 ? 0.252   5.095   -6.382  1.00 19.30 ? 108 SER A O   1 
ATOM   821  C CB  . SER A 1 107 ? 1.499   5.538   -9.279  1.00 22.41 ? 108 SER A CB  1 
ATOM   822  O OG  . SER A 1 107 ? 2.265   5.237   -10.431 1.00 24.62 ? 108 SER A OG  1 
ATOM   823  N N   . LEU A 1 108 ? 2.455   5.516   -6.209  1.00 19.86 ? 109 LEU A N   1 
ATOM   824  C CA  . LEU A 1 108 ? 2.347   6.165   -4.912  1.00 20.36 ? 109 LEU A CA  1 
ATOM   825  C C   . LEU A 1 108 ? 1.697   7.526   -5.156  1.00 20.37 ? 109 LEU A C   1 
ATOM   826  O O   . LEU A 1 108 ? 1.894   8.122   -6.217  1.00 20.86 ? 109 LEU A O   1 
ATOM   827  C CB  . LEU A 1 108 ? 3.742   6.359   -4.324  1.00 19.66 ? 109 LEU A CB  1 
ATOM   828  C CG  . LEU A 1 108 ? 4.516   5.060   -4.097  1.00 19.63 ? 109 LEU A CG  1 
ATOM   829  C CD1 . LEU A 1 108 ? 6.003   5.359   -3.962  1.00 19.72 ? 109 LEU A CD1 1 
ATOM   830  C CD2 . LEU A 1 108 ? 3.977   4.358   -2.864  1.00 20.16 ? 109 LEU A CD2 1 
ATOM   831  N N   . MET A 1 109 ? 0.920   8.009   -4.188  1.00 20.21 ? 110 MET A N   1 
ATOM   832  C CA  . MET A 1 109 ? 0.248   9.311   -4.304  1.00 20.70 ? 110 MET A CA  1 
ATOM   833  C C   . MET A 1 109 ? 0.621   10.218  -3.134  1.00 20.71 ? 110 MET A C   1 
ATOM   834  O O   . MET A 1 109 ? 0.829   9.749   -2.019  1.00 20.06 ? 110 MET A O   1 
ATOM   835  C CB  . MET A 1 109 ? -1.278  9.150   -4.314  1.00 21.84 ? 110 MET A CB  1 
ATOM   836  C CG  . MET A 1 109 ? -1.872  8.527   -5.564  1.00 23.76 ? 110 MET A CG  1 
ATOM   837  S SD  . MET A 1 109 ? -3.687  8.494   -5.505  1.00 25.62 ? 110 MET A SD  1 
ATOM   838  C CE  . MET A 1 109 ? -4.045  10.189  -5.622  1.00 26.10 ? 110 MET A CE  1 
ATOM   839  N N   . ARG A 1 110 ? 0.681   11.522  -3.383  1.00 20.52 ? 111 ARG A N   1 
ATOM   840  C CA  . ARG A 1 110 ? 1.025   12.470  -2.329  1.00 21.22 ? 111 ARG A CA  1 
ATOM   841  C C   . ARG A 1 110 ? -0.150  12.703  -1.386  1.00 20.50 ? 111 ARG A C   1 
ATOM   842  O O   . ARG A 1 110 ? -1.312  12.497  -1.746  1.00 20.18 ? 111 ARG A O   1 
ATOM   843  C CB  . ARG A 1 110 ? 1.442   13.808  -2.938  1.00 23.40 ? 111 ARG A CB  1 
ATOM   844  C CG  . ARG A 1 110 ? 2.490   13.685  -4.021  1.00 26.23 ? 111 ARG A CG  1 
ATOM   845  C CD  . ARG A 1 110 ? 3.842   13.294  -3.467  1.00 28.68 ? 111 ARG A CD  1 
ATOM   846  N NE  . ARG A 1 110 ? 4.649   12.654  -4.504  1.00 31.32 ? 111 ARG A NE  1 
ATOM   847  C CZ  . ARG A 1 110 ? 5.972   12.564  -4.486  1.00 32.88 ? 111 ARG A CZ  1 
ATOM   848  N NH1 . ARG A 1 110 ? 6.662   13.083  -3.479  1.00 34.64 ? 111 ARG A NH1 1 
ATOM   849  N NH2 . ARG A 1 110 ? 6.603   11.949  -5.479  1.00 33.66 ? 111 ARG A NH2 1 
ATOM   850  N N   . ILE A 1 111 ? 0.154   13.146  -0.174  1.00 19.66 ? 112 ILE A N   1 
ATOM   851  C CA  . ILE A 1 111 ? -0.889  13.412  0.799   1.00 19.45 ? 112 ILE A CA  1 
ATOM   852  C C   . ILE A 1 111 ? -1.408  14.838  0.630   1.00 18.86 ? 112 ILE A C   1 
ATOM   853  O O   . ILE A 1 111 ? -0.739  15.793  1.015   1.00 19.41 ? 112 ILE A O   1 
ATOM   854  C CB  . ILE A 1 111 ? -0.368  13.250  2.248   1.00 19.76 ? 112 ILE A CB  1 
ATOM   855  C CG1 . ILE A 1 111 ? 0.167   11.831  2.458   1.00 20.81 ? 112 ILE A CG1 1 
ATOM   856  C CG2 . ILE A 1 111 ? -1.493  13.520  3.242   1.00 19.68 ? 112 ILE A CG2 1 
ATOM   857  C CD1 . ILE A 1 111 ? -0.868  10.759  2.255   1.00 21.66 ? 112 ILE A CD1 1 
ATOM   858  N N   . THR A 1 112 ? -2.578  14.969  0.009   1.00 18.53 ? 113 THR A N   1 
ATOM   859  C CA  . THR A 1 112 ? -3.229  16.263  -0.177  1.00 18.65 ? 113 THR A CA  1 
ATOM   860  C C   . THR A 1 112 ? -4.703  15.983  0.076   1.00 18.08 ? 113 THR A C   1 
ATOM   861  O O   . THR A 1 112 ? -5.165  14.857  -0.143  1.00 17.97 ? 113 THR A O   1 
ATOM   862  C CB  . THR A 1 112 ? -3.077  16.817  -1.626  1.00 18.71 ? 113 THR A CB  1 
ATOM   863  O OG1 . THR A 1 112 ? -3.751  15.954  -2.548  1.00 19.48 ? 113 THR A OG1 1 
ATOM   864  C CG2 . THR A 1 112 ? -1.609  16.934  -2.016  1.00 19.92 ? 113 THR A CG2 1 
ATOM   865  N N   . LEU A 1 113 ? -5.445  16.983  0.545   1.00 17.52 ? 114 LEU A N   1 
ATOM   866  C CA  . LEU A 1 113 ? -6.862  16.779  0.799   1.00 18.14 ? 114 LEU A CA  1 
ATOM   867  C C   . LEU A 1 113 ? -7.568  16.352  -0.471  1.00 18.57 ? 114 LEU A C   1 
ATOM   868  O O   . LEU A 1 113 ? -8.495  15.546  -0.429  1.00 18.74 ? 114 LEU A O   1 
ATOM   869  C CB  . LEU A 1 113 ? -7.524  18.050  1.354   1.00 18.13 ? 114 LEU A CB  1 
ATOM   870  C CG  . LEU A 1 113 ? -7.160  18.414  2.794   1.00 17.40 ? 114 LEU A CG  1 
ATOM   871  C CD1 . LEU A 1 113 ? -8.196  19.400  3.353   1.00 18.17 ? 114 LEU A CD1 1 
ATOM   872  C CD2 . LEU A 1 113 ? -7.128  17.153  3.647   1.00 16.82 ? 114 LEU A CD2 1 
ATOM   873  N N   . ARG A 1 114 ? -7.126  16.894  -1.601  1.00 19.23 ? 115 ARG A N   1 
ATOM   874  C CA  . ARG A 1 114 ? -7.731  16.555  -2.883  1.00 19.92 ? 115 ARG A CA  1 
ATOM   875  C C   . ARG A 1 114 ? -7.591  15.057  -3.162  1.00 18.94 ? 115 ARG A C   1 
ATOM   876  O O   . ARG A 1 114 ? -8.560  14.389  -3.504  1.00 18.62 ? 115 ARG A O   1 
ATOM   877  C CB  . ARG A 1 114 ? -7.066  17.357  -4.000  1.00 21.81 ? 115 ARG A CB  1 
ATOM   878  C CG  . ARG A 1 114 ? -7.843  17.349  -5.304  1.00 25.86 ? 115 ARG A CG  1 
ATOM   879  C CD  . ARG A 1 114 ? -7.168  18.230  -6.345  1.00 28.76 ? 115 ARG A CD  1 
ATOM   880  N NE  . ARG A 1 114 ? -8.127  18.754  -7.318  1.00 32.62 ? 115 ARG A NE  1 
ATOM   881  C CZ  . ARG A 1 114 ? -9.060  19.659  -7.034  1.00 33.77 ? 115 ARG A CZ  1 
ATOM   882  N NH1 . ARG A 1 114 ? -9.165  20.147  -5.805  1.00 34.86 ? 115 ARG A NH1 1 
ATOM   883  N NH2 . ARG A 1 114 ? -9.892  20.077  -7.979  1.00 34.99 ? 115 ARG A NH2 1 
ATOM   884  N N   . ASN A 1 115 ? -6.376  14.538  -3.027  1.00 18.55 ? 116 ASN A N   1 
ATOM   885  C CA  . ASN A 1 115 ? -6.131  13.117  -3.256  1.00 18.04 ? 116 ASN A CA  1 
ATOM   886  C C   . ASN A 1 115 ? -6.909  12.290  -2.236  1.00 17.57 ? 116 ASN A C   1 
ATOM   887  O O   . ASN A 1 115 ? -7.538  11.293  -2.578  1.00 18.32 ? 116 ASN A O   1 
ATOM   888  C CB  . ASN A 1 115 ? -4.631  12.816  -3.149  1.00 17.83 ? 116 ASN A CB  1 
ATOM   889  C CG  . ASN A 1 115 ? -3.856  13.271  -4.374  1.00 19.05 ? 116 ASN A CG  1 
ATOM   890  O OD1 . ASN A 1 115 ? -2.629  13.392  -4.338  1.00 20.61 ? 116 ASN A OD1 1 
ATOM   891  N ND2 . ASN A 1 115 ? -4.566  13.504  -5.474  1.00 18.73 ? 116 ASN A ND2 1 
ATOM   892  N N   . LEU A 1 116 ? -6.868  12.711  -0.979  1.00 17.60 ? 117 LEU A N   1 
ATOM   893  C CA  . LEU A 1 116 ? -7.592  11.997  0.063   1.00 17.88 ? 117 LEU A CA  1 
ATOM   894  C C   . LEU A 1 116 ? -9.079  11.931  -0.279  1.00 18.31 ? 117 LEU A C   1 
ATOM   895  O O   . LEU A 1 116 ? -9.670  10.853  -0.291  1.00 18.97 ? 117 LEU A O   1 
ATOM   896  C CB  . LEU A 1 116 ? -7.374  12.684  1.413   1.00 17.75 ? 117 LEU A CB  1 
ATOM   897  C CG  . LEU A 1 116 ? -5.960  12.517  1.982   1.00 17.68 ? 117 LEU A CG  1 
ATOM   898  C CD1 . LEU A 1 116 ? -5.729  13.477  3.137   1.00 17.71 ? 117 LEU A CD1 1 
ATOM   899  C CD2 . LEU A 1 116 ? -5.768  11.071  2.429   1.00 18.16 ? 117 LEU A CD2 1 
ATOM   900  N N   . GLU A 1 117 ? -9.681  13.080  -0.576  1.00 18.91 ? 118 GLU A N   1 
ATOM   901  C CA  . GLU A 1 117 ? -11.103 13.111  -0.918  1.00 19.39 ? 118 GLU A CA  1 
ATOM   902  C C   . GLU A 1 117 ? -11.402 12.275  -2.155  1.00 19.42 ? 118 GLU A C   1 
ATOM   903  O O   . GLU A 1 117 ? -12.376 11.524  -2.179  1.00 20.38 ? 118 GLU A O   1 
ATOM   904  C CB  . GLU A 1 117 ? -11.575 14.551  -1.160  1.00 19.15 ? 118 GLU A CB  1 
ATOM   905  C CG  . GLU A 1 117 ? -11.500 15.452  0.070   1.00 19.42 ? 118 GLU A CG  1 
ATOM   906  C CD  . GLU A 1 117 ? -11.885 16.898  -0.228  1.00 20.23 ? 118 GLU A CD  1 
ATOM   907  O OE1 . GLU A 1 117 ? -11.494 17.420  -1.296  1.00 20.82 ? 118 GLU A OE1 1 
ATOM   908  O OE2 . GLU A 1 117 ? -12.565 17.516  0.614   1.00 19.20 ? 118 GLU A OE2 1 
ATOM   909  N N   . GLU A 1 118 ? -10.565 12.401  -3.182  1.00 20.02 ? 119 GLU A N   1 
ATOM   910  C CA  . GLU A 1 118 ? -10.783 11.657  -4.413  1.00 20.87 ? 119 GLU A CA  1 
ATOM   911  C C   . GLU A 1 118 ? -10.678 10.150  -4.221  1.00 20.47 ? 119 GLU A C   1 
ATOM   912  O O   . GLU A 1 118 ? -11.524 9.399   -4.706  1.00 21.16 ? 119 GLU A O   1 
ATOM   913  C CB  . GLU A 1 118 ? -9.819  12.136  -5.504  1.00 21.94 ? 119 GLU A CB  1 
ATOM   914  C CG  . GLU A 1 118 ? -10.109 13.565  -5.936  1.00 24.51 ? 119 GLU A CG  1 
ATOM   915  C CD  . GLU A 1 118 ? -9.304  14.016  -7.142  1.00 26.53 ? 119 GLU A CD  1 
ATOM   916  O OE1 . GLU A 1 118 ? -9.584  15.127  -7.638  1.00 27.69 ? 119 GLU A OE1 1 
ATOM   917  O OE2 . GLU A 1 118 ? -8.400  13.275  -7.591  1.00 26.97 ? 119 GLU A OE2 1 
ATOM   918  N N   . VAL A 1 119 ? -9.651  9.700   -3.515  1.00 19.85 ? 120 VAL A N   1 
ATOM   919  C CA  . VAL A 1 119 ? -9.509  8.271   -3.283  1.00 19.44 ? 120 VAL A CA  1 
ATOM   920  C C   . VAL A 1 119 ? -10.699 7.784   -2.459  1.00 20.04 ? 120 VAL A C   1 
ATOM   921  O O   . VAL A 1 119 ? -11.316 6.773   -2.793  1.00 19.36 ? 120 VAL A O   1 
ATOM   922  C CB  . VAL A 1 119 ? -8.195  7.952   -2.544  1.00 18.92 ? 120 VAL A CB  1 
ATOM   923  C CG1 . VAL A 1 119 ? -8.165  6.485   -2.139  1.00 19.26 ? 120 VAL A CG1 1 
ATOM   924  C CG2 . VAL A 1 119 ? -7.011  8.275   -3.450  1.00 19.19 ? 120 VAL A CG2 1 
ATOM   925  N N   . GLU A 1 120 ? -11.033 8.517   -1.398  1.00 20.52 ? 121 GLU A N   1 
ATOM   926  C CA  . GLU A 1 120 ? -12.162 8.155   -0.546  1.00 22.34 ? 121 GLU A CA  1 
ATOM   927  C C   . GLU A 1 120 ? -13.456 8.076   -1.343  1.00 23.55 ? 121 GLU A C   1 
ATOM   928  O O   . GLU A 1 120 ? -14.296 7.210   -1.088  1.00 23.22 ? 121 GLU A O   1 
ATOM   929  C CB  . GLU A 1 120 ? -12.337 9.163   0.587   1.00 22.59 ? 121 GLU A CB  1 
ATOM   930  C CG  . GLU A 1 120 ? -11.389 8.963   1.753   1.00 23.18 ? 121 GLU A CG  1 
ATOM   931  C CD  . GLU A 1 120 ? -11.596 9.986   2.857   1.00 24.59 ? 121 GLU A CD  1 
ATOM   932  O OE1 . GLU A 1 120 ? -11.049 9.782   3.964   1.00 24.47 ? 121 GLU A OE1 1 
ATOM   933  O OE2 . GLU A 1 120 ? -12.303 10.994  2.620   1.00 24.19 ? 121 GLU A OE2 1 
ATOM   934  N N   . HIS A 1 121 ? -13.619 8.977   -2.305  1.00 24.86 ? 122 HIS A N   1 
ATOM   935  C CA  . HIS A 1 121 ? -14.827 8.965   -3.118  1.00 27.04 ? 122 HIS A CA  1 
ATOM   936  C C   . HIS A 1 121 ? -14.896 7.688   -3.961  1.00 27.05 ? 122 HIS A C   1 
ATOM   937  O O   . HIS A 1 121 ? -15.954 7.079   -4.065  1.00 27.31 ? 122 HIS A O   1 
ATOM   938  C CB  . HIS A 1 121 ? -14.882 10.202  -4.021  1.00 29.14 ? 122 HIS A CB  1 
ATOM   939  C CG  . HIS A 1 121 ? -16.189 10.935  -3.956  1.00 32.56 ? 122 HIS A CG  1 
ATOM   940  N ND1 . HIS A 1 121 ? -17.404 10.312  -4.151  1.00 33.80 ? 122 HIS A ND1 1 
ATOM   941  C CD2 . HIS A 1 121 ? -16.470 12.239  -3.716  1.00 33.78 ? 122 HIS A CD2 1 
ATOM   942  C CE1 . HIS A 1 121 ? -18.377 11.200  -4.033  1.00 34.80 ? 122 HIS A CE1 1 
ATOM   943  N NE2 . HIS A 1 121 ? -17.837 12.377  -3.770  1.00 34.88 ? 122 HIS A NE2 1 
ATOM   944  N N   . CYS A 1 122 ? -13.775 7.277   -4.556  1.00 27.22 ? 123 CYS A N   1 
ATOM   945  C CA  . CYS A 1 122 ? -13.752 6.054   -5.364  1.00 28.14 ? 123 CYS A CA  1 
ATOM   946  C C   . CYS A 1 122 ? -14.011 4.831   -4.492  1.00 27.32 ? 123 CYS A C   1 
ATOM   947  O O   . CYS A 1 122 ? -14.714 3.902   -4.895  1.00 26.71 ? 123 CYS A O   1 
ATOM   948  C CB  . CYS A 1 122 ? -12.401 5.873   -6.067  1.00 29.43 ? 123 CYS A CB  1 
ATOM   949  S SG  . CYS A 1 122 ? -12.057 7.041   -7.392  1.00 34.98 ? 123 CYS A SG  1 
ATOM   950  N N   . VAL A 1 123 ? -13.425 4.823   -3.299  1.00 26.21 ? 124 VAL A N   1 
ATOM   951  C CA  . VAL A 1 123 ? -13.615 3.700   -2.395  1.00 26.40 ? 124 VAL A CA  1 
ATOM   952  C C   . VAL A 1 123 ? -15.086 3.612   -1.998  1.00 27.59 ? 124 VAL A C   1 
ATOM   953  O O   . VAL A 1 123 ? -15.673 2.528   -1.989  1.00 27.58 ? 124 VAL A O   1 
ATOM   954  C CB  . VAL A 1 123 ? -12.759 3.849   -1.120  1.00 25.31 ? 124 VAL A CB  1 
ATOM   955  C CG1 . VAL A 1 123 ? -13.052 2.705   -0.161  1.00 24.37 ? 124 VAL A CG1 1 
ATOM   956  C CG2 . VAL A 1 123 ? -11.281 3.866   -1.491  1.00 23.90 ? 124 VAL A CG2 1 
ATOM   957  N N   . GLU A 1 124 ? -15.676 4.762   -1.685  1.00 29.41 ? 125 GLU A N   1 
ATOM   958  C CA  . GLU A 1 124 ? -17.076 4.826   -1.277  1.00 31.59 ? 125 GLU A CA  1 
ATOM   959  C C   . GLU A 1 124 ? -17.987 4.417   -2.427  1.00 33.12 ? 125 GLU A C   1 
ATOM   960  O O   . GLU A 1 124 ? -18.893 3.598   -2.255  1.00 32.54 ? 125 GLU A O   1 
ATOM   961  C CB  . GLU A 1 124 ? -17.419 6.245   -0.810  1.00 32.31 ? 125 GLU A CB  1 
ATOM   962  C CG  . GLU A 1 124 ? -18.881 6.454   -0.433  1.00 33.68 ? 125 GLU A CG  1 
ATOM   963  C CD  . GLU A 1 124 ? -19.314 5.628   0.766   1.00 34.60 ? 125 GLU A CD  1 
ATOM   964  O OE1 . GLU A 1 124 ? -20.508 5.692   1.132   1.00 35.66 ? 125 GLU A OE1 1 
ATOM   965  O OE2 . GLU A 1 124 ? -18.467 4.916   1.345   1.00 35.37 ? 125 GLU A OE2 1 
ATOM   966  N N   . GLU A 1 125 ? -17.743 4.993   -3.598  1.00 34.90 ? 126 GLU A N   1 
ATOM   967  C CA  . GLU A 1 125 ? -18.533 4.672   -4.782  1.00 37.27 ? 126 GLU A CA  1 
ATOM   968  C C   . GLU A 1 125 ? -18.569 3.159   -4.963  1.00 38.11 ? 126 GLU A C   1 
ATOM   969  O O   . GLU A 1 125 ? -19.639 2.555   -5.043  1.00 38.37 ? 126 GLU A O   1 
ATOM   970  C CB  . GLU A 1 125 ? -17.904 5.325   -6.017  1.00 38.21 ? 126 GLU A CB  1 
ATOM   971  C CG  . GLU A 1 125 ? -18.682 6.497   -6.594  1.00 40.19 ? 126 GLU A CG  1 
ATOM   972  C CD  . GLU A 1 125 ? -19.718 6.064   -7.615  1.00 41.29 ? 126 GLU A CD  1 
ATOM   973  O OE1 . GLU A 1 125 ? -20.376 6.946   -8.210  1.00 42.26 ? 126 GLU A OE1 1 
ATOM   974  O OE2 . GLU A 1 125 ? -19.874 4.842   -7.828  1.00 42.30 ? 126 GLU A OE2 1 
ATOM   975  N N   . HIS A 1 126 ? -17.387 2.555   -5.009  1.00 39.22 ? 127 HIS A N   1 
ATOM   976  C CA  . HIS A 1 126 ? -17.260 1.117   -5.188  1.00 40.80 ? 127 HIS A CA  1 
ATOM   977  C C   . HIS A 1 126 ? -17.902 0.332   -4.042  1.00 41.70 ? 127 HIS A C   1 
ATOM   978  O O   . HIS A 1 126 ? -18.478 -0.733  -4.261  1.00 41.37 ? 127 HIS A O   1 
ATOM   979  C CB  . HIS A 1 126 ? -15.778 0.750   -5.333  1.00 41.17 ? 127 HIS A CB  1 
ATOM   980  C CG  . HIS A 1 126 ? -15.529 -0.708  -5.560  1.00 41.86 ? 127 HIS A CG  1 
ATOM   981  N ND1 . HIS A 1 126 ? -16.314 -1.476  -6.393  1.00 41.86 ? 127 HIS A ND1 1 
ATOM   982  C CD2 . HIS A 1 126 ? -14.572 -1.534  -5.077  1.00 42.01 ? 127 HIS A CD2 1 
ATOM   983  C CE1 . HIS A 1 126 ? -15.853 -2.714  -6.411  1.00 42.07 ? 127 HIS A CE1 1 
ATOM   984  N NE2 . HIS A 1 126 ? -14.795 -2.775  -5.622  1.00 42.19 ? 127 HIS A NE2 1 
ATOM   985  N N   . ARG A 1 127 ? -17.812 0.860   -2.826  1.00 42.91 ? 128 ARG A N   1 
ATOM   986  C CA  . ARG A 1 127 ? -18.404 0.191   -1.672  1.00 44.45 ? 128 ARG A CA  1 
ATOM   987  C C   . ARG A 1 127 ? -19.919 0.149   -1.834  1.00 45.59 ? 128 ARG A C   1 
ATOM   988  O O   . ARG A 1 127 ? -20.569 -0.824  -1.456  1.00 45.21 ? 128 ARG A O   1 
ATOM   989  C CB  . ARG A 1 127 ? -18.061 0.932   -0.378  1.00 44.47 ? 128 ARG A CB  1 
ATOM   990  C CG  . ARG A 1 127 ? -18.509 0.203   0.880   1.00 44.78 ? 128 ARG A CG  1 
ATOM   991  C CD  . ARG A 1 127 ? -18.450 1.111   2.099   1.00 45.40 ? 128 ARG A CD  1 
ATOM   992  N NE  . ARG A 1 127 ? -19.449 2.175   2.026   1.00 45.74 ? 128 ARG A NE  1 
ATOM   993  C CZ  . ARG A 1 127 ? -20.761 1.972   2.085   1.00 45.98 ? 128 ARG A CZ  1 
ATOM   994  N NH1 . ARG A 1 127 ? -21.598 3.000   2.008   1.00 46.03 ? 128 ARG A NH1 1 
ATOM   995  N NH2 . ARG A 1 127 ? -21.241 0.743   2.230   1.00 45.93 ? 128 ARG A NH2 1 
ATOM   996  N N   . LYS A 1 128 ? -20.473 1.219   -2.397  1.00 47.42 ? 129 LYS A N   1 
ATOM   997  C CA  . LYS A 1 128 ? -21.911 1.318   -2.613  1.00 49.58 ? 129 LYS A CA  1 
ATOM   998  C C   . LYS A 1 128 ? -22.395 0.278   -3.621  1.00 50.88 ? 129 LYS A C   1 
ATOM   999  O O   . LYS A 1 128 ? -22.501 0.552   -4.816  1.00 50.79 ? 129 LYS A O   1 
ATOM   1000 C CB  . LYS A 1 128 ? -22.271 2.727   -3.095  1.00 49.81 ? 129 LYS A CB  1 
ATOM   1001 C CG  . LYS A 1 128 ? -21.947 3.826   -2.087  1.00 50.50 ? 129 LYS A CG  1 
ATOM   1002 C CD  . LYS A 1 128 ? -22.149 5.220   -2.677  1.00 51.10 ? 129 LYS A CD  1 
ATOM   1003 C CE  . LYS A 1 128 ? -23.606 5.482   -3.016  1.00 51.60 ? 129 LYS A CE  1 
ATOM   1004 N NZ  . LYS A 1 128 ? -24.471 5.439   -1.804  1.00 52.08 ? 129 LYS A NZ  1 
ATOM   1005 N N   . LEU A 1 129 ? -22.678 -0.921  -3.122  1.00 52.62 ? 130 LEU A N   1 
ATOM   1006 C CA  . LEU A 1 129 ? -23.161 -2.013  -3.957  1.00 54.12 ? 130 LEU A CA  1 
ATOM   1007 C C   . LEU A 1 129 ? -24.635 -2.225  -3.640  1.00 55.15 ? 130 LEU A C   1 
ATOM   1008 O O   . LEU A 1 129 ? -25.476 -2.291  -4.539  1.00 55.63 ? 130 LEU A O   1 
ATOM   1009 C CB  . LEU A 1 129 ? -22.375 -3.293  -3.664  1.00 54.09 ? 130 LEU A CB  1 
ATOM   1010 C CG  . LEU A 1 129 ? -20.863 -3.230  -3.893  1.00 54.16 ? 130 LEU A CG  1 
ATOM   1011 C CD1 . LEU A 1 129 ? -20.235 -4.567  -3.535  1.00 54.11 ? 130 LEU A CD1 1 
ATOM   1012 C CD2 . LEU A 1 129 ? -20.577 -2.877  -5.342  1.00 54.39 ? 130 LEU A CD2 1 
ATOM   1013 N N   . LEU A 1 130 ? -24.940 -2.328  -2.351  1.00 56.27 ? 131 LEU A N   1 
ATOM   1014 C CA  . LEU A 1 130 ? -26.311 -2.514  -1.906  1.00 56.96 ? 131 LEU A CA  1 
ATOM   1015 C C   . LEU A 1 130 ? -27.029 -1.187  -2.116  1.00 57.68 ? 131 LEU A C   1 
ATOM   1016 O O   . LEU A 1 130 ? -28.170 -1.144  -2.580  1.00 57.91 ? 131 LEU A O   1 
ATOM   1017 C CB  . LEU A 1 130 ? -26.344 -2.895  -0.423  1.00 57.00 ? 131 LEU A CB  1 
ATOM   1018 C CG  . LEU A 1 130 ? -25.569 -4.140  0.024   1.00 56.88 ? 131 LEU A CG  1 
ATOM   1019 C CD1 . LEU A 1 130 ? -24.074 -3.926  -0.178  1.00 56.75 ? 131 LEU A CD1 1 
ATOM   1020 C CD2 . LEU A 1 130 ? -25.864 -4.423  1.491   1.00 56.72 ? 131 LEU A CD2 1 
ATOM   1021 N N   . ALA A 1 131 ? -26.338 -0.103  -1.774  1.00 57.85 ? 132 ALA A N   1 
ATOM   1022 C CA  . ALA A 1 131 ? -26.881 1.240   -1.919  1.00 58.29 ? 132 ALA A CA  1 
ATOM   1023 C C   . ALA A 1 131 ? -26.503 1.812   -3.281  1.00 58.25 ? 132 ALA A C   1 
ATOM   1024 O O   . ALA A 1 131 ? -25.876 2.893   -3.312  1.00 58.62 ? 132 ALA A O   1 
ATOM   1025 C CB  . ALA A 1 131 ? -26.350 2.135   -0.807  1.00 58.01 ? 132 ALA A CB  1 
ATOM   1026 O OXT . ALA A 1 131 ? -26.841 1.170   -4.301  1.00 58.25 ? 132 ALA A OXT 1 
HETATM 1027 O O   . HOH B 2 .   ? 2.748   13.539  0.417   1.00 19.75 ? 133 HOH A O   1 
HETATM 1028 O O   . HOH B 2 .   ? 2.214   8.237   9.295   1.00 15.67 ? 134 HOH A O   1 
HETATM 1029 O O   . HOH B 2 .   ? -3.610  -7.100  12.349  1.00 24.43 ? 135 HOH A O   1 
HETATM 1030 O O   . HOH B 2 .   ? 0.523   3.260   -4.255  1.00 17.95 ? 136 HOH A O   1 
HETATM 1031 O O   . HOH B 2 .   ? -14.284 16.589  2.218   1.00 20.04 ? 137 HOH A O   1 
HETATM 1032 O O   . HOH B 2 .   ? -12.141 5.681   2.833   1.00 21.38 ? 138 HOH A O   1 
HETATM 1033 O O   . HOH B 2 .   ? 6.322   13.411  1.777   1.00 23.29 ? 139 HOH A O   1 
HETATM 1034 O O   . HOH B 2 .   ? 9.933   -5.788  -2.606  1.00 19.29 ? 140 HOH A O   1 
HETATM 1035 O O   . HOH B 2 .   ? 7.059   8.593   -4.403  1.00 21.65 ? 141 HOH A O   1 
HETATM 1036 O O   . HOH B 2 .   ? -5.614  19.314  -1.753  1.00 20.66 ? 142 HOH A O   1 
HETATM 1037 O O   . HOH B 2 .   ? -3.289  17.150  -4.890  1.00 25.47 ? 143 HOH A O   1 
HETATM 1038 O O   . HOH B 2 .   ? 15.967  7.430   2.559   1.00 26.56 ? 144 HOH A O   1 
HETATM 1039 O O   . HOH B 2 .   ? 11.877  -6.637  -0.727  1.00 22.01 ? 145 HOH A O   1 
HETATM 1040 O O   . HOH B 2 .   ? -10.968 0.466   5.650   1.00 20.94 ? 146 HOH A O   1 
HETATM 1041 O O   . HOH B 2 .   ? -0.431  -5.470  -5.099  1.00 21.38 ? 147 HOH A O   1 
HETATM 1042 O O   . HOH B 2 .   ? -3.821  -0.177  -7.205  1.00 20.55 ? 148 HOH A O   1 
HETATM 1043 O O   . HOH B 2 .   ? 4.430   -5.165  -6.771  1.00 26.10 ? 149 HOH A O   1 
HETATM 1044 O O   . HOH B 2 .   ? 8.432   -7.794  -5.829  1.00 23.52 ? 150 HOH A O   1 
HETATM 1045 O O   . HOH B 2 .   ? -10.915 -3.938  0.690   1.00 24.41 ? 151 HOH A O   1 
HETATM 1046 O O   . HOH B 2 .   ? -0.269  -17.934 -3.345  1.00 29.60 ? 152 HOH A O   1 
HETATM 1047 O O   . HOH B 2 .   ? 2.262   14.717  4.715   1.00 22.31 ? 153 HOH A O   1 
HETATM 1048 O O   . HOH B 2 .   ? 5.288   12.200  8.713   1.00 23.12 ? 154 HOH A O   1 
HETATM 1049 O O   . HOH B 2 .   ? -7.768  4.379   9.852   1.00 22.94 ? 155 HOH A O   1 
HETATM 1050 O O   . HOH B 2 .   ? -1.602  -7.092  14.066  1.00 25.95 ? 156 HOH A O   1 
HETATM 1051 O O   . HOH B 2 .   ? 7.482   -10.375 -5.475  1.00 24.17 ? 157 HOH A O   1 
HETATM 1052 O O   . HOH B 2 .   ? 3.420   -5.731  7.237   1.00 27.84 ? 158 HOH A O   1 
HETATM 1053 O O   . HOH B 2 .   ? -2.196  -16.672 -1.519  1.00 27.74 ? 159 HOH A O   1 
HETATM 1054 O O   . HOH B 2 .   ? 0.152   12.410  -6.067  1.00 27.29 ? 160 HOH A O   1 
HETATM 1055 O O   . HOH B 2 .   ? -14.356 6.062   1.501   1.00 25.90 ? 161 HOH A O   1 
HETATM 1056 O O   . HOH B 2 .   ? 19.143  -9.021  -8.965  1.00 23.94 ? 162 HOH A O   1 
HETATM 1057 O O   . HOH B 2 .   ? 13.701  -1.825  -9.843  1.00 37.86 ? 163 HOH A O   1 
HETATM 1058 O O   . HOH B 2 .   ? 1.500   -11.244 3.332   1.00 25.40 ? 164 HOH A O   1 
HETATM 1059 O O   . HOH B 2 .   ? -3.370  -5.078  -10.540 1.00 29.09 ? 165 HOH A O   1 
HETATM 1060 O O   . HOH B 2 .   ? -14.283 0.359   -2.386  1.00 31.09 ? 166 HOH A O   1 
HETATM 1061 O O   . HOH B 2 .   ? -2.590  0.441   11.967  1.00 29.39 ? 167 HOH A O   1 
HETATM 1062 O O   . HOH B 2 .   ? -12.117 -5.037  2.819   1.00 37.72 ? 168 HOH A O   1 
HETATM 1063 O O   . HOH B 2 .   ? 8.897   7.544   -7.311  1.00 28.21 ? 169 HOH A O   1 
HETATM 1064 O O   . HOH B 2 .   ? -2.455  -12.509 3.389   1.00 40.93 ? 170 HOH A O   1 
HETATM 1065 O O   . HOH B 2 .   ? -3.353  -10.601 -2.100  1.00 35.94 ? 171 HOH A O   1 
HETATM 1066 O O   . HOH B 2 .   ? 6.955   -17.848 4.884   1.00 29.07 ? 172 HOH A O   1 
HETATM 1067 O O   . HOH B 2 .   ? -6.478  11.704  -6.839  1.00 38.75 ? 173 HOH A O   1 
HETATM 1068 O O   . HOH B 2 .   ? 10.224  -15.926 -1.719  1.00 23.37 ? 174 HOH A O   1 
HETATM 1069 O O   . HOH B 2 .   ? 8.480   13.251  -1.026  1.00 30.88 ? 175 HOH A O   1 
HETATM 1070 O O   . HOH B 2 .   ? 4.946   -20.287 -0.797  1.00 37.78 ? 176 HOH A O   1 
HETATM 1071 O O   . HOH B 2 .   ? 11.832  12.784  -0.332  1.00 41.50 ? 177 HOH A O   1 
HETATM 1072 O O   . HOH B 2 .   ? 10.663  8.682   9.383   1.00 42.08 ? 178 HOH A O   1 
HETATM 1073 O O   . HOH B 2 .   ? -11.549 7.266   4.843   1.00 25.49 ? 179 HOH A O   1 
HETATM 1074 O O   . HOH B 2 .   ? -9.228  -10.982 5.714   1.00 36.12 ? 180 HOH A O   1 
HETATM 1075 O O   . HOH B 2 .   ? 14.902  11.293  3.234   1.00 31.56 ? 181 HOH A O   1 
HETATM 1076 O O   . HOH B 2 .   ? 16.886  10.420  -0.503  1.00 32.04 ? 182 HOH A O   1 
HETATM 1077 O O   . HOH B 2 .   ? 7.858   12.567  7.617   1.00 28.43 ? 183 HOH A O   1 
HETATM 1078 O O   . HOH B 2 .   ? -11.699 17.432  -4.035  1.00 35.19 ? 184 HOH A O   1 
HETATM 1079 O O   . HOH B 2 .   ? -0.181  -11.329 -7.772  1.00 36.09 ? 185 HOH A O   1 
HETATM 1080 O O   . HOH B 2 .   ? -16.221 4.170   2.065   1.00 27.24 ? 186 HOH A O   1 
HETATM 1081 O O   . HOH B 2 .   ? -15.280 1.393   2.415   1.00 30.27 ? 187 HOH A O   1 
HETATM 1082 O O   . HOH B 2 .   ? 16.982  10.016  2.119   1.00 28.88 ? 188 HOH A O   1 
HETATM 1083 O O   . HOH B 2 .   ? 7.909   -12.970 -4.614  1.00 32.25 ? 189 HOH A O   1 
HETATM 1084 O O   . HOH B 2 .   ? -15.696 7.930   2.845   1.00 43.60 ? 190 HOH A O   1 
HETATM 1085 O O   . HOH B 2 .   ? -4.975  7.443   12.680  1.00 41.05 ? 191 HOH A O   1 
HETATM 1086 O O   . HOH B 2 .   ? 10.319  -13.901 -3.841  1.00 38.75 ? 192 HOH A O   1 
HETATM 1087 O O   . HOH B 2 .   ? 14.112  12.791  1.089   1.00 45.87 ? 193 HOH A O   1 
HETATM 1088 O O   . HOH B 2 .   ? -10.762 3.277   8.664   1.00 54.43 ? 194 HOH A O   1 
HETATM 1089 O O   . HOH B 2 .   ? -12.091 6.169   -16.759 1.00 44.90 ? 195 HOH A O   1 
HETATM 1090 O O   . HOH B 2 .   ? 12.903  -16.947 -1.554  1.00 43.12 ? 196 HOH A O   1 
HETATM 1091 O O   . HOH B 2 .   ? 2.649   -21.462 -1.861  1.00 45.21 ? 197 HOH A O   1 
HETATM 1092 O O   . HOH B 2 .   ? 1.201   -12.883 7.827   1.00 40.78 ? 198 HOH A O   1 
HETATM 1093 O O   . HOH B 2 .   ? 13.062  -15.426 2.427   1.00 49.36 ? 199 HOH A O   1 
HETATM 1094 O O   . HOH B 2 .   ? -2.622  -21.146 3.401   1.00 33.03 ? 200 HOH A O   1 
HETATM 1095 O O   . HOH B 2 .   ? 13.024  -13.097 -3.770  1.00 34.94 ? 201 HOH A O   1 
HETATM 1096 O O   . HOH B 2 .   ? 9.518   10.956  9.842   1.00 39.75 ? 202 HOH A O   1 
HETATM 1097 O O   . HOH B 2 .   ? 11.387  12.191  2.830   1.00 32.18 ? 203 HOH A O   1 
HETATM 1098 O O   . HOH B 2 .   ? 12.038  -9.354  -0.213  1.00 31.40 ? 204 HOH A O   1 
HETATM 1099 O O   . HOH B 2 .   ? 4.723   2.218   16.231  1.00 60.75 ? 205 HOH A O   1 
HETATM 1100 O O   . HOH B 2 .   ? -14.813 12.719  -0.916  1.00 31.88 ? 206 HOH A O   1 
HETATM 1101 O O   . HOH B 2 .   ? 9.094   -8.064  5.600   1.00 40.19 ? 207 HOH A O   1 
HETATM 1102 O O   . HOH B 2 .   ? -1.137  14.741  -6.428  1.00 45.82 ? 208 HOH A O   1 
HETATM 1103 O O   . HOH B 2 .   ? 1.004   -4.413  16.537  1.00 34.62 ? 209 HOH A O   1 
HETATM 1104 O O   . HOH B 2 .   ? 2.168   3.068   -13.368 1.00 33.14 ? 210 HOH A O   1 
HETATM 1105 O O   . HOH B 2 .   ? -7.756  8.924   -12.653 1.00 43.89 ? 211 HOH A O   1 
HETATM 1106 O O   . HOH B 2 .   ? -5.450  -6.734  -8.051  1.00 30.38 ? 212 HOH A O   1 
HETATM 1107 O O   . HOH B 2 .   ? -3.566  -1.170  -10.680 1.00 29.33 ? 213 HOH A O   1 
HETATM 1108 O O   . HOH B 2 .   ? -12.824 1.677   3.953   1.00 39.94 ? 214 HOH A O   1 
HETATM 1109 O O   . HOH B 2 .   ? 1.088   7.113   15.117  1.00 36.82 ? 215 HOH A O   1 
HETATM 1110 O O   . HOH B 2 .   ? 3.591   10.565  -5.313  1.00 33.96 ? 216 HOH A O   1 
HETATM 1111 O O   . HOH B 2 .   ? 0.296   -0.693  -11.726 1.00 33.06 ? 217 HOH A O   1 
HETATM 1112 O O   . HOH B 2 .   ? -12.817 10.463  -6.800  1.00 40.68 ? 218 HOH A O   1 
HETATM 1113 O O   . HOH B 2 .   ? -1.740  -13.618 1.145   1.00 35.46 ? 219 HOH A O   1 
HETATM 1114 O O   . HOH B 2 .   ? 3.569   -4.728  -11.220 1.00 53.61 ? 220 HOH A O   1 
HETATM 1115 O O   . HOH B 2 .   ? -4.444  -4.775  13.139  1.00 34.38 ? 221 HOH A O   1 
HETATM 1116 O O   . HOH B 2 .   ? -10.313 -3.701  10.861  1.00 34.30 ? 222 HOH A O   1 
HETATM 1117 O O   . HOH B 2 .   ? 4.095   -5.344  10.184  1.00 31.49 ? 223 HOH A O   1 
HETATM 1118 O O   . HOH B 2 .   ? 18.165  -2.745  3.724   1.00 60.61 ? 224 HOH A O   1 
HETATM 1119 O O   . HOH B 2 .   ? 10.942  9.828   -3.075  1.00 47.13 ? 225 HOH A O   1 
HETATM 1120 O O   . HOH B 2 .   ? 11.235  -8.101  2.132   1.00 35.60 ? 226 HOH A O   1 
HETATM 1121 O O   . HOH B 2 .   ? -5.435  -8.649  -5.347  1.00 40.89 ? 227 HOH A O   1 
HETATM 1122 O O   . HOH B 2 .   ? -2.038  7.488   14.449  1.00 40.85 ? 228 HOH A O   1 
HETATM 1123 O O   . HOH B 2 .   ? 17.510  -6.227  -9.072  1.00 30.26 ? 229 HOH A O   1 
HETATM 1124 O O   . HOH B 2 .   ? -8.904  -6.011  -6.389  1.00 45.92 ? 230 HOH A O   1 
HETATM 1125 O O   . HOH B 2 .   ? -4.331  -4.621  -14.577 1.00 32.95 ? 231 HOH A O   1 
HETATM 1126 O O   . HOH B 2 .   ? -8.323  -10.647 13.134  1.00 47.95 ? 232 HOH A O   1 
HETATM 1127 O O   . HOH B 2 .   ? 1.185   16.308  2.939   1.00 29.88 ? 233 HOH A O   1 
HETATM 1128 O O   . HOH B 2 .   ? 9.820   -14.824 5.738   1.00 40.18 ? 234 HOH A O   1 
HETATM 1129 O O   . HOH B 2 .   ? -6.984  6.076   -18.113 1.00 60.11 ? 235 HOH A O   1 
HETATM 1130 O O   . HOH B 2 .   ? 14.459  -10.169 -0.293  1.00 45.42 ? 236 HOH A O   1 
HETATM 1131 O O   . HOH B 2 .   ? -6.633  3.251   12.021  1.00 44.10 ? 237 HOH A O   1 
HETATM 1132 O O   . HOH B 2 .   ? 14.177  0.954   -8.250  1.00 44.38 ? 238 HOH A O   1 
HETATM 1133 O O   . HOH B 2 .   ? 9.031   -0.621  14.074  1.00 56.65 ? 239 HOH A O   1 
HETATM 1134 O O   . HOH B 2 .   ? 7.375   -14.991 -6.112  1.00 34.32 ? 240 HOH A O   1 
HETATM 1135 O O   . HOH B 2 .   ? -2.791  -16.225 1.570   1.00 50.64 ? 241 HOH A O   1 
HETATM 1136 O O   . HOH B 2 .   ? -8.962  2.983   -15.878 1.00 46.68 ? 242 HOH A O   1 
HETATM 1137 O O   . HOH B 2 .   ? 1.961   17.160  -0.794  1.00 47.01 ? 243 HOH A O   1 
HETATM 1138 O O   . HOH B 2 .   ? -6.205  -0.903  -20.278 1.00 34.43 ? 244 HOH A O   1 
HETATM 1139 O O   . HOH B 2 .   ? -24.053 -1.794  3.476   1.00 61.64 ? 245 HOH A O   1 
HETATM 1140 O O   . HOH B 2 .   ? 0.520   9.162   -8.425  1.00 42.31 ? 246 HOH A O   1 
HETATM 1141 O O   . HOH B 2 .   ? 15.410  -8.504  -11.805 1.00 47.98 ? 247 HOH A O   1 
HETATM 1142 O O   . HOH B 2 .   ? 2.306   -14.896 9.457   1.00 36.78 ? 248 HOH A O   1 
HETATM 1143 O O   . HOH B 2 .   ? -5.801  -11.551 0.694   1.00 59.11 ? 249 HOH A O   1 
HETATM 1144 O O   . HOH B 2 .   ? 3.370   -4.598  18.390  1.00 45.90 ? 250 HOH A O   1 
HETATM 1145 O O   . HOH B 2 .   ? -17.068 5.782   -9.781  1.00 70.66 ? 251 HOH A O   1 
HETATM 1146 O O   . HOH B 2 .   ? -8.456  0.832   -17.681 1.00 44.64 ? 252 HOH A O   1 
HETATM 1147 O O   . HOH B 2 .   ? 13.058  -6.539  3.933   1.00 48.46 ? 253 HOH A O   1 
HETATM 1148 O O   . HOH B 2 .   ? 18.525  1.424   4.378   1.00 78.10 ? 254 HOH A O   1 
HETATM 1149 O O   . HOH B 2 .   ? 0.806   -22.196 -0.157  1.00 36.08 ? 255 HOH A O   1 
HETATM 1150 O O   . HOH B 2 .   ? -17.382 3.014   -14.471 1.00 34.33 ? 256 HOH A O   1 
HETATM 1151 O O   . HOH B 2 .   ? -13.278 2.006   -8.348  1.00 38.32 ? 257 HOH A O   1 
HETATM 1152 O O   . HOH B 2 .   ? 5.311   -8.298  13.110  1.00 63.63 ? 258 HOH A O   1 
HETATM 1153 O O   . HOH B 2 .   ? -6.723  -8.753  -0.627  1.00 37.80 ? 259 HOH A O   1 
HETATM 1154 O O   . HOH B 2 .   ? 14.729  -1.956  -12.362 1.00 82.42 ? 260 HOH A O   1 
HETATM 1155 O O   . HOH B 2 .   ? -1.253  2.740   -12.311 1.00 36.52 ? 261 HOH A O   1 
HETATM 1156 O O   . HOH B 2 .   ? -4.123  5.338   -13.481 1.00 43.62 ? 262 HOH A O   1 
HETATM 1157 O O   . HOH B 2 .   ? 0.219   -8.150  -5.240  1.00 72.09 ? 263 HOH A O   1 
HETATM 1158 O O   . HOH B 2 .   ? 9.316   14.146  1.239   1.00 39.07 ? 264 HOH A O   1 
HETATM 1159 O O   . HOH B 2 .   ? 0.979   -3.851  -10.755 1.00 50.75 ? 265 HOH A O   1 
HETATM 1160 O O   . HOH B 2 .   ? -29.900 -1.012  -5.115  1.00 44.93 ? 266 HOH A O   1 
HETATM 1161 O O   . HOH B 2 .   ? -5.033  -2.801  11.314  1.00 44.58 ? 267 HOH A O   1 
HETATM 1162 O O   . HOH B 2 .   ? -11.724 -3.641  -5.086  1.00 39.58 ? 268 HOH A O   1 
HETATM 1163 O O   . HOH B 2 .   ? -11.128 -9.974  1.810   1.00 60.26 ? 269 HOH A O   1 
HETATM 1164 O O   . HOH B 2 .   ? -1.478  20.491  -3.882  1.00 56.16 ? 270 HOH A O   1 
HETATM 1165 O O   . HOH B 2 .   ? -9.606  -1.576  14.158  1.00 62.68 ? 271 HOH A O   1 
HETATM 1166 O O   . HOH B 2 .   ? 18.635  -13.084 -7.871  1.00 35.17 ? 272 HOH A O   1 
HETATM 1167 O O   . HOH B 2 .   ? 9.298   1.919   14.388  1.00 47.40 ? 273 HOH A O   1 
HETATM 1168 O O   . HOH B 2 .   ? -2.239  3.961   14.538  1.00 56.76 ? 274 HOH A O   1 
HETATM 1169 O O   . HOH B 2 .   ? -19.081 3.695   4.830   1.00 65.89 ? 275 HOH A O   1 
HETATM 1170 O O   . HOH B 2 .   ? -3.447  3.288   12.305  1.00 43.40 ? 276 HOH A O   1 
HETATM 1171 O O   . HOH B 2 .   ? 3.910   13.535  -7.192  1.00 77.94 ? 277 HOH A O   1 
HETATM 1172 O O   . HOH B 2 .   ? 6.015   7.280   16.250  1.00 60.04 ? 278 HOH A O   1 
HETATM 1173 O O   . HOH B 2 .   ? -12.570 10.843  5.915   1.00 35.87 ? 279 HOH A O   1 
HETATM 1174 O O   . HOH B 2 .   ? -1.572  -9.817  -6.084  1.00 47.84 ? 280 HOH A O   1 
HETATM 1175 O O   . HOH B 2 .   ? 15.137  -3.380  10.634  1.00 84.55 ? 281 HOH A O   1 
HETATM 1176 O O   . HOH B 2 .   ? 12.285  -17.156 -7.872  1.00 67.00 ? 282 HOH A O   1 
HETATM 1177 O O   . HOH B 2 .   ? -15.043 3.916   -8.291  1.00 50.82 ? 283 HOH A O   1 
HETATM 1178 O O   . HOH B 2 .   ? 17.941  1.328   8.624   1.00 74.26 ? 284 HOH A O   1 
HETATM 1179 O O   . HOH B 2 .   ? -19.861 3.709   -10.981 1.00 62.32 ? 285 HOH A O   1 
HETATM 1180 O O   . HOH B 2 .   ? -13.523 7.214   10.239  1.00 77.56 ? 286 HOH A O   1 
HETATM 1181 O O   . HOH B 2 .   ? 11.956  -0.603  12.793  1.00 63.25 ? 287 HOH A O   1 
HETATM 1182 O O   . HOH B 2 .   ? -4.222  6.272   14.782  1.00 59.86 ? 288 HOH A O   1 
HETATM 1183 O O   . HOH B 2 .   ? 15.550  -10.070 2.723   1.00 58.91 ? 289 HOH A O   1 
HETATM 1184 O O   . HOH B 2 .   ? 11.692  1.821   -10.875 1.00 73.24 ? 290 HOH A O   1 
HETATM 1185 O O   . HOH B 2 .   ? -12.923 3.331   5.987   1.00 62.21 ? 291 HOH A O   1 
HETATM 1186 O O   . HOH B 2 .   ? -2.641  -19.460 -0.723  1.00 63.50 ? 292 HOH A O   1 
HETATM 1187 O O   . HOH B 2 .   ? -12.799 14.466  -8.220  1.00 70.07 ? 293 HOH A O   1 
HETATM 1188 O O   . HOH B 2 .   ? -11.443 -8.279  -3.922  1.00 71.73 ? 294 HOH A O   1 
HETATM 1189 O O   . HOH B 2 .   ? -2.168  -14.750 5.144   1.00 66.11 ? 295 HOH A O   1 
HETATM 1190 O O   . HOH B 2 .   ? -1.309  11.187  -7.791  1.00 48.35 ? 296 HOH A O   1 
HETATM 1191 O O   . HOH B 2 .   ? -16.427 10.219  0.043   1.00 57.56 ? 297 HOH A O   1 
HETATM 1192 O O   . HOH B 2 .   ? -12.670 -7.935  2.574   1.00 71.53 ? 298 HOH A O   1 
HETATM 1193 O O   . HOH B 2 .   ? 7.970   -3.697  10.713  1.00 52.68 ? 299 HOH A O   1 
HETATM 1194 O O   . HOH B 2 .   ? 4.158   4.832   16.439  1.00 60.30 ? 300 HOH A O   1 
HETATM 1195 O O   . HOH B 2 .   ? 12.750  -16.929 -5.176  1.00 62.32 ? 301 HOH A O   1 
HETATM 1196 O O   . HOH B 2 .   ? 15.658  -12.625 -11.455 1.00 58.78 ? 302 HOH A O   1 
HETATM 1197 O O   . HOH B 2 .   ? 11.871  -19.763 -0.850  1.00 75.37 ? 303 HOH A O   1 
HETATM 1198 O O   . HOH B 2 .   ? -12.109 -1.941  6.818   1.00 34.81 ? 304 HOH A O   1 
HETATM 1199 O O   . HOH B 2 .   ? -8.658  10.898  -10.651 1.00 70.63 ? 305 HOH A O   1 
HETATM 1200 O O   . HOH B 2 .   ? -17.003 -2.300  -9.528  1.00 61.77 ? 306 HOH A O   1 
HETATM 1201 O O   . HOH B 2 .   ? -27.952 4.097   -4.885  1.00 80.71 ? 307 HOH A O   1 
HETATM 1202 O O   . HOH B 2 .   ? -22.448 7.673   -0.706  1.00 66.12 ? 308 HOH A O   1 
HETATM 1203 O O   . HOH B 2 .   ? 10.235  -11.175 4.522   1.00 63.89 ? 309 HOH A O   1 
HETATM 1204 O O   . HOH B 2 .   ? -9.315  3.619   12.020  1.00 68.44 ? 310 HOH A O   1 
HETATM 1205 O O   . HOH B 2 .   ? 14.159  -14.949 0.123   1.00 60.24 ? 311 HOH A O   1 
HETATM 1206 O O   . HOH B 2 .   ? 7.386   -0.890  16.902  1.00 66.06 ? 312 HOH A O   1 
HETATM 1207 O O   . HOH B 2 .   ? -9.249  8.080   11.805  1.00 31.21 ? 313 HOH A O   1 
HETATM 1208 O O   . HOH B 2 .   ? 10.095  9.495   -5.843  1.00 37.28 ? 314 HOH A O   1 
HETATM 1209 O O   . HOH B 2 .   ? -8.394  -10.446 -5.107  1.00 71.14 ? 315 HOH A O   1 
HETATM 1210 O O   . HOH B 2 .   ? 9.443   -19.340 -2.300  1.00 56.49 ? 316 HOH A O   1 
# 
